data_5S93
# 
_entry.id   5S93 
# 
_audit_conform.dict_name       mmcif_pdbx.dic 
_audit_conform.dict_version    5.387 
_audit_conform.dict_location   http://mmcif.pdb.org/dictionaries/ascii/mmcif_pdbx.dic 
# 
loop_
_database_2.database_id 
_database_2.database_code 
_database_2.pdbx_database_accession 
_database_2.pdbx_DOI 
PDB   5S93         pdb_00005s93 10.2210/pdb5s93/pdb 
WWPDB D_1001404212 ?            ?                   
# 
loop_
_pdbx_audit_revision_history.ordinal 
_pdbx_audit_revision_history.data_content_type 
_pdbx_audit_revision_history.major_revision 
_pdbx_audit_revision_history.minor_revision 
_pdbx_audit_revision_history.revision_date 
1 'Structure model' 1 0 2021-02-17 
2 'Structure model' 1 1 2024-03-06 
# 
_pdbx_audit_revision_details.ordinal             1 
_pdbx_audit_revision_details.revision_ordinal    1 
_pdbx_audit_revision_details.data_content_type   'Structure model' 
_pdbx_audit_revision_details.provider            repository 
_pdbx_audit_revision_details.type                'Initial release' 
_pdbx_audit_revision_details.description         ? 
_pdbx_audit_revision_details.details             ? 
# 
loop_
_pdbx_audit_revision_group.ordinal 
_pdbx_audit_revision_group.revision_ordinal 
_pdbx_audit_revision_group.data_content_type 
_pdbx_audit_revision_group.group 
1 2 'Structure model' 'Data collection'     
2 2 'Structure model' 'Database references' 
# 
loop_
_pdbx_audit_revision_category.ordinal 
_pdbx_audit_revision_category.revision_ordinal 
_pdbx_audit_revision_category.data_content_type 
_pdbx_audit_revision_category.category 
1 2 'Structure model' chem_comp_atom 
2 2 'Structure model' chem_comp_bond 
3 2 'Structure model' database_2     
# 
loop_
_pdbx_audit_revision_item.ordinal 
_pdbx_audit_revision_item.revision_ordinal 
_pdbx_audit_revision_item.data_content_type 
_pdbx_audit_revision_item.item 
1 2 'Structure model' '_database_2.pdbx_DOI'                
2 2 'Structure model' '_database_2.pdbx_database_accession' 
# 
_pdbx_database_status.entry_id                        5S93 
_pdbx_database_status.status_code                     REL 
_pdbx_database_status.status_code_sf                  REL 
_pdbx_database_status.status_code_mr                  ? 
_pdbx_database_status.status_code_cs                  ? 
_pdbx_database_status.recvd_initial_deposition_date   2021-01-22 
_pdbx_database_status.status_code_nmr_data            ? 
_pdbx_database_status.deposit_site                    RCSB 
_pdbx_database_status.process_site                    RCSB 
_pdbx_database_status.SG_entry                        ? 
_pdbx_database_status.pdb_format_compatible           Y 
_pdbx_database_status.methods_development_category    ? 
# 
loop_
_audit_author.name 
_audit_author.pdbx_ordinal 
_audit_author.identifier_ORCID 
'Grosjean, H.'     1  ? 
'Aimon, A.'        2  ? 
'Hassel-Hart , S.' 3  ? 
'Krojer, T.'       4  ? 
'Talon, R.'        5  ? 
'Douangamath, A.'  6  ? 
'Koekemoer, L.'    7  ? 
'Biggin, P.C.'     8  ? 
'Spencer, J.'      9  ? 
'von Delft, F.'    10 ? 
# 
_citation.id                        primary 
_citation.title                     
;Crystal Structures of the second bromodomain of Pleckstrin homology domain interacting protein (PHIP) in space group C2 soaked with crude reaction mixtures
;
_citation.journal_abbrev            'To Be Published' 
_citation.journal_volume            ? 
_citation.page_first                ? 
_citation.page_last                 ? 
_citation.year                      ? 
_citation.journal_id_ASTM           ? 
_citation.country                   ? 
_citation.journal_id_ISSN           ? 
_citation.journal_id_CSD            0353 
_citation.book_publisher            ? 
_citation.pdbx_database_id_PubMed   ? 
_citation.pdbx_database_id_DOI      ? 
# 
loop_
_citation_author.citation_id 
_citation_author.name 
_citation_author.identifier_ORCID 
_citation_author.ordinal 
primary 'Grosjean, H.'    ? 1  
primary 'Aimon, A.'       ? 2  
primary 'Hart , S.'       ? 3  
primary 'Krojer, T.'      ? 4  
primary 'Talon, R.'       ? 5  
primary 'Douangamath, A.' ? 6  
primary 'Koekemoer, L.'   ? 7  
primary 'Biggin, P.C.'    ? 8  
primary 'Spencer, J.'     ? 9  
primary 'von Delft, F.'   ? 10 
# 
loop_
_entity.id 
_entity.type 
_entity.src_method 
_entity.pdbx_description 
_entity.formula_weight 
_entity.pdbx_number_of_molecules 
_entity.pdbx_ec 
_entity.pdbx_mutation 
_entity.pdbx_fragment 
_entity.details 
1 polymer     man 'PH-interacting protein'                                                  17627.859 1   ? ? ? ? 
2 non-polymer syn '4-(5-chlorofuran-2-carbonyl)-N-(2-methoxyethyl)piperazine-1-carboxamide' 315.753   1   ? ? ? ? 
3 water       nat water                                                                     18.015    190 ? ? ? ? 
# 
_entity_name_com.entity_id   1 
_entity_name_com.name        
'PHIP,DDB1- and CUL4-associated factor 14,IRS-1 PH domain-binding protein,WD repeat-containing protein 11' 
# 
_entity_poly.entity_id                      1 
_entity_poly.type                           'polypeptide(L)' 
_entity_poly.nstd_linkage                   no 
_entity_poly.nstd_monomer                   no 
_entity_poly.pdbx_seq_one_letter_code       
;MHHHHHHSSGVDLGTENLYFQSMSYDIQAWKKQCEELLNLIFQCEDSEPFRQPVDLLEYPDYRDIIDTPMDFATVRETLE
AGNYESPMELCKDVRLIFSNSKAYTPSKRSRIYSMSLRLSAFFEEHISSVLSDYKSALRFHKRNTITKR
;
_entity_poly.pdbx_seq_one_letter_code_can   
;MHHHHHHSSGVDLGTENLYFQSMSYDIQAWKKQCEELLNLIFQCEDSEPFRQPVDLLEYPDYRDIIDTPMDFATVRETLE
AGNYESPMELCKDVRLIFSNSKAYTPSKRSRIYSMSLRLSAFFEEHISSVLSDYKSALRFHKRNTITKR
;
_entity_poly.pdbx_strand_id                 A 
_entity_poly.pdbx_target_identifier         ? 
# 
loop_
_pdbx_entity_nonpoly.entity_id 
_pdbx_entity_nonpoly.name 
_pdbx_entity_nonpoly.comp_id 
2 '4-(5-chlorofuran-2-carbonyl)-N-(2-methoxyethyl)piperazine-1-carboxamide' Y2J 
3 water                                                                     HOH 
# 
loop_
_entity_poly_seq.entity_id 
_entity_poly_seq.num 
_entity_poly_seq.mon_id 
_entity_poly_seq.hetero 
1 1   MET n 
1 2   HIS n 
1 3   HIS n 
1 4   HIS n 
1 5   HIS n 
1 6   HIS n 
1 7   HIS n 
1 8   SER n 
1 9   SER n 
1 10  GLY n 
1 11  VAL n 
1 12  ASP n 
1 13  LEU n 
1 14  GLY n 
1 15  THR n 
1 16  GLU n 
1 17  ASN n 
1 18  LEU n 
1 19  TYR n 
1 20  PHE n 
1 21  GLN n 
1 22  SER n 
1 23  MET n 
1 24  SER n 
1 25  TYR n 
1 26  ASP n 
1 27  ILE n 
1 28  GLN n 
1 29  ALA n 
1 30  TRP n 
1 31  LYS n 
1 32  LYS n 
1 33  GLN n 
1 34  CYS n 
1 35  GLU n 
1 36  GLU n 
1 37  LEU n 
1 38  LEU n 
1 39  ASN n 
1 40  LEU n 
1 41  ILE n 
1 42  PHE n 
1 43  GLN n 
1 44  CYS n 
1 45  GLU n 
1 46  ASP n 
1 47  SER n 
1 48  GLU n 
1 49  PRO n 
1 50  PHE n 
1 51  ARG n 
1 52  GLN n 
1 53  PRO n 
1 54  VAL n 
1 55  ASP n 
1 56  LEU n 
1 57  LEU n 
1 58  GLU n 
1 59  TYR n 
1 60  PRO n 
1 61  ASP n 
1 62  TYR n 
1 63  ARG n 
1 64  ASP n 
1 65  ILE n 
1 66  ILE n 
1 67  ASP n 
1 68  THR n 
1 69  PRO n 
1 70  MET n 
1 71  ASP n 
1 72  PHE n 
1 73  ALA n 
1 74  THR n 
1 75  VAL n 
1 76  ARG n 
1 77  GLU n 
1 78  THR n 
1 79  LEU n 
1 80  GLU n 
1 81  ALA n 
1 82  GLY n 
1 83  ASN n 
1 84  TYR n 
1 85  GLU n 
1 86  SER n 
1 87  PRO n 
1 88  MET n 
1 89  GLU n 
1 90  LEU n 
1 91  CYS n 
1 92  LYS n 
1 93  ASP n 
1 94  VAL n 
1 95  ARG n 
1 96  LEU n 
1 97  ILE n 
1 98  PHE n 
1 99  SER n 
1 100 ASN n 
1 101 SER n 
1 102 LYS n 
1 103 ALA n 
1 104 TYR n 
1 105 THR n 
1 106 PRO n 
1 107 SER n 
1 108 LYS n 
1 109 ARG n 
1 110 SER n 
1 111 ARG n 
1 112 ILE n 
1 113 TYR n 
1 114 SER n 
1 115 MET n 
1 116 SER n 
1 117 LEU n 
1 118 ARG n 
1 119 LEU n 
1 120 SER n 
1 121 ALA n 
1 122 PHE n 
1 123 PHE n 
1 124 GLU n 
1 125 GLU n 
1 126 HIS n 
1 127 ILE n 
1 128 SER n 
1 129 SER n 
1 130 VAL n 
1 131 LEU n 
1 132 SER n 
1 133 ASP n 
1 134 TYR n 
1 135 LYS n 
1 136 SER n 
1 137 ALA n 
1 138 LEU n 
1 139 ARG n 
1 140 PHE n 
1 141 HIS n 
1 142 LYS n 
1 143 ARG n 
1 144 ASN n 
1 145 THR n 
1 146 ILE n 
1 147 THR n 
1 148 LYS n 
1 149 ARG n 
# 
_entity_src_gen.entity_id                          1 
_entity_src_gen.pdbx_src_id                        1 
_entity_src_gen.pdbx_alt_source_flag               sample 
_entity_src_gen.pdbx_seq_type                      'Biological sequence' 
_entity_src_gen.pdbx_beg_seq_num                   1 
_entity_src_gen.pdbx_end_seq_num                   149 
_entity_src_gen.gene_src_common_name               Human 
_entity_src_gen.gene_src_genus                     ? 
_entity_src_gen.pdbx_gene_src_gene                 'PHIP, DCAF14, WDR11' 
_entity_src_gen.gene_src_species                   ? 
_entity_src_gen.gene_src_strain                    ? 
_entity_src_gen.gene_src_tissue                    ? 
_entity_src_gen.gene_src_tissue_fraction           ? 
_entity_src_gen.gene_src_details                   ? 
_entity_src_gen.pdbx_gene_src_fragment             ? 
_entity_src_gen.pdbx_gene_src_scientific_name      'Homo sapiens' 
_entity_src_gen.pdbx_gene_src_ncbi_taxonomy_id     9606 
_entity_src_gen.pdbx_gene_src_variant              ? 
_entity_src_gen.pdbx_gene_src_cell_line            ? 
_entity_src_gen.pdbx_gene_src_atcc                 ? 
_entity_src_gen.pdbx_gene_src_organ                ? 
_entity_src_gen.pdbx_gene_src_organelle            ? 
_entity_src_gen.pdbx_gene_src_cell                 ? 
_entity_src_gen.pdbx_gene_src_cellular_location    ? 
_entity_src_gen.host_org_common_name               ? 
_entity_src_gen.pdbx_host_org_scientific_name      'Escherichia coli' 
_entity_src_gen.pdbx_host_org_ncbi_taxonomy_id     562 
_entity_src_gen.host_org_genus                     ? 
_entity_src_gen.pdbx_host_org_gene                 ? 
_entity_src_gen.pdbx_host_org_organ                ? 
_entity_src_gen.host_org_species                   ? 
_entity_src_gen.pdbx_host_org_tissue               ? 
_entity_src_gen.pdbx_host_org_tissue_fraction      ? 
_entity_src_gen.pdbx_host_org_strain               ? 
_entity_src_gen.pdbx_host_org_variant              ? 
_entity_src_gen.pdbx_host_org_cell_line            ? 
_entity_src_gen.pdbx_host_org_atcc                 ? 
_entity_src_gen.pdbx_host_org_culture_collection   ? 
_entity_src_gen.pdbx_host_org_cell                 ? 
_entity_src_gen.pdbx_host_org_organelle            ? 
_entity_src_gen.pdbx_host_org_cellular_location    ? 
_entity_src_gen.pdbx_host_org_vector_type          ? 
_entity_src_gen.pdbx_host_org_vector               ? 
_entity_src_gen.host_org_details                   ? 
_entity_src_gen.expression_system_id               ? 
_entity_src_gen.plasmid_name                       ? 
_entity_src_gen.plasmid_details                    ? 
_entity_src_gen.pdbx_description                   ? 
# 
loop_
_chem_comp.id 
_chem_comp.type 
_chem_comp.mon_nstd_flag 
_chem_comp.name 
_chem_comp.pdbx_synonyms 
_chem_comp.formula 
_chem_comp.formula_weight 
ALA 'L-peptide linking' y ALANINE                                                                   ? 'C3 H7 N O2'       89.093  
ARG 'L-peptide linking' y ARGININE                                                                  ? 'C6 H15 N4 O2 1'   175.209 
ASN 'L-peptide linking' y ASPARAGINE                                                                ? 'C4 H8 N2 O3'      132.118 
ASP 'L-peptide linking' y 'ASPARTIC ACID'                                                           ? 'C4 H7 N O4'       133.103 
CYS 'L-peptide linking' y CYSTEINE                                                                  ? 'C3 H7 N O2 S'     121.158 
GLN 'L-peptide linking' y GLUTAMINE                                                                 ? 'C5 H10 N2 O3'     146.144 
GLU 'L-peptide linking' y 'GLUTAMIC ACID'                                                           ? 'C5 H9 N O4'       147.129 
GLY 'peptide linking'   y GLYCINE                                                                   ? 'C2 H5 N O2'       75.067  
HIS 'L-peptide linking' y HISTIDINE                                                                 ? 'C6 H10 N3 O2 1'   156.162 
HOH non-polymer         . WATER                                                                     ? 'H2 O'             18.015  
ILE 'L-peptide linking' y ISOLEUCINE                                                                ? 'C6 H13 N O2'      131.173 
LEU 'L-peptide linking' y LEUCINE                                                                   ? 'C6 H13 N O2'      131.173 
LYS 'L-peptide linking' y LYSINE                                                                    ? 'C6 H15 N2 O2 1'   147.195 
MET 'L-peptide linking' y METHIONINE                                                                ? 'C5 H11 N O2 S'    149.211 
PHE 'L-peptide linking' y PHENYLALANINE                                                             ? 'C9 H11 N O2'      165.189 
PRO 'L-peptide linking' y PROLINE                                                                   ? 'C5 H9 N O2'       115.130 
SER 'L-peptide linking' y SERINE                                                                    ? 'C3 H7 N O3'       105.093 
THR 'L-peptide linking' y THREONINE                                                                 ? 'C4 H9 N O3'       119.119 
TRP 'L-peptide linking' y TRYPTOPHAN                                                                ? 'C11 H12 N2 O2'    204.225 
TYR 'L-peptide linking' y TYROSINE                                                                  ? 'C9 H11 N O3'      181.189 
VAL 'L-peptide linking' y VALINE                                                                    ? 'C5 H11 N O2'      117.146 
Y2J non-polymer         . '4-(5-chlorofuran-2-carbonyl)-N-(2-methoxyethyl)piperazine-1-carboxamide' ? 'C13 H18 Cl N3 O4' 315.753 
# 
loop_
_pdbx_poly_seq_scheme.asym_id 
_pdbx_poly_seq_scheme.entity_id 
_pdbx_poly_seq_scheme.seq_id 
_pdbx_poly_seq_scheme.mon_id 
_pdbx_poly_seq_scheme.ndb_seq_num 
_pdbx_poly_seq_scheme.pdb_seq_num 
_pdbx_poly_seq_scheme.auth_seq_num 
_pdbx_poly_seq_scheme.pdb_mon_id 
_pdbx_poly_seq_scheme.auth_mon_id 
_pdbx_poly_seq_scheme.pdb_strand_id 
_pdbx_poly_seq_scheme.pdb_ins_code 
_pdbx_poly_seq_scheme.hetero 
A 1 1   MET 1   1292 ?    ?   ?   A . n 
A 1 2   HIS 2   1293 ?    ?   ?   A . n 
A 1 3   HIS 3   1294 ?    ?   ?   A . n 
A 1 4   HIS 4   1295 ?    ?   ?   A . n 
A 1 5   HIS 5   1296 ?    ?   ?   A . n 
A 1 6   HIS 6   1297 ?    ?   ?   A . n 
A 1 7   HIS 7   1298 ?    ?   ?   A . n 
A 1 8   SER 8   1299 ?    ?   ?   A . n 
A 1 9   SER 9   1300 ?    ?   ?   A . n 
A 1 10  GLY 10  1301 ?    ?   ?   A . n 
A 1 11  VAL 11  1302 ?    ?   ?   A . n 
A 1 12  ASP 12  1303 ?    ?   ?   A . n 
A 1 13  LEU 13  1304 ?    ?   ?   A . n 
A 1 14  GLY 14  1305 ?    ?   ?   A . n 
A 1 15  THR 15  1306 ?    ?   ?   A . n 
A 1 16  GLU 16  1307 ?    ?   ?   A . n 
A 1 17  ASN 17  1308 ?    ?   ?   A . n 
A 1 18  LEU 18  1309 ?    ?   ?   A . n 
A 1 19  TYR 19  1310 ?    ?   ?   A . n 
A 1 20  PHE 20  1311 ?    ?   ?   A . n 
A 1 21  GLN 21  1312 ?    ?   ?   A . n 
A 1 22  SER 22  1313 ?    ?   ?   A . n 
A 1 23  MET 23  1314 ?    ?   ?   A . n 
A 1 24  SER 24  1315 ?    ?   ?   A . n 
A 1 25  TYR 25  1316 1316 TYR TYR A . n 
A 1 26  ASP 26  1317 1317 ASP ASP A . n 
A 1 27  ILE 27  1318 1318 ILE ILE A . n 
A 1 28  GLN 28  1319 1319 GLN GLN A . n 
A 1 29  ALA 29  1320 1320 ALA ALA A . n 
A 1 30  TRP 30  1321 1321 TRP TRP A . n 
A 1 31  LYS 31  1322 1322 LYS LYS A . n 
A 1 32  LYS 32  1323 1323 LYS LYS A . n 
A 1 33  GLN 33  1324 1324 GLN GLN A . n 
A 1 34  CYS 34  1325 1325 CYS CYS A . n 
A 1 35  GLU 35  1326 1326 GLU GLU A . n 
A 1 36  GLU 36  1327 1327 GLU GLU A . n 
A 1 37  LEU 37  1328 1328 LEU LEU A . n 
A 1 38  LEU 38  1329 1329 LEU LEU A . n 
A 1 39  ASN 39  1330 1330 ASN ASN A . n 
A 1 40  LEU 40  1331 1331 LEU LEU A . n 
A 1 41  ILE 41  1332 1332 ILE ILE A . n 
A 1 42  PHE 42  1333 1333 PHE PHE A . n 
A 1 43  GLN 43  1334 1334 GLN GLN A . n 
A 1 44  CYS 44  1335 1335 CYS CYS A . n 
A 1 45  GLU 45  1336 1336 GLU GLU A . n 
A 1 46  ASP 46  1337 1337 ASP ASP A . n 
A 1 47  SER 47  1338 1338 SER SER A . n 
A 1 48  GLU 48  1339 1339 GLU GLU A . n 
A 1 49  PRO 49  1340 1340 PRO PRO A . n 
A 1 50  PHE 50  1341 1341 PHE PHE A . n 
A 1 51  ARG 51  1342 1342 ARG ARG A . n 
A 1 52  GLN 52  1343 1343 GLN GLN A . n 
A 1 53  PRO 53  1344 1344 PRO PRO A . n 
A 1 54  VAL 54  1345 1345 VAL VAL A . n 
A 1 55  ASP 55  1346 1346 ASP ASP A . n 
A 1 56  LEU 56  1347 1347 LEU LEU A . n 
A 1 57  LEU 57  1348 1348 LEU LEU A . n 
A 1 58  GLU 58  1349 1349 GLU GLU A . n 
A 1 59  TYR 59  1350 1350 TYR TYR A . n 
A 1 60  PRO 60  1351 1351 PRO PRO A . n 
A 1 61  ASP 61  1352 1352 ASP ASP A . n 
A 1 62  TYR 62  1353 1353 TYR TYR A . n 
A 1 63  ARG 63  1354 1354 ARG ARG A . n 
A 1 64  ASP 64  1355 1355 ASP ASP A . n 
A 1 65  ILE 65  1356 1356 ILE ILE A . n 
A 1 66  ILE 66  1357 1357 ILE ILE A . n 
A 1 67  ASP 67  1358 1358 ASP ASP A . n 
A 1 68  THR 68  1359 1359 THR THR A . n 
A 1 69  PRO 69  1360 1360 PRO PRO A . n 
A 1 70  MET 70  1361 1361 MET MET A . n 
A 1 71  ASP 71  1362 1362 ASP ASP A . n 
A 1 72  PHE 72  1363 1363 PHE PHE A . n 
A 1 73  ALA 73  1364 1364 ALA ALA A . n 
A 1 74  THR 74  1365 1365 THR THR A . n 
A 1 75  VAL 75  1366 1366 VAL VAL A . n 
A 1 76  ARG 76  1367 1367 ARG ARG A . n 
A 1 77  GLU 77  1368 1368 GLU GLU A . n 
A 1 78  THR 78  1369 1369 THR THR A . n 
A 1 79  LEU 79  1370 1370 LEU LEU A . n 
A 1 80  GLU 80  1371 1371 GLU GLU A . n 
A 1 81  ALA 81  1372 1372 ALA ALA A . n 
A 1 82  GLY 82  1373 1373 GLY GLY A . n 
A 1 83  ASN 83  1374 1374 ASN ASN A . n 
A 1 84  TYR 84  1375 1375 TYR TYR A . n 
A 1 85  GLU 85  1376 1376 GLU GLU A . n 
A 1 86  SER 86  1377 1377 SER SER A . n 
A 1 87  PRO 87  1378 1378 PRO PRO A . n 
A 1 88  MET 88  1379 1379 MET MET A . n 
A 1 89  GLU 89  1380 1380 GLU GLU A . n 
A 1 90  LEU 90  1381 1381 LEU LEU A . n 
A 1 91  CYS 91  1382 1382 CYS CYS A . n 
A 1 92  LYS 92  1383 1383 LYS LYS A . n 
A 1 93  ASP 93  1384 1384 ASP ASP A . n 
A 1 94  VAL 94  1385 1385 VAL VAL A . n 
A 1 95  ARG 95  1386 1386 ARG ARG A . n 
A 1 96  LEU 96  1387 1387 LEU LEU A . n 
A 1 97  ILE 97  1388 1388 ILE ILE A . n 
A 1 98  PHE 98  1389 1389 PHE PHE A . n 
A 1 99  SER 99  1390 1390 SER SER A . n 
A 1 100 ASN 100 1391 1391 ASN ASN A . n 
A 1 101 SER 101 1392 1392 SER SER A . n 
A 1 102 LYS 102 1393 1393 LYS LYS A . n 
A 1 103 ALA 103 1394 1394 ALA ALA A . n 
A 1 104 TYR 104 1395 1395 TYR TYR A . n 
A 1 105 THR 105 1396 1396 THR THR A . n 
A 1 106 PRO 106 1397 1397 PRO PRO A . n 
A 1 107 SER 107 1398 1398 SER SER A . n 
A 1 108 LYS 108 1399 1399 LYS LYS A . n 
A 1 109 ARG 109 1400 1400 ARG ARG A . n 
A 1 110 SER 110 1401 1401 SER SER A . n 
A 1 111 ARG 111 1402 1402 ARG ARG A . n 
A 1 112 ILE 112 1403 1403 ILE ILE A . n 
A 1 113 TYR 113 1404 1404 TYR TYR A . n 
A 1 114 SER 114 1405 1405 SER SER A . n 
A 1 115 MET 115 1406 1406 MET MET A . n 
A 1 116 SER 116 1407 1407 SER SER A . n 
A 1 117 LEU 117 1408 1408 LEU LEU A . n 
A 1 118 ARG 118 1409 1409 ARG ARG A . n 
A 1 119 LEU 119 1410 1410 LEU LEU A . n 
A 1 120 SER 120 1411 1411 SER SER A . n 
A 1 121 ALA 121 1412 1412 ALA ALA A . n 
A 1 122 PHE 122 1413 1413 PHE PHE A . n 
A 1 123 PHE 123 1414 1414 PHE PHE A . n 
A 1 124 GLU 124 1415 1415 GLU GLU A . n 
A 1 125 GLU 125 1416 1416 GLU GLU A . n 
A 1 126 HIS 126 1417 1417 HIS HIS A . n 
A 1 127 ILE 127 1418 1418 ILE ILE A . n 
A 1 128 SER 128 1419 1419 SER SER A . n 
A 1 129 SER 129 1420 1420 SER SER A . n 
A 1 130 VAL 130 1421 1421 VAL VAL A . n 
A 1 131 LEU 131 1422 1422 LEU LEU A . n 
A 1 132 SER 132 1423 1423 SER SER A . n 
A 1 133 ASP 133 1424 1424 ASP ASP A . n 
A 1 134 TYR 134 1425 1425 TYR TYR A . n 
A 1 135 LYS 135 1426 1426 LYS LYS A . n 
A 1 136 SER 136 1427 1427 SER SER A . n 
A 1 137 ALA 137 1428 1428 ALA ALA A . n 
A 1 138 LEU 138 1429 1429 LEU LEU A . n 
A 1 139 ARG 139 1430 1430 ARG ARG A . n 
A 1 140 PHE 140 1431 1431 PHE PHE A . n 
A 1 141 HIS 141 1432 1432 HIS HIS A . n 
A 1 142 LYS 142 1433 1433 LYS LYS A . n 
A 1 143 ARG 143 1434 1434 ARG ARG A . n 
A 1 144 ASN 144 1435 ?    ?   ?   A . n 
A 1 145 THR 145 1436 ?    ?   ?   A . n 
A 1 146 ILE 146 1437 ?    ?   ?   A . n 
A 1 147 THR 147 1438 ?    ?   ?   A . n 
A 1 148 LYS 148 1439 ?    ?   ?   A . n 
A 1 149 ARG 149 1440 ?    ?   ?   A . n 
# 
loop_
_pdbx_nonpoly_scheme.asym_id 
_pdbx_nonpoly_scheme.entity_id 
_pdbx_nonpoly_scheme.mon_id 
_pdbx_nonpoly_scheme.ndb_seq_num 
_pdbx_nonpoly_scheme.pdb_seq_num 
_pdbx_nonpoly_scheme.auth_seq_num 
_pdbx_nonpoly_scheme.pdb_mon_id 
_pdbx_nonpoly_scheme.auth_mon_id 
_pdbx_nonpoly_scheme.pdb_strand_id 
_pdbx_nonpoly_scheme.pdb_ins_code 
B 2 Y2J 1   1501 1501 Y2J LIG A . 
C 3 HOH 1   1601 195  HOH HOH A . 
C 3 HOH 2   1602 100  HOH HOH A . 
C 3 HOH 3   1603 197  HOH HOH A . 
C 3 HOH 4   1604 154  HOH HOH A . 
C 3 HOH 5   1605 85   HOH HOH A . 
C 3 HOH 6   1606 144  HOH HOH A . 
C 3 HOH 7   1607 89   HOH HOH A . 
C 3 HOH 8   1608 98   HOH HOH A . 
C 3 HOH 9   1609 204  HOH HOH A . 
C 3 HOH 10  1610 124  HOH HOH A . 
C 3 HOH 11  1611 187  HOH HOH A . 
C 3 HOH 12  1612 7    HOH HOH A . 
C 3 HOH 13  1613 162  HOH HOH A . 
C 3 HOH 14  1614 172  HOH HOH A . 
C 3 HOH 15  1615 94   HOH HOH A . 
C 3 HOH 16  1616 17   HOH HOH A . 
C 3 HOH 17  1617 151  HOH HOH A . 
C 3 HOH 18  1618 74   HOH HOH A . 
C 3 HOH 19  1619 60   HOH HOH A . 
C 3 HOH 20  1620 10   HOH HOH A . 
C 3 HOH 21  1621 121  HOH HOH A . 
C 3 HOH 22  1622 183  HOH HOH A . 
C 3 HOH 23  1623 160  HOH HOH A . 
C 3 HOH 24  1624 12   HOH HOH A . 
C 3 HOH 25  1625 31   HOH HOH A . 
C 3 HOH 26  1626 25   HOH HOH A . 
C 3 HOH 27  1627 140  HOH HOH A . 
C 3 HOH 28  1628 70   HOH HOH A . 
C 3 HOH 29  1629 33   HOH HOH A . 
C 3 HOH 30  1630 41   HOH HOH A . 
C 3 HOH 31  1631 9    HOH HOH A . 
C 3 HOH 32  1632 84   HOH HOH A . 
C 3 HOH 33  1633 76   HOH HOH A . 
C 3 HOH 34  1634 16   HOH HOH A . 
C 3 HOH 35  1635 184  HOH HOH A . 
C 3 HOH 36  1636 158  HOH HOH A . 
C 3 HOH 37  1637 139  HOH HOH A . 
C 3 HOH 38  1638 55   HOH HOH A . 
C 3 HOH 39  1639 3    HOH HOH A . 
C 3 HOH 40  1640 20   HOH HOH A . 
C 3 HOH 41  1641 26   HOH HOH A . 
C 3 HOH 42  1642 129  HOH HOH A . 
C 3 HOH 43  1643 50   HOH HOH A . 
C 3 HOH 44  1644 36   HOH HOH A . 
C 3 HOH 45  1645 77   HOH HOH A . 
C 3 HOH 46  1646 52   HOH HOH A . 
C 3 HOH 47  1647 45   HOH HOH A . 
C 3 HOH 48  1648 130  HOH HOH A . 
C 3 HOH 49  1649 4    HOH HOH A . 
C 3 HOH 50  1650 141  HOH HOH A . 
C 3 HOH 51  1651 92   HOH HOH A . 
C 3 HOH 52  1652 21   HOH HOH A . 
C 3 HOH 53  1653 63   HOH HOH A . 
C 3 HOH 54  1654 62   HOH HOH A . 
C 3 HOH 55  1655 173  HOH HOH A . 
C 3 HOH 56  1656 19   HOH HOH A . 
C 3 HOH 57  1657 14   HOH HOH A . 
C 3 HOH 58  1658 39   HOH HOH A . 
C 3 HOH 59  1659 152  HOH HOH A . 
C 3 HOH 60  1660 83   HOH HOH A . 
C 3 HOH 61  1661 5    HOH HOH A . 
C 3 HOH 62  1662 65   HOH HOH A . 
C 3 HOH 63  1663 123  HOH HOH A . 
C 3 HOH 64  1664 1    HOH HOH A . 
C 3 HOH 65  1665 56   HOH HOH A . 
C 3 HOH 66  1666 71   HOH HOH A . 
C 3 HOH 67  1667 108  HOH HOH A . 
C 3 HOH 68  1668 182  HOH HOH A . 
C 3 HOH 69  1669 35   HOH HOH A . 
C 3 HOH 70  1670 176  HOH HOH A . 
C 3 HOH 71  1671 23   HOH HOH A . 
C 3 HOH 72  1672 119  HOH HOH A . 
C 3 HOH 73  1673 80   HOH HOH A . 
C 3 HOH 74  1674 59   HOH HOH A . 
C 3 HOH 75  1675 82   HOH HOH A . 
C 3 HOH 76  1676 11   HOH HOH A . 
C 3 HOH 77  1677 64   HOH HOH A . 
C 3 HOH 78  1678 179  HOH HOH A . 
C 3 HOH 79  1679 131  HOH HOH A . 
C 3 HOH 80  1680 28   HOH HOH A . 
C 3 HOH 81  1681 205  HOH HOH A . 
C 3 HOH 82  1682 101  HOH HOH A . 
C 3 HOH 83  1683 69   HOH HOH A . 
C 3 HOH 84  1684 174  HOH HOH A . 
C 3 HOH 85  1685 191  HOH HOH A . 
C 3 HOH 86  1686 122  HOH HOH A . 
C 3 HOH 87  1687 165  HOH HOH A . 
C 3 HOH 88  1688 91   HOH HOH A . 
C 3 HOH 89  1689 15   HOH HOH A . 
C 3 HOH 90  1690 113  HOH HOH A . 
C 3 HOH 91  1691 105  HOH HOH A . 
C 3 HOH 92  1692 167  HOH HOH A . 
C 3 HOH 93  1693 159  HOH HOH A . 
C 3 HOH 94  1694 27   HOH HOH A . 
C 3 HOH 95  1695 54   HOH HOH A . 
C 3 HOH 96  1696 6    HOH HOH A . 
C 3 HOH 97  1697 81   HOH HOH A . 
C 3 HOH 98  1698 67   HOH HOH A . 
C 3 HOH 99  1699 88   HOH HOH A . 
C 3 HOH 100 1700 138  HOH HOH A . 
C 3 HOH 101 1701 40   HOH HOH A . 
C 3 HOH 102 1702 86   HOH HOH A . 
C 3 HOH 103 1703 48   HOH HOH A . 
C 3 HOH 104 1704 106  HOH HOH A . 
C 3 HOH 105 1705 90   HOH HOH A . 
C 3 HOH 106 1706 29   HOH HOH A . 
C 3 HOH 107 1707 178  HOH HOH A . 
C 3 HOH 108 1708 163  HOH HOH A . 
C 3 HOH 109 1709 116  HOH HOH A . 
C 3 HOH 110 1710 143  HOH HOH A . 
C 3 HOH 111 1711 38   HOH HOH A . 
C 3 HOH 112 1712 95   HOH HOH A . 
C 3 HOH 113 1713 145  HOH HOH A . 
C 3 HOH 114 1714 177  HOH HOH A . 
C 3 HOH 115 1715 127  HOH HOH A . 
C 3 HOH 116 1716 166  HOH HOH A . 
C 3 HOH 117 1717 117  HOH HOH A . 
C 3 HOH 118 1718 2    HOH HOH A . 
C 3 HOH 119 1719 44   HOH HOH A . 
C 3 HOH 120 1720 135  HOH HOH A . 
C 3 HOH 121 1721 120  HOH HOH A . 
C 3 HOH 122 1722 137  HOH HOH A . 
C 3 HOH 123 1723 72   HOH HOH A . 
C 3 HOH 124 1724 75   HOH HOH A . 
C 3 HOH 125 1725 49   HOH HOH A . 
C 3 HOH 126 1726 22   HOH HOH A . 
C 3 HOH 127 1727 57   HOH HOH A . 
C 3 HOH 128 1728 150  HOH HOH A . 
C 3 HOH 129 1729 34   HOH HOH A . 
C 3 HOH 130 1730 18   HOH HOH A . 
C 3 HOH 131 1731 13   HOH HOH A . 
C 3 HOH 132 1732 109  HOH HOH A . 
C 3 HOH 133 1733 53   HOH HOH A . 
C 3 HOH 134 1734 125  HOH HOH A . 
C 3 HOH 135 1735 149  HOH HOH A . 
C 3 HOH 136 1736 202  HOH HOH A . 
C 3 HOH 137 1737 136  HOH HOH A . 
C 3 HOH 138 1738 118  HOH HOH A . 
C 3 HOH 139 1739 126  HOH HOH A . 
C 3 HOH 140 1740 175  HOH HOH A . 
C 3 HOH 141 1741 134  HOH HOH A . 
C 3 HOH 142 1742 161  HOH HOH A . 
C 3 HOH 143 1743 164  HOH HOH A . 
C 3 HOH 144 1744 37   HOH HOH A . 
C 3 HOH 145 1745 146  HOH HOH A . 
C 3 HOH 146 1746 93   HOH HOH A . 
C 3 HOH 147 1747 181  HOH HOH A . 
C 3 HOH 148 1748 153  HOH HOH A . 
C 3 HOH 149 1749 104  HOH HOH A . 
C 3 HOH 150 1750 198  HOH HOH A . 
C 3 HOH 151 1751 185  HOH HOH A . 
C 3 HOH 152 1752 157  HOH HOH A . 
C 3 HOH 153 1753 180  HOH HOH A . 
C 3 HOH 154 1754 132  HOH HOH A . 
C 3 HOH 155 1755 186  HOH HOH A . 
C 3 HOH 156 1756 96   HOH HOH A . 
C 3 HOH 157 1757 114  HOH HOH A . 
C 3 HOH 158 1758 8    HOH HOH A . 
C 3 HOH 159 1759 112  HOH HOH A . 
C 3 HOH 160 1760 115  HOH HOH A . 
C 3 HOH 161 1761 30   HOH HOH A . 
C 3 HOH 162 1762 61   HOH HOH A . 
C 3 HOH 163 1763 156  HOH HOH A . 
C 3 HOH 164 1764 107  HOH HOH A . 
C 3 HOH 165 1765 110  HOH HOH A . 
C 3 HOH 166 1766 190  HOH HOH A . 
C 3 HOH 167 1767 188  HOH HOH A . 
C 3 HOH 168 1768 193  HOH HOH A . 
C 3 HOH 169 1769 133  HOH HOH A . 
C 3 HOH 170 1770 51   HOH HOH A . 
C 3 HOH 171 1771 102  HOH HOH A . 
C 3 HOH 172 1772 168  HOH HOH A . 
C 3 HOH 173 1773 68   HOH HOH A . 
C 3 HOH 174 1774 170  HOH HOH A . 
C 3 HOH 175 1775 78   HOH HOH A . 
C 3 HOH 176 1776 199  HOH HOH A . 
C 3 HOH 177 1777 73   HOH HOH A . 
C 3 HOH 178 1778 46   HOH HOH A . 
C 3 HOH 179 1779 103  HOH HOH A . 
C 3 HOH 180 1780 201  HOH HOH A . 
C 3 HOH 181 1781 148  HOH HOH A . 
C 3 HOH 182 1782 196  HOH HOH A . 
C 3 HOH 183 1783 87   HOH HOH A . 
C 3 HOH 184 1784 192  HOH HOH A . 
C 3 HOH 185 1785 200  HOH HOH A . 
C 3 HOH 186 1786 97   HOH HOH A . 
C 3 HOH 187 1787 111  HOH HOH A . 
C 3 HOH 188 1788 189  HOH HOH A . 
C 3 HOH 189 1789 79   HOH HOH A . 
C 3 HOH 190 1790 203  HOH HOH A . 
# 
loop_
_pdbx_unobs_or_zero_occ_atoms.id 
_pdbx_unobs_or_zero_occ_atoms.PDB_model_num 
_pdbx_unobs_or_zero_occ_atoms.polymer_flag 
_pdbx_unobs_or_zero_occ_atoms.occupancy_flag 
_pdbx_unobs_or_zero_occ_atoms.auth_asym_id 
_pdbx_unobs_or_zero_occ_atoms.auth_comp_id 
_pdbx_unobs_or_zero_occ_atoms.auth_seq_id 
_pdbx_unobs_or_zero_occ_atoms.PDB_ins_code 
_pdbx_unobs_or_zero_occ_atoms.auth_atom_id 
_pdbx_unobs_or_zero_occ_atoms.label_alt_id 
_pdbx_unobs_or_zero_occ_atoms.label_asym_id 
_pdbx_unobs_or_zero_occ_atoms.label_comp_id 
_pdbx_unobs_or_zero_occ_atoms.label_seq_id 
_pdbx_unobs_or_zero_occ_atoms.label_atom_id 
1 1 Y 1 A LYS 1323 ? CE ? A LYS 32 CE 
2 1 Y 1 A LYS 1323 ? NZ ? A LYS 32 NZ 
# 
loop_
_software.pdbx_ordinal 
_software.name 
_software.version 
_software.date 
_software.type 
_software.contact_author 
_software.contact_author_email 
_software.classification 
_software.location 
_software.language 
_software.citation_id 
1 REFMAC      5.8.0267 ?               program 'Garib N. Murshudov' garib@ysbl.york.ac.uk    refinement        
http://www.ccp4.ac.uk/dist/html/refmac5.html        Fortran_77 ? 
2 Aimless     0.7.4    13/12/18        program 'Phil Evans'         ?                        'data scaling'    
http://www.mrc-lmb.cam.ac.uk/harry/pre/aimless.html ?          ? 
3 PDB_EXTRACT 3.23     'SEP. 23, 2016' package PDB                  deposit@deposit.rcsb.org 'data extraction' 
http://sw-tools.pdb.org/apps/PDB_EXTRACT/           C++        ? 
4 XDS         .        ?               program ?                    ?                        'data reduction'  ? ?          ? 
5 REFMAC      .        ?               program ?                    ?                        phasing           ? ?          ? 
# 
_cell.entry_id           5S93 
_cell.length_a           81.848 
_cell.length_b           26.939 
_cell.length_c           55.551 
_cell.angle_alpha        90.000 
_cell.angle_beta         99.900 
_cell.angle_gamma        90.000 
_cell.Z_PDB              4 
_cell.pdbx_unique_axis   ? 
# 
_symmetry.entry_id                         5S93 
_symmetry.space_group_name_H-M             'C 1 2 1' 
_symmetry.pdbx_full_space_group_name_H-M   ? 
_symmetry.cell_setting                     ? 
_symmetry.Int_Tables_number                5 
# 
_exptl.crystals_number   1 
_exptl.entry_id          5S93 
_exptl.method            'X-RAY DIFFRACTION' 
# 
_exptl_crystal.id                    1 
_exptl_crystal.pdbx_mosaicity        0.000 
_exptl_crystal.pdbx_mosaicity_esd    ? 
_exptl_crystal.density_Matthews      1.71 
_exptl_crystal.density_diffrn        ? 
_exptl_crystal.density_meas          ? 
_exptl_crystal.density_meas_temp     ? 
_exptl_crystal.density_percent_sol   28.12 
_exptl_crystal.size_max              ? 
_exptl_crystal.size_mid              ? 
_exptl_crystal.size_min              ? 
_exptl_crystal.size_rad              ? 
_exptl_crystal.description           ? 
_exptl_crystal.preparation           ? 
# 
_exptl_crystal_grow.crystal_id      1 
_exptl_crystal_grow.method          'VAPOR DIFFUSION, SITTING DROP' 
_exptl_crystal_grow.pH              5.6 
_exptl_crystal_grow.temp            277 
_exptl_crystal_grow.pdbx_details    '20% PEG 8000, 0.04M POTASSIUM PHOSPHATE' 
_exptl_crystal_grow.temp_details    ? 
_exptl_crystal_grow.pdbx_pH_range   ? 
# 
_diffrn.id                               1 
_diffrn.ambient_temp                     100 
_diffrn.crystal_id                       1 
_diffrn.ambient_temp_details             ? 
_diffrn.pdbx_serial_crystal_experiment   ? 
# 
_diffrn_detector.detector               PIXEL 
_diffrn_detector.type                   'DECTRIS PILATUS 6M' 
_diffrn_detector.pdbx_collection_date   2020-08-11 
_diffrn_detector.diffrn_id              1 
_diffrn_detector.details                ? 
# 
_diffrn_radiation.diffrn_id                        1 
_diffrn_radiation.wavelength_id                    1 
_diffrn_radiation.pdbx_diffrn_protocol             'SINGLE WAVELENGTH' 
_diffrn_radiation.pdbx_monochromatic_or_laue_m_l   ? 
_diffrn_radiation.monochromator                    ? 
_diffrn_radiation.pdbx_scattering_type             x-ray 
# 
_diffrn_radiation_wavelength.id           1 
_diffrn_radiation_wavelength.wavelength   0.9126 
_diffrn_radiation_wavelength.wt           1.0 
# 
_diffrn_source.diffrn_id                   1 
_diffrn_source.source                      SYNCHROTRON 
_diffrn_source.type                        'DIAMOND BEAMLINE I04-1' 
_diffrn_source.pdbx_wavelength_list        0.9126 
_diffrn_source.pdbx_synchrotron_site       Diamond 
_diffrn_source.pdbx_synchrotron_beamline   I04-1 
_diffrn_source.pdbx_wavelength             ? 
# 
_reflns.entry_id                     5S93 
_reflns.pdbx_diffrn_id               1 
_reflns.pdbx_ordinal                 1 
_reflns.observed_criterion_sigma_I   ? 
_reflns.observed_criterion_sigma_F   ? 
_reflns.d_resolution_low             54.730 
_reflns.d_resolution_high            1.190 
_reflns.number_obs                   35213 
_reflns.number_all                   ? 
_reflns.percent_possible_obs         91.000 
_reflns.pdbx_Rmerge_I_obs            0.058 
_reflns.pdbx_Rsym_value              ? 
_reflns.pdbx_netI_over_sigmaI        7.200 
_reflns.B_iso_Wilson_estimate        ? 
_reflns.pdbx_redundancy              2.500 
_reflns.pdbx_Rrim_I_all              0.070 
_reflns.pdbx_Rpim_I_all              0.039 
_reflns.pdbx_CC_half                 0.996 
_reflns.pdbx_netI_over_av_sigmaI     ? 
_reflns.pdbx_number_measured_all     88771 
_reflns.pdbx_scaling_rejects         73 
_reflns.pdbx_chi_squared             ? 
_reflns.Rmerge_F_all                 ? 
_reflns.Rmerge_F_obs                 ? 
_reflns.observed_criterion_F_max     ? 
_reflns.observed_criterion_F_min     ? 
_reflns.observed_criterion_I_max     ? 
_reflns.observed_criterion_I_min     ? 
_reflns.pdbx_d_res_high_opt          ? 
_reflns.pdbx_d_res_low_opt           ? 
_reflns.details                      ? 
_reflns.pdbx_CC_star                 ? 
# 
loop_
_reflns_shell.pdbx_diffrn_id 
_reflns_shell.pdbx_ordinal 
_reflns_shell.d_res_high 
_reflns_shell.d_res_low 
_reflns_shell.number_measured_obs 
_reflns_shell.number_measured_all 
_reflns_shell.number_unique_obs 
_reflns_shell.pdbx_rejects 
_reflns_shell.Rmerge_I_obs 
_reflns_shell.meanI_over_sigI_obs 
_reflns_shell.pdbx_Rsym_value 
_reflns_shell.pdbx_chi_squared 
_reflns_shell.pdbx_redundancy 
_reflns_shell.percent_possible_obs 
_reflns_shell.pdbx_netI_over_sigmaI_obs 
_reflns_shell.number_possible 
_reflns_shell.number_unique_all 
_reflns_shell.Rmerge_F_all 
_reflns_shell.Rmerge_F_obs 
_reflns_shell.Rmerge_I_all 
_reflns_shell.meanI_over_sigI_all 
_reflns_shell.percent_possible_all 
_reflns_shell.pdbx_Rrim_I_all 
_reflns_shell.pdbx_Rpim_I_all 
_reflns_shell.pdbx_CC_half 
_reflns_shell.pdbx_CC_star 
1 1 1.190 1.210  ? 954 ? ? 0.822 ? ? ? 1.100 ? 0.700  ? 862 ? ? ? ? 45.000 1.163 0.822 0.567 ? 
1 2 6.520 54.730 ? 803 ? ? 0.048 ? ? ? 3.000 ? 18.900 ? 271 ? ? ? ? 99.300 0.058 0.031 0.995 ? 
# 
_refine.entry_id                                 5S93 
_refine.pdbx_refine_id                           'X-RAY DIFFRACTION' 
_refine.ls_d_res_high                            1.1900 
_refine.ls_d_res_low                             54.7200 
_refine.pdbx_ls_sigma_F                          0.000 
_refine.pdbx_data_cutoff_high_absF               ? 
_refine.pdbx_data_cutoff_low_absF                ? 
_refine.ls_percent_reflns_obs                    90.1100 
_refine.ls_number_reflns_obs                     33172 
_refine.ls_number_reflns_all                     ? 
_refine.pdbx_ls_cross_valid_method               THROUGHOUT 
_refine.ls_matrix_type                           ? 
_refine.pdbx_R_Free_selection_details            RANDOM 
_refine.details                                  
'HYDROGENS HAVE BEEN ADDED IN THE RIDING POSITIONS U VALUES      : REFINED INDIVIDUALLY' 
_refine.ls_R_factor_all                          ? 
_refine.ls_R_factor_obs                          0.1905 
_refine.ls_R_factor_R_work                       0.1891 
_refine.ls_wR_factor_R_work                      ? 
_refine.ls_R_factor_R_free                       0.2163 
_refine.ls_wR_factor_R_free                      ? 
_refine.ls_percent_reflns_R_free                 5.0000 
_refine.ls_number_reflns_R_free                  1741 
_refine.ls_number_reflns_R_work                  ? 
_refine.ls_R_factor_R_free_error                 ? 
_refine.B_iso_mean                               17.5490 
_refine.solvent_model_param_bsol                 ? 
_refine.solvent_model_param_ksol                 ? 
_refine.pdbx_isotropic_thermal_model             ? 
_refine.aniso_B[1][1]                            -0.0100 
_refine.aniso_B[2][2]                            0.8900 
_refine.aniso_B[3][3]                            -0.9200 
_refine.aniso_B[1][2]                            0.0000 
_refine.aniso_B[1][3]                            0.2800 
_refine.aniso_B[2][3]                            0.0000 
_refine.correlation_coeff_Fo_to_Fc               0.9710 
_refine.correlation_coeff_Fo_to_Fc_free          0.9620 
_refine.overall_SU_R_Cruickshank_DPI             ? 
_refine.pdbx_overall_SU_R_free_Cruickshank_DPI   ? 
_refine.pdbx_overall_SU_R_Blow_DPI               ? 
_refine.pdbx_overall_SU_R_free_Blow_DPI          ? 
_refine.overall_SU_R_free                        ? 
_refine.pdbx_overall_ESU_R                       0.0640 
_refine.pdbx_overall_ESU_R_Free                  0.0640 
_refine.overall_SU_ML                            0.0660 
_refine.overall_SU_B                             1.6260 
_refine.solvent_model_details                    MASK 
_refine.pdbx_solvent_vdw_probe_radii             1.2000 
_refine.pdbx_solvent_ion_probe_radii             0.8000 
_refine.pdbx_solvent_shrinkage_radii             0.8000 
_refine.ls_number_parameters                     ? 
_refine.ls_number_restraints                     ? 
_refine.pdbx_starting_model                      5RJI 
_refine.pdbx_method_to_determine_struct          'FOURIER SYNTHESIS' 
_refine.pdbx_stereochemistry_target_values       'MAXIMUM LIKELIHOOD' 
_refine.pdbx_stereochem_target_val_spec_case     ? 
_refine.overall_FOM_work_R_set                   ? 
_refine.B_iso_max                                60.760 
_refine.B_iso_min                                10.160 
_refine.pdbx_overall_phase_error                 ? 
_refine.occupancy_max                            ? 
_refine.occupancy_min                            ? 
_refine.pdbx_diffrn_id                           1 
_refine.pdbx_TLS_residual_ADP_flag               ? 
_refine.pdbx_ls_sigma_I                          ? 
_refine.pdbx_data_cutoff_high_rms_absF           ? 
_refine.ls_R_factor_R_free_error_details         ? 
# 
_refine_hist.cycle_id                         final 
_refine_hist.pdbx_refine_id                   'X-RAY DIFFRACTION' 
_refine_hist.d_res_high                       1.1900 
_refine_hist.d_res_low                        54.7200 
_refine_hist.pdbx_number_atoms_ligand         21 
_refine_hist.number_atoms_solvent             190 
_refine_hist.number_atoms_total               1201 
_refine_hist.pdbx_number_residues_total       119 
_refine_hist.pdbx_B_iso_mean_ligand           13.49 
_refine_hist.pdbx_B_iso_mean_solvent          28.67 
_refine_hist.pdbx_number_atoms_protein        990 
_refine_hist.pdbx_number_atoms_nucleic_acid   0 
# 
loop_
_refine_ls_restr.pdbx_refine_id 
_refine_ls_restr.type 
_refine_ls_restr.number 
_refine_ls_restr.dev_ideal 
_refine_ls_restr.dev_ideal_target 
_refine_ls_restr.weight 
_refine_ls_restr.pdbx_restraint_function 
'X-RAY DIFFRACTION' r_bond_refined_d       2310 0.009  0.015  ? ? 
'X-RAY DIFFRACTION' r_bond_other_d         1551 0.001  0.017  ? ? 
'X-RAY DIFFRACTION' r_angle_refined_deg    2374 1.590  1.672  ? ? 
'X-RAY DIFFRACTION' r_angle_other_deg      3626 1.490  1.617  ? ? 
'X-RAY DIFFRACTION' r_dihedral_angle_1_deg 226  5.553  5.000  ? ? 
'X-RAY DIFFRACTION' r_dihedral_angle_2_deg 110  21.601 20.000 ? ? 
'X-RAY DIFFRACTION' r_dihedral_angle_3_deg 300  13.613 15.000 ? ? 
'X-RAY DIFFRACTION' r_dihedral_angle_4_deg 21   12.359 15.000 ? ? 
'X-RAY DIFFRACTION' r_chiral_restr         207  0.084  0.200  ? ? 
'X-RAY DIFFRACTION' r_gen_planes_refined   2166 0.008  0.020  ? ? 
'X-RAY DIFFRACTION' r_gen_planes_other     448  0.002  0.020  ? ? 
'X-RAY DIFFRACTION' r_mcbond_it            1066 1.010  1.647  ? ? 
'X-RAY DIFFRACTION' r_mcbond_other         1049 1.019  1.625  ? ? 
'X-RAY DIFFRACTION' r_mcangle_it           1060 1.760  2.376  ? ? 
# 
_refine_ls_shell.d_res_high                       1.1900 
_refine_ls_shell.d_res_low                        1.2210 
_refine_ls_shell.pdbx_total_number_of_bins_used   20 
_refine_ls_shell.percent_reflns_obs               43.6400 
_refine_ls_shell.number_reflns_R_work             1185 
_refine_ls_shell.R_factor_all                     ? 
_refine_ls_shell.R_factor_R_work                  0.4330 
_refine_ls_shell.R_factor_R_free                  0.4230 
_refine_ls_shell.percent_reflns_R_free            ? 
_refine_ls_shell.number_reflns_R_free             57 
_refine_ls_shell.R_factor_R_free_error            ? 
_refine_ls_shell.number_reflns_all                1242 
_refine_ls_shell.number_reflns_obs                ? 
_refine_ls_shell.pdbx_refine_id                   'X-RAY DIFFRACTION' 
_refine_ls_shell.R_factor_obs                     ? 
# 
_struct.entry_id                  5S93 
_struct.title                     
'PanDDA analysis group deposition -- Crystal Structure of PHIP in complex with Z198194396 synthetic derivative' 
_struct.pdbx_model_details        ? 
_struct.pdbx_CASP_flag            ? 
_struct.pdbx_model_type_details   ? 
# 
_struct_keywords.entry_id        5S93 
_struct_keywords.text            
;SGC - Diamond I04-1 fragment screening, PanDDA, XChemExplorer, Robotic chemistry, Crystal soaking, Reaction crudes, SIGNALING PROTEIN
;
_struct_keywords.pdbx_keywords   'SIGNALING PROTEIN' 
# 
loop_
_struct_asym.id 
_struct_asym.pdbx_blank_PDB_chainid_flag 
_struct_asym.pdbx_modified 
_struct_asym.entity_id 
_struct_asym.details 
A N N 1 ? 
B N N 2 ? 
C N N 3 ? 
# 
_struct_ref.id                         1 
_struct_ref.db_name                    UNP 
_struct_ref.db_code                    PHIP_HUMAN 
_struct_ref.pdbx_db_accession          Q8WWQ0 
_struct_ref.pdbx_db_isoform            ? 
_struct_ref.entity_id                  1 
_struct_ref.pdbx_seq_one_letter_code   
;SYDIQAWKKQCEELLNLIFQCEDSEPFRQPVDLLEYPDYRDIIDTPMDFATVRETLEAGNYESPMELCKDVRLIFSNSKA
YTPSKRSRIYSMSLRLSAFFEEHISSVLSDYKSALRFHKRNTITKR
;
_struct_ref.pdbx_align_begin           1315 
# 
_struct_ref_seq.align_id                      1 
_struct_ref_seq.ref_id                        1 
_struct_ref_seq.pdbx_PDB_id_code              5S93 
_struct_ref_seq.pdbx_strand_id                A 
_struct_ref_seq.seq_align_beg                 24 
_struct_ref_seq.pdbx_seq_align_beg_ins_code   ? 
_struct_ref_seq.seq_align_end                 149 
_struct_ref_seq.pdbx_seq_align_end_ins_code   ? 
_struct_ref_seq.pdbx_db_accession             Q8WWQ0 
_struct_ref_seq.db_align_beg                  1315 
_struct_ref_seq.pdbx_db_align_beg_ins_code    ? 
_struct_ref_seq.db_align_end                  1440 
_struct_ref_seq.pdbx_db_align_end_ins_code    ? 
_struct_ref_seq.pdbx_auth_seq_align_beg       1315 
_struct_ref_seq.pdbx_auth_seq_align_end       1440 
# 
loop_
_struct_ref_seq_dif.align_id 
_struct_ref_seq_dif.pdbx_pdb_id_code 
_struct_ref_seq_dif.mon_id 
_struct_ref_seq_dif.pdbx_pdb_strand_id 
_struct_ref_seq_dif.seq_num 
_struct_ref_seq_dif.pdbx_pdb_ins_code 
_struct_ref_seq_dif.pdbx_seq_db_name 
_struct_ref_seq_dif.pdbx_seq_db_accession_code 
_struct_ref_seq_dif.db_mon_id 
_struct_ref_seq_dif.pdbx_seq_db_seq_num 
_struct_ref_seq_dif.details 
_struct_ref_seq_dif.pdbx_auth_seq_num 
_struct_ref_seq_dif.pdbx_ordinal 
1 5S93 MET A 1  ? UNP Q8WWQ0 ? ? 'initiating methionine' 1292 1  
1 5S93 HIS A 2  ? UNP Q8WWQ0 ? ? 'expression tag'        1293 2  
1 5S93 HIS A 3  ? UNP Q8WWQ0 ? ? 'expression tag'        1294 3  
1 5S93 HIS A 4  ? UNP Q8WWQ0 ? ? 'expression tag'        1295 4  
1 5S93 HIS A 5  ? UNP Q8WWQ0 ? ? 'expression tag'        1296 5  
1 5S93 HIS A 6  ? UNP Q8WWQ0 ? ? 'expression tag'        1297 6  
1 5S93 HIS A 7  ? UNP Q8WWQ0 ? ? 'expression tag'        1298 7  
1 5S93 SER A 8  ? UNP Q8WWQ0 ? ? 'expression tag'        1299 8  
1 5S93 SER A 9  ? UNP Q8WWQ0 ? ? 'expression tag'        1300 9  
1 5S93 GLY A 10 ? UNP Q8WWQ0 ? ? 'expression tag'        1301 10 
1 5S93 VAL A 11 ? UNP Q8WWQ0 ? ? 'expression tag'        1302 11 
1 5S93 ASP A 12 ? UNP Q8WWQ0 ? ? 'expression tag'        1303 12 
1 5S93 LEU A 13 ? UNP Q8WWQ0 ? ? 'expression tag'        1304 13 
1 5S93 GLY A 14 ? UNP Q8WWQ0 ? ? 'expression tag'        1305 14 
1 5S93 THR A 15 ? UNP Q8WWQ0 ? ? 'expression tag'        1306 15 
1 5S93 GLU A 16 ? UNP Q8WWQ0 ? ? 'expression tag'        1307 16 
1 5S93 ASN A 17 ? UNP Q8WWQ0 ? ? 'expression tag'        1308 17 
1 5S93 LEU A 18 ? UNP Q8WWQ0 ? ? 'expression tag'        1309 18 
1 5S93 TYR A 19 ? UNP Q8WWQ0 ? ? 'expression tag'        1310 19 
1 5S93 PHE A 20 ? UNP Q8WWQ0 ? ? 'expression tag'        1311 20 
1 5S93 GLN A 21 ? UNP Q8WWQ0 ? ? 'expression tag'        1312 21 
1 5S93 SER A 22 ? UNP Q8WWQ0 ? ? 'expression tag'        1313 22 
1 5S93 MET A 23 ? UNP Q8WWQ0 ? ? 'expression tag'        1314 23 
# 
_pdbx_struct_assembly.id                   1 
_pdbx_struct_assembly.details              author_and_software_defined_assembly 
_pdbx_struct_assembly.method_details       PISA 
_pdbx_struct_assembly.oligomeric_details   monomeric 
_pdbx_struct_assembly.oligomeric_count     1 
# 
_pdbx_struct_assembly_gen.assembly_id       1 
_pdbx_struct_assembly_gen.oper_expression   1 
_pdbx_struct_assembly_gen.asym_id_list      A,B,C 
# 
_pdbx_struct_oper_list.id                   1 
_pdbx_struct_oper_list.type                 'identity operation' 
_pdbx_struct_oper_list.name                 1_555 
_pdbx_struct_oper_list.symmetry_operation   x,y,z 
_pdbx_struct_oper_list.matrix[1][1]         1.0000000000 
_pdbx_struct_oper_list.matrix[1][2]         0.0000000000 
_pdbx_struct_oper_list.matrix[1][3]         0.0000000000 
_pdbx_struct_oper_list.vector[1]            0.0000000000 
_pdbx_struct_oper_list.matrix[2][1]         0.0000000000 
_pdbx_struct_oper_list.matrix[2][2]         1.0000000000 
_pdbx_struct_oper_list.matrix[2][3]         0.0000000000 
_pdbx_struct_oper_list.vector[2]            0.0000000000 
_pdbx_struct_oper_list.matrix[3][1]         0.0000000000 
_pdbx_struct_oper_list.matrix[3][2]         0.0000000000 
_pdbx_struct_oper_list.matrix[3][3]         1.0000000000 
_pdbx_struct_oper_list.vector[3]            0.0000000000 
# 
loop_
_struct_conf.conf_type_id 
_struct_conf.id 
_struct_conf.pdbx_PDB_helix_id 
_struct_conf.beg_label_comp_id 
_struct_conf.beg_label_asym_id 
_struct_conf.beg_label_seq_id 
_struct_conf.pdbx_beg_PDB_ins_code 
_struct_conf.end_label_comp_id 
_struct_conf.end_label_asym_id 
_struct_conf.end_label_seq_id 
_struct_conf.pdbx_end_PDB_ins_code 
_struct_conf.beg_auth_comp_id 
_struct_conf.beg_auth_asym_id 
_struct_conf.beg_auth_seq_id 
_struct_conf.end_auth_comp_id 
_struct_conf.end_auth_asym_id 
_struct_conf.end_auth_seq_id 
_struct_conf.pdbx_PDB_helix_class 
_struct_conf.details 
_struct_conf.pdbx_PDB_helix_length 
HELX_P HELX_P1 AA1 ALA A 29  ? CYS A 44  ? ALA A 1320 CYS A 1335 1 ? 16 
HELX_P HELX_P2 AA2 GLU A 45  ? ARG A 51  ? GLU A 1336 ARG A 1342 5 ? 7  
HELX_P HELX_P3 AA3 ASP A 61  ? ILE A 66  ? ASP A 1352 ILE A 1357 1 ? 6  
HELX_P HELX_P4 AA4 ASP A 71  ? ALA A 81  ? ASP A 1362 ALA A 1372 1 ? 11 
HELX_P HELX_P5 AA5 SER A 86  ? THR A 105 ? SER A 1377 THR A 1396 1 ? 20 
HELX_P HELX_P6 AA6 SER A 110 ? LYS A 142 ? SER A 1401 LYS A 1433 1 ? 33 
# 
_struct_conf_type.id          HELX_P 
_struct_conf_type.criteria    ? 
_struct_conf_type.reference   ? 
# 
_struct_site.id                   AC1 
_struct_site.pdbx_evidence_code   Software 
_struct_site.pdbx_auth_asym_id    A 
_struct_site.pdbx_auth_comp_id    Y2J 
_struct_site.pdbx_auth_seq_id     1501 
_struct_site.pdbx_auth_ins_code   ? 
_struct_site.pdbx_num_residues    14 
_struct_site.details              'binding site for residue Y2J A 1501' 
# 
loop_
_struct_site_gen.id 
_struct_site_gen.site_id 
_struct_site_gen.pdbx_num_res 
_struct_site_gen.label_comp_id 
_struct_site_gen.label_asym_id 
_struct_site_gen.label_seq_id 
_struct_site_gen.pdbx_auth_ins_code 
_struct_site_gen.auth_comp_id 
_struct_site_gen.auth_asym_id 
_struct_site_gen.auth_seq_id 
_struct_site_gen.label_atom_id 
_struct_site_gen.label_alt_id 
_struct_site_gen.symmetry 
_struct_site_gen.details 
1  AC1 14 GLU A 48  ? GLU A 1339 . ? 1_555 ? 
2  AC1 14 PRO A 49  ? PRO A 1340 . ? 1_555 ? 
3  AC1 14 PRO A 53  ? PRO A 1344 . ? 1_555 ? 
4  AC1 14 VAL A 54  ? VAL A 1345 . ? 1_555 ? 
5  AC1 14 TYR A 59  ? TYR A 1350 . ? 1_555 ? 
6  AC1 14 SER A 101 ? SER A 1392 . ? 1_555 ? 
7  AC1 14 THR A 105 ? THR A 1396 . ? 1_555 ? 
8  AC1 14 SER A 107 ? SER A 1398 . ? 4_456 ? 
9  AC1 14 ILE A 112 ? ILE A 1403 . ? 1_555 ? 
10 AC1 14 HOH C .   ? HOH A 1609 . ? 1_555 ? 
11 AC1 14 HOH C .   ? HOH A 1616 . ? 1_555 ? 
12 AC1 14 HOH C .   ? HOH A 1652 . ? 4_456 ? 
13 AC1 14 HOH C .   ? HOH A 1687 . ? 4_446 ? 
14 AC1 14 HOH C .   ? HOH A 1730 . ? 1_555 ? 
# 
loop_
_pdbx_validate_close_contact.id 
_pdbx_validate_close_contact.PDB_model_num 
_pdbx_validate_close_contact.auth_atom_id_1 
_pdbx_validate_close_contact.auth_asym_id_1 
_pdbx_validate_close_contact.auth_comp_id_1 
_pdbx_validate_close_contact.auth_seq_id_1 
_pdbx_validate_close_contact.PDB_ins_code_1 
_pdbx_validate_close_contact.label_alt_id_1 
_pdbx_validate_close_contact.auth_atom_id_2 
_pdbx_validate_close_contact.auth_asym_id_2 
_pdbx_validate_close_contact.auth_comp_id_2 
_pdbx_validate_close_contact.auth_seq_id_2 
_pdbx_validate_close_contact.PDB_ins_code_2 
_pdbx_validate_close_contact.label_alt_id_2 
_pdbx_validate_close_contact.dist 
1 1 O A HOH 1685 ? ? O A HOH 1700 ? ? 1.74 
2 1 O A HOH 1707 ? ? O A HOH 1734 ? ? 2.13 
3 1 O A HOH 1700 ? ? O A HOH 1784 ? ? 2.14 
# 
_pdbx_validate_symm_contact.id                1 
_pdbx_validate_symm_contact.PDB_model_num     1 
_pdbx_validate_symm_contact.auth_atom_id_1    O 
_pdbx_validate_symm_contact.auth_asym_id_1    A 
_pdbx_validate_symm_contact.auth_comp_id_1    HOH 
_pdbx_validate_symm_contact.auth_seq_id_1     1602 
_pdbx_validate_symm_contact.PDB_ins_code_1    ? 
_pdbx_validate_symm_contact.label_alt_id_1    ? 
_pdbx_validate_symm_contact.site_symmetry_1   1_555 
_pdbx_validate_symm_contact.auth_atom_id_2    O 
_pdbx_validate_symm_contact.auth_asym_id_2    A 
_pdbx_validate_symm_contact.auth_comp_id_2    HOH 
_pdbx_validate_symm_contact.auth_seq_id_2     1746 
_pdbx_validate_symm_contact.PDB_ins_code_2    ? 
_pdbx_validate_symm_contact.label_alt_id_2    ? 
_pdbx_validate_symm_contact.site_symmetry_2   4_456 
_pdbx_validate_symm_contact.dist              2.06 
# 
loop_
_pdbx_struct_special_symmetry.id 
_pdbx_struct_special_symmetry.PDB_model_num 
_pdbx_struct_special_symmetry.auth_asym_id 
_pdbx_struct_special_symmetry.auth_comp_id 
_pdbx_struct_special_symmetry.auth_seq_id 
_pdbx_struct_special_symmetry.PDB_ins_code 
_pdbx_struct_special_symmetry.label_asym_id 
_pdbx_struct_special_symmetry.label_comp_id 
_pdbx_struct_special_symmetry.label_seq_id 
1 1 A HOH 1704 ? C HOH . 
2 1 A HOH 1787 ? C HOH . 
# 
_phasing.method   MR 
# 
loop_
_pdbx_unobs_or_zero_occ_residues.id 
_pdbx_unobs_or_zero_occ_residues.PDB_model_num 
_pdbx_unobs_or_zero_occ_residues.polymer_flag 
_pdbx_unobs_or_zero_occ_residues.occupancy_flag 
_pdbx_unobs_or_zero_occ_residues.auth_asym_id 
_pdbx_unobs_or_zero_occ_residues.auth_comp_id 
_pdbx_unobs_or_zero_occ_residues.auth_seq_id 
_pdbx_unobs_or_zero_occ_residues.PDB_ins_code 
_pdbx_unobs_or_zero_occ_residues.label_asym_id 
_pdbx_unobs_or_zero_occ_residues.label_comp_id 
_pdbx_unobs_or_zero_occ_residues.label_seq_id 
1  1 Y 1 A MET 1292 ? A MET 1   
2  1 Y 1 A HIS 1293 ? A HIS 2   
3  1 Y 1 A HIS 1294 ? A HIS 3   
4  1 Y 1 A HIS 1295 ? A HIS 4   
5  1 Y 1 A HIS 1296 ? A HIS 5   
6  1 Y 1 A HIS 1297 ? A HIS 6   
7  1 Y 1 A HIS 1298 ? A HIS 7   
8  1 Y 1 A SER 1299 ? A SER 8   
9  1 Y 1 A SER 1300 ? A SER 9   
10 1 Y 1 A GLY 1301 ? A GLY 10  
11 1 Y 1 A VAL 1302 ? A VAL 11  
12 1 Y 1 A ASP 1303 ? A ASP 12  
13 1 Y 1 A LEU 1304 ? A LEU 13  
14 1 Y 1 A GLY 1305 ? A GLY 14  
15 1 Y 1 A THR 1306 ? A THR 15  
16 1 Y 1 A GLU 1307 ? A GLU 16  
17 1 Y 1 A ASN 1308 ? A ASN 17  
18 1 Y 1 A LEU 1309 ? A LEU 18  
19 1 Y 1 A TYR 1310 ? A TYR 19  
20 1 Y 1 A PHE 1311 ? A PHE 20  
21 1 Y 1 A GLN 1312 ? A GLN 21  
22 1 Y 1 A SER 1313 ? A SER 22  
23 1 Y 1 A MET 1314 ? A MET 23  
24 1 Y 1 A SER 1315 ? A SER 24  
25 1 Y 1 A ASN 1435 ? A ASN 144 
26 1 Y 1 A THR 1436 ? A THR 145 
27 1 Y 1 A ILE 1437 ? A ILE 146 
28 1 Y 1 A THR 1438 ? A THR 147 
29 1 Y 1 A LYS 1439 ? A LYS 148 
30 1 Y 1 A ARG 1440 ? A ARG 149 
# 
loop_
_chem_comp_atom.comp_id 
_chem_comp_atom.atom_id 
_chem_comp_atom.type_symbol 
_chem_comp_atom.pdbx_aromatic_flag 
_chem_comp_atom.pdbx_stereo_config 
_chem_comp_atom.pdbx_ordinal 
ALA N    N  N N 1   
ALA CA   C  N S 2   
ALA C    C  N N 3   
ALA O    O  N N 4   
ALA CB   C  N N 5   
ALA OXT  O  N N 6   
ALA H    H  N N 7   
ALA H2   H  N N 8   
ALA HA   H  N N 9   
ALA HB1  H  N N 10  
ALA HB2  H  N N 11  
ALA HB3  H  N N 12  
ALA HXT  H  N N 13  
ARG N    N  N N 14  
ARG CA   C  N S 15  
ARG C    C  N N 16  
ARG O    O  N N 17  
ARG CB   C  N N 18  
ARG CG   C  N N 19  
ARG CD   C  N N 20  
ARG NE   N  N N 21  
ARG CZ   C  N N 22  
ARG NH1  N  N N 23  
ARG NH2  N  N N 24  
ARG OXT  O  N N 25  
ARG H    H  N N 26  
ARG H2   H  N N 27  
ARG HA   H  N N 28  
ARG HB2  H  N N 29  
ARG HB3  H  N N 30  
ARG HG2  H  N N 31  
ARG HG3  H  N N 32  
ARG HD2  H  N N 33  
ARG HD3  H  N N 34  
ARG HE   H  N N 35  
ARG HH11 H  N N 36  
ARG HH12 H  N N 37  
ARG HH21 H  N N 38  
ARG HH22 H  N N 39  
ARG HXT  H  N N 40  
ASN N    N  N N 41  
ASN CA   C  N S 42  
ASN C    C  N N 43  
ASN O    O  N N 44  
ASN CB   C  N N 45  
ASN CG   C  N N 46  
ASN OD1  O  N N 47  
ASN ND2  N  N N 48  
ASN OXT  O  N N 49  
ASN H    H  N N 50  
ASN H2   H  N N 51  
ASN HA   H  N N 52  
ASN HB2  H  N N 53  
ASN HB3  H  N N 54  
ASN HD21 H  N N 55  
ASN HD22 H  N N 56  
ASN HXT  H  N N 57  
ASP N    N  N N 58  
ASP CA   C  N S 59  
ASP C    C  N N 60  
ASP O    O  N N 61  
ASP CB   C  N N 62  
ASP CG   C  N N 63  
ASP OD1  O  N N 64  
ASP OD2  O  N N 65  
ASP OXT  O  N N 66  
ASP H    H  N N 67  
ASP H2   H  N N 68  
ASP HA   H  N N 69  
ASP HB2  H  N N 70  
ASP HB3  H  N N 71  
ASP HD2  H  N N 72  
ASP HXT  H  N N 73  
CYS N    N  N N 74  
CYS CA   C  N R 75  
CYS C    C  N N 76  
CYS O    O  N N 77  
CYS CB   C  N N 78  
CYS SG   S  N N 79  
CYS OXT  O  N N 80  
CYS H    H  N N 81  
CYS H2   H  N N 82  
CYS HA   H  N N 83  
CYS HB2  H  N N 84  
CYS HB3  H  N N 85  
CYS HG   H  N N 86  
CYS HXT  H  N N 87  
GLN N    N  N N 88  
GLN CA   C  N S 89  
GLN C    C  N N 90  
GLN O    O  N N 91  
GLN CB   C  N N 92  
GLN CG   C  N N 93  
GLN CD   C  N N 94  
GLN OE1  O  N N 95  
GLN NE2  N  N N 96  
GLN OXT  O  N N 97  
GLN H    H  N N 98  
GLN H2   H  N N 99  
GLN HA   H  N N 100 
GLN HB2  H  N N 101 
GLN HB3  H  N N 102 
GLN HG2  H  N N 103 
GLN HG3  H  N N 104 
GLN HE21 H  N N 105 
GLN HE22 H  N N 106 
GLN HXT  H  N N 107 
GLU N    N  N N 108 
GLU CA   C  N S 109 
GLU C    C  N N 110 
GLU O    O  N N 111 
GLU CB   C  N N 112 
GLU CG   C  N N 113 
GLU CD   C  N N 114 
GLU OE1  O  N N 115 
GLU OE2  O  N N 116 
GLU OXT  O  N N 117 
GLU H    H  N N 118 
GLU H2   H  N N 119 
GLU HA   H  N N 120 
GLU HB2  H  N N 121 
GLU HB3  H  N N 122 
GLU HG2  H  N N 123 
GLU HG3  H  N N 124 
GLU HE2  H  N N 125 
GLU HXT  H  N N 126 
GLY N    N  N N 127 
GLY CA   C  N N 128 
GLY C    C  N N 129 
GLY O    O  N N 130 
GLY OXT  O  N N 131 
GLY H    H  N N 132 
GLY H2   H  N N 133 
GLY HA2  H  N N 134 
GLY HA3  H  N N 135 
GLY HXT  H  N N 136 
HIS N    N  N N 137 
HIS CA   C  N S 138 
HIS C    C  N N 139 
HIS O    O  N N 140 
HIS CB   C  N N 141 
HIS CG   C  Y N 142 
HIS ND1  N  Y N 143 
HIS CD2  C  Y N 144 
HIS CE1  C  Y N 145 
HIS NE2  N  Y N 146 
HIS OXT  O  N N 147 
HIS H    H  N N 148 
HIS H2   H  N N 149 
HIS HA   H  N N 150 
HIS HB2  H  N N 151 
HIS HB3  H  N N 152 
HIS HD1  H  N N 153 
HIS HD2  H  N N 154 
HIS HE1  H  N N 155 
HIS HE2  H  N N 156 
HIS HXT  H  N N 157 
HOH O    O  N N 158 
HOH H1   H  N N 159 
HOH H2   H  N N 160 
ILE N    N  N N 161 
ILE CA   C  N S 162 
ILE C    C  N N 163 
ILE O    O  N N 164 
ILE CB   C  N S 165 
ILE CG1  C  N N 166 
ILE CG2  C  N N 167 
ILE CD1  C  N N 168 
ILE OXT  O  N N 169 
ILE H    H  N N 170 
ILE H2   H  N N 171 
ILE HA   H  N N 172 
ILE HB   H  N N 173 
ILE HG12 H  N N 174 
ILE HG13 H  N N 175 
ILE HG21 H  N N 176 
ILE HG22 H  N N 177 
ILE HG23 H  N N 178 
ILE HD11 H  N N 179 
ILE HD12 H  N N 180 
ILE HD13 H  N N 181 
ILE HXT  H  N N 182 
LEU N    N  N N 183 
LEU CA   C  N S 184 
LEU C    C  N N 185 
LEU O    O  N N 186 
LEU CB   C  N N 187 
LEU CG   C  N N 188 
LEU CD1  C  N N 189 
LEU CD2  C  N N 190 
LEU OXT  O  N N 191 
LEU H    H  N N 192 
LEU H2   H  N N 193 
LEU HA   H  N N 194 
LEU HB2  H  N N 195 
LEU HB3  H  N N 196 
LEU HG   H  N N 197 
LEU HD11 H  N N 198 
LEU HD12 H  N N 199 
LEU HD13 H  N N 200 
LEU HD21 H  N N 201 
LEU HD22 H  N N 202 
LEU HD23 H  N N 203 
LEU HXT  H  N N 204 
LYS N    N  N N 205 
LYS CA   C  N S 206 
LYS C    C  N N 207 
LYS O    O  N N 208 
LYS CB   C  N N 209 
LYS CG   C  N N 210 
LYS CD   C  N N 211 
LYS CE   C  N N 212 
LYS NZ   N  N N 213 
LYS OXT  O  N N 214 
LYS H    H  N N 215 
LYS H2   H  N N 216 
LYS HA   H  N N 217 
LYS HB2  H  N N 218 
LYS HB3  H  N N 219 
LYS HG2  H  N N 220 
LYS HG3  H  N N 221 
LYS HD2  H  N N 222 
LYS HD3  H  N N 223 
LYS HE2  H  N N 224 
LYS HE3  H  N N 225 
LYS HZ1  H  N N 226 
LYS HZ2  H  N N 227 
LYS HZ3  H  N N 228 
LYS HXT  H  N N 229 
MET N    N  N N 230 
MET CA   C  N S 231 
MET C    C  N N 232 
MET O    O  N N 233 
MET CB   C  N N 234 
MET CG   C  N N 235 
MET SD   S  N N 236 
MET CE   C  N N 237 
MET OXT  O  N N 238 
MET H    H  N N 239 
MET H2   H  N N 240 
MET HA   H  N N 241 
MET HB2  H  N N 242 
MET HB3  H  N N 243 
MET HG2  H  N N 244 
MET HG3  H  N N 245 
MET HE1  H  N N 246 
MET HE2  H  N N 247 
MET HE3  H  N N 248 
MET HXT  H  N N 249 
PHE N    N  N N 250 
PHE CA   C  N S 251 
PHE C    C  N N 252 
PHE O    O  N N 253 
PHE CB   C  N N 254 
PHE CG   C  Y N 255 
PHE CD1  C  Y N 256 
PHE CD2  C  Y N 257 
PHE CE1  C  Y N 258 
PHE CE2  C  Y N 259 
PHE CZ   C  Y N 260 
PHE OXT  O  N N 261 
PHE H    H  N N 262 
PHE H2   H  N N 263 
PHE HA   H  N N 264 
PHE HB2  H  N N 265 
PHE HB3  H  N N 266 
PHE HD1  H  N N 267 
PHE HD2  H  N N 268 
PHE HE1  H  N N 269 
PHE HE2  H  N N 270 
PHE HZ   H  N N 271 
PHE HXT  H  N N 272 
PRO N    N  N N 273 
PRO CA   C  N S 274 
PRO C    C  N N 275 
PRO O    O  N N 276 
PRO CB   C  N N 277 
PRO CG   C  N N 278 
PRO CD   C  N N 279 
PRO OXT  O  N N 280 
PRO H    H  N N 281 
PRO HA   H  N N 282 
PRO HB2  H  N N 283 
PRO HB3  H  N N 284 
PRO HG2  H  N N 285 
PRO HG3  H  N N 286 
PRO HD2  H  N N 287 
PRO HD3  H  N N 288 
PRO HXT  H  N N 289 
SER N    N  N N 290 
SER CA   C  N S 291 
SER C    C  N N 292 
SER O    O  N N 293 
SER CB   C  N N 294 
SER OG   O  N N 295 
SER OXT  O  N N 296 
SER H    H  N N 297 
SER H2   H  N N 298 
SER HA   H  N N 299 
SER HB2  H  N N 300 
SER HB3  H  N N 301 
SER HG   H  N N 302 
SER HXT  H  N N 303 
THR N    N  N N 304 
THR CA   C  N S 305 
THR C    C  N N 306 
THR O    O  N N 307 
THR CB   C  N R 308 
THR OG1  O  N N 309 
THR CG2  C  N N 310 
THR OXT  O  N N 311 
THR H    H  N N 312 
THR H2   H  N N 313 
THR HA   H  N N 314 
THR HB   H  N N 315 
THR HG1  H  N N 316 
THR HG21 H  N N 317 
THR HG22 H  N N 318 
THR HG23 H  N N 319 
THR HXT  H  N N 320 
TRP N    N  N N 321 
TRP CA   C  N S 322 
TRP C    C  N N 323 
TRP O    O  N N 324 
TRP CB   C  N N 325 
TRP CG   C  Y N 326 
TRP CD1  C  Y N 327 
TRP CD2  C  Y N 328 
TRP NE1  N  Y N 329 
TRP CE2  C  Y N 330 
TRP CE3  C  Y N 331 
TRP CZ2  C  Y N 332 
TRP CZ3  C  Y N 333 
TRP CH2  C  Y N 334 
TRP OXT  O  N N 335 
TRP H    H  N N 336 
TRP H2   H  N N 337 
TRP HA   H  N N 338 
TRP HB2  H  N N 339 
TRP HB3  H  N N 340 
TRP HD1  H  N N 341 
TRP HE1  H  N N 342 
TRP HE3  H  N N 343 
TRP HZ2  H  N N 344 
TRP HZ3  H  N N 345 
TRP HH2  H  N N 346 
TRP HXT  H  N N 347 
TYR N    N  N N 348 
TYR CA   C  N S 349 
TYR C    C  N N 350 
TYR O    O  N N 351 
TYR CB   C  N N 352 
TYR CG   C  Y N 353 
TYR CD1  C  Y N 354 
TYR CD2  C  Y N 355 
TYR CE1  C  Y N 356 
TYR CE2  C  Y N 357 
TYR CZ   C  Y N 358 
TYR OH   O  N N 359 
TYR OXT  O  N N 360 
TYR H    H  N N 361 
TYR H2   H  N N 362 
TYR HA   H  N N 363 
TYR HB2  H  N N 364 
TYR HB3  H  N N 365 
TYR HD1  H  N N 366 
TYR HD2  H  N N 367 
TYR HE1  H  N N 368 
TYR HE2  H  N N 369 
TYR HH   H  N N 370 
TYR HXT  H  N N 371 
VAL N    N  N N 372 
VAL CA   C  N S 373 
VAL C    C  N N 374 
VAL O    O  N N 375 
VAL CB   C  N N 376 
VAL CG1  C  N N 377 
VAL CG2  C  N N 378 
VAL OXT  O  N N 379 
VAL H    H  N N 380 
VAL H2   H  N N 381 
VAL HA   H  N N 382 
VAL HB   H  N N 383 
VAL HG11 H  N N 384 
VAL HG12 H  N N 385 
VAL HG13 H  N N 386 
VAL HG21 H  N N 387 
VAL HG22 H  N N 388 
VAL HG23 H  N N 389 
VAL HXT  H  N N 390 
Y2J N1   N  N N 391 
Y2J C4   C  N N 392 
Y2J C5   C  N N 393 
Y2J C6   C  N N 394 
Y2J C7   C  Y N 395 
Y2J C8   C  Y N 396 
Y2J C10  C  Y N 397 
Y2J N    N  N N 398 
Y2J C    C  N N 399 
Y2J O    O  N N 400 
Y2J C1   C  N N 401 
Y2J C11  C  N N 402 
Y2J C12  C  N N 403 
Y2J C2   C  N N 404 
Y2J C3   C  N N 405 
Y2J C9   C  Y N 406 
Y2J N2   N  N N 407 
Y2J O1   O  N N 408 
Y2J O2   O  N N 409 
Y2J O3   O  Y N 410 
Y2J CL   CL N N 411 
Y2J H8   H  N N 412 
Y2J H9   H  N N 413 
Y2J H11  H  N N 414 
Y2J H10  H  N N 415 
Y2J H12  H  N N 416 
Y2J H7   H  N N 417 
Y2J H1   H  N N 418 
Y2J H    H  N N 419 
Y2J H2   H  N N 420 
Y2J H4   H  N N 421 
Y2J H3   H  N N 422 
Y2J H14  H  N N 423 
Y2J H15  H  N N 424 
Y2J H17  H  N N 425 
Y2J H16  H  N N 426 
Y2J H6   H  N N 427 
Y2J H5   H  N N 428 
Y2J H13  H  N N 429 
# 
loop_
_chem_comp_bond.comp_id 
_chem_comp_bond.atom_id_1 
_chem_comp_bond.atom_id_2 
_chem_comp_bond.value_order 
_chem_comp_bond.pdbx_aromatic_flag 
_chem_comp_bond.pdbx_stereo_config 
_chem_comp_bond.pdbx_ordinal 
ALA N   CA   sing N N 1   
ALA N   H    sing N N 2   
ALA N   H2   sing N N 3   
ALA CA  C    sing N N 4   
ALA CA  CB   sing N N 5   
ALA CA  HA   sing N N 6   
ALA C   O    doub N N 7   
ALA C   OXT  sing N N 8   
ALA CB  HB1  sing N N 9   
ALA CB  HB2  sing N N 10  
ALA CB  HB3  sing N N 11  
ALA OXT HXT  sing N N 12  
ARG N   CA   sing N N 13  
ARG N   H    sing N N 14  
ARG N   H2   sing N N 15  
ARG CA  C    sing N N 16  
ARG CA  CB   sing N N 17  
ARG CA  HA   sing N N 18  
ARG C   O    doub N N 19  
ARG C   OXT  sing N N 20  
ARG CB  CG   sing N N 21  
ARG CB  HB2  sing N N 22  
ARG CB  HB3  sing N N 23  
ARG CG  CD   sing N N 24  
ARG CG  HG2  sing N N 25  
ARG CG  HG3  sing N N 26  
ARG CD  NE   sing N N 27  
ARG CD  HD2  sing N N 28  
ARG CD  HD3  sing N N 29  
ARG NE  CZ   sing N N 30  
ARG NE  HE   sing N N 31  
ARG CZ  NH1  sing N N 32  
ARG CZ  NH2  doub N N 33  
ARG NH1 HH11 sing N N 34  
ARG NH1 HH12 sing N N 35  
ARG NH2 HH21 sing N N 36  
ARG NH2 HH22 sing N N 37  
ARG OXT HXT  sing N N 38  
ASN N   CA   sing N N 39  
ASN N   H    sing N N 40  
ASN N   H2   sing N N 41  
ASN CA  C    sing N N 42  
ASN CA  CB   sing N N 43  
ASN CA  HA   sing N N 44  
ASN C   O    doub N N 45  
ASN C   OXT  sing N N 46  
ASN CB  CG   sing N N 47  
ASN CB  HB2  sing N N 48  
ASN CB  HB3  sing N N 49  
ASN CG  OD1  doub N N 50  
ASN CG  ND2  sing N N 51  
ASN ND2 HD21 sing N N 52  
ASN ND2 HD22 sing N N 53  
ASN OXT HXT  sing N N 54  
ASP N   CA   sing N N 55  
ASP N   H    sing N N 56  
ASP N   H2   sing N N 57  
ASP CA  C    sing N N 58  
ASP CA  CB   sing N N 59  
ASP CA  HA   sing N N 60  
ASP C   O    doub N N 61  
ASP C   OXT  sing N N 62  
ASP CB  CG   sing N N 63  
ASP CB  HB2  sing N N 64  
ASP CB  HB3  sing N N 65  
ASP CG  OD1  doub N N 66  
ASP CG  OD2  sing N N 67  
ASP OD2 HD2  sing N N 68  
ASP OXT HXT  sing N N 69  
CYS N   CA   sing N N 70  
CYS N   H    sing N N 71  
CYS N   H2   sing N N 72  
CYS CA  C    sing N N 73  
CYS CA  CB   sing N N 74  
CYS CA  HA   sing N N 75  
CYS C   O    doub N N 76  
CYS C   OXT  sing N N 77  
CYS CB  SG   sing N N 78  
CYS CB  HB2  sing N N 79  
CYS CB  HB3  sing N N 80  
CYS SG  HG   sing N N 81  
CYS OXT HXT  sing N N 82  
GLN N   CA   sing N N 83  
GLN N   H    sing N N 84  
GLN N   H2   sing N N 85  
GLN CA  C    sing N N 86  
GLN CA  CB   sing N N 87  
GLN CA  HA   sing N N 88  
GLN C   O    doub N N 89  
GLN C   OXT  sing N N 90  
GLN CB  CG   sing N N 91  
GLN CB  HB2  sing N N 92  
GLN CB  HB3  sing N N 93  
GLN CG  CD   sing N N 94  
GLN CG  HG2  sing N N 95  
GLN CG  HG3  sing N N 96  
GLN CD  OE1  doub N N 97  
GLN CD  NE2  sing N N 98  
GLN NE2 HE21 sing N N 99  
GLN NE2 HE22 sing N N 100 
GLN OXT HXT  sing N N 101 
GLU N   CA   sing N N 102 
GLU N   H    sing N N 103 
GLU N   H2   sing N N 104 
GLU CA  C    sing N N 105 
GLU CA  CB   sing N N 106 
GLU CA  HA   sing N N 107 
GLU C   O    doub N N 108 
GLU C   OXT  sing N N 109 
GLU CB  CG   sing N N 110 
GLU CB  HB2  sing N N 111 
GLU CB  HB3  sing N N 112 
GLU CG  CD   sing N N 113 
GLU CG  HG2  sing N N 114 
GLU CG  HG3  sing N N 115 
GLU CD  OE1  doub N N 116 
GLU CD  OE2  sing N N 117 
GLU OE2 HE2  sing N N 118 
GLU OXT HXT  sing N N 119 
GLY N   CA   sing N N 120 
GLY N   H    sing N N 121 
GLY N   H2   sing N N 122 
GLY CA  C    sing N N 123 
GLY CA  HA2  sing N N 124 
GLY CA  HA3  sing N N 125 
GLY C   O    doub N N 126 
GLY C   OXT  sing N N 127 
GLY OXT HXT  sing N N 128 
HIS N   CA   sing N N 129 
HIS N   H    sing N N 130 
HIS N   H2   sing N N 131 
HIS CA  C    sing N N 132 
HIS CA  CB   sing N N 133 
HIS CA  HA   sing N N 134 
HIS C   O    doub N N 135 
HIS C   OXT  sing N N 136 
HIS CB  CG   sing N N 137 
HIS CB  HB2  sing N N 138 
HIS CB  HB3  sing N N 139 
HIS CG  ND1  sing Y N 140 
HIS CG  CD2  doub Y N 141 
HIS ND1 CE1  doub Y N 142 
HIS ND1 HD1  sing N N 143 
HIS CD2 NE2  sing Y N 144 
HIS CD2 HD2  sing N N 145 
HIS CE1 NE2  sing Y N 146 
HIS CE1 HE1  sing N N 147 
HIS NE2 HE2  sing N N 148 
HIS OXT HXT  sing N N 149 
HOH O   H1   sing N N 150 
HOH O   H2   sing N N 151 
ILE N   CA   sing N N 152 
ILE N   H    sing N N 153 
ILE N   H2   sing N N 154 
ILE CA  C    sing N N 155 
ILE CA  CB   sing N N 156 
ILE CA  HA   sing N N 157 
ILE C   O    doub N N 158 
ILE C   OXT  sing N N 159 
ILE CB  CG1  sing N N 160 
ILE CB  CG2  sing N N 161 
ILE CB  HB   sing N N 162 
ILE CG1 CD1  sing N N 163 
ILE CG1 HG12 sing N N 164 
ILE CG1 HG13 sing N N 165 
ILE CG2 HG21 sing N N 166 
ILE CG2 HG22 sing N N 167 
ILE CG2 HG23 sing N N 168 
ILE CD1 HD11 sing N N 169 
ILE CD1 HD12 sing N N 170 
ILE CD1 HD13 sing N N 171 
ILE OXT HXT  sing N N 172 
LEU N   CA   sing N N 173 
LEU N   H    sing N N 174 
LEU N   H2   sing N N 175 
LEU CA  C    sing N N 176 
LEU CA  CB   sing N N 177 
LEU CA  HA   sing N N 178 
LEU C   O    doub N N 179 
LEU C   OXT  sing N N 180 
LEU CB  CG   sing N N 181 
LEU CB  HB2  sing N N 182 
LEU CB  HB3  sing N N 183 
LEU CG  CD1  sing N N 184 
LEU CG  CD2  sing N N 185 
LEU CG  HG   sing N N 186 
LEU CD1 HD11 sing N N 187 
LEU CD1 HD12 sing N N 188 
LEU CD1 HD13 sing N N 189 
LEU CD2 HD21 sing N N 190 
LEU CD2 HD22 sing N N 191 
LEU CD2 HD23 sing N N 192 
LEU OXT HXT  sing N N 193 
LYS N   CA   sing N N 194 
LYS N   H    sing N N 195 
LYS N   H2   sing N N 196 
LYS CA  C    sing N N 197 
LYS CA  CB   sing N N 198 
LYS CA  HA   sing N N 199 
LYS C   O    doub N N 200 
LYS C   OXT  sing N N 201 
LYS CB  CG   sing N N 202 
LYS CB  HB2  sing N N 203 
LYS CB  HB3  sing N N 204 
LYS CG  CD   sing N N 205 
LYS CG  HG2  sing N N 206 
LYS CG  HG3  sing N N 207 
LYS CD  CE   sing N N 208 
LYS CD  HD2  sing N N 209 
LYS CD  HD3  sing N N 210 
LYS CE  NZ   sing N N 211 
LYS CE  HE2  sing N N 212 
LYS CE  HE3  sing N N 213 
LYS NZ  HZ1  sing N N 214 
LYS NZ  HZ2  sing N N 215 
LYS NZ  HZ3  sing N N 216 
LYS OXT HXT  sing N N 217 
MET N   CA   sing N N 218 
MET N   H    sing N N 219 
MET N   H2   sing N N 220 
MET CA  C    sing N N 221 
MET CA  CB   sing N N 222 
MET CA  HA   sing N N 223 
MET C   O    doub N N 224 
MET C   OXT  sing N N 225 
MET CB  CG   sing N N 226 
MET CB  HB2  sing N N 227 
MET CB  HB3  sing N N 228 
MET CG  SD   sing N N 229 
MET CG  HG2  sing N N 230 
MET CG  HG3  sing N N 231 
MET SD  CE   sing N N 232 
MET CE  HE1  sing N N 233 
MET CE  HE2  sing N N 234 
MET CE  HE3  sing N N 235 
MET OXT HXT  sing N N 236 
PHE N   CA   sing N N 237 
PHE N   H    sing N N 238 
PHE N   H2   sing N N 239 
PHE CA  C    sing N N 240 
PHE CA  CB   sing N N 241 
PHE CA  HA   sing N N 242 
PHE C   O    doub N N 243 
PHE C   OXT  sing N N 244 
PHE CB  CG   sing N N 245 
PHE CB  HB2  sing N N 246 
PHE CB  HB3  sing N N 247 
PHE CG  CD1  doub Y N 248 
PHE CG  CD2  sing Y N 249 
PHE CD1 CE1  sing Y N 250 
PHE CD1 HD1  sing N N 251 
PHE CD2 CE2  doub Y N 252 
PHE CD2 HD2  sing N N 253 
PHE CE1 CZ   doub Y N 254 
PHE CE1 HE1  sing N N 255 
PHE CE2 CZ   sing Y N 256 
PHE CE2 HE2  sing N N 257 
PHE CZ  HZ   sing N N 258 
PHE OXT HXT  sing N N 259 
PRO N   CA   sing N N 260 
PRO N   CD   sing N N 261 
PRO N   H    sing N N 262 
PRO CA  C    sing N N 263 
PRO CA  CB   sing N N 264 
PRO CA  HA   sing N N 265 
PRO C   O    doub N N 266 
PRO C   OXT  sing N N 267 
PRO CB  CG   sing N N 268 
PRO CB  HB2  sing N N 269 
PRO CB  HB3  sing N N 270 
PRO CG  CD   sing N N 271 
PRO CG  HG2  sing N N 272 
PRO CG  HG3  sing N N 273 
PRO CD  HD2  sing N N 274 
PRO CD  HD3  sing N N 275 
PRO OXT HXT  sing N N 276 
SER N   CA   sing N N 277 
SER N   H    sing N N 278 
SER N   H2   sing N N 279 
SER CA  C    sing N N 280 
SER CA  CB   sing N N 281 
SER CA  HA   sing N N 282 
SER C   O    doub N N 283 
SER C   OXT  sing N N 284 
SER CB  OG   sing N N 285 
SER CB  HB2  sing N N 286 
SER CB  HB3  sing N N 287 
SER OG  HG   sing N N 288 
SER OXT HXT  sing N N 289 
THR N   CA   sing N N 290 
THR N   H    sing N N 291 
THR N   H2   sing N N 292 
THR CA  C    sing N N 293 
THR CA  CB   sing N N 294 
THR CA  HA   sing N N 295 
THR C   O    doub N N 296 
THR C   OXT  sing N N 297 
THR CB  OG1  sing N N 298 
THR CB  CG2  sing N N 299 
THR CB  HB   sing N N 300 
THR OG1 HG1  sing N N 301 
THR CG2 HG21 sing N N 302 
THR CG2 HG22 sing N N 303 
THR CG2 HG23 sing N N 304 
THR OXT HXT  sing N N 305 
TRP N   CA   sing N N 306 
TRP N   H    sing N N 307 
TRP N   H2   sing N N 308 
TRP CA  C    sing N N 309 
TRP CA  CB   sing N N 310 
TRP CA  HA   sing N N 311 
TRP C   O    doub N N 312 
TRP C   OXT  sing N N 313 
TRP CB  CG   sing N N 314 
TRP CB  HB2  sing N N 315 
TRP CB  HB3  sing N N 316 
TRP CG  CD1  doub Y N 317 
TRP CG  CD2  sing Y N 318 
TRP CD1 NE1  sing Y N 319 
TRP CD1 HD1  sing N N 320 
TRP CD2 CE2  doub Y N 321 
TRP CD2 CE3  sing Y N 322 
TRP NE1 CE2  sing Y N 323 
TRP NE1 HE1  sing N N 324 
TRP CE2 CZ2  sing Y N 325 
TRP CE3 CZ3  doub Y N 326 
TRP CE3 HE3  sing N N 327 
TRP CZ2 CH2  doub Y N 328 
TRP CZ2 HZ2  sing N N 329 
TRP CZ3 CH2  sing Y N 330 
TRP CZ3 HZ3  sing N N 331 
TRP CH2 HH2  sing N N 332 
TRP OXT HXT  sing N N 333 
TYR N   CA   sing N N 334 
TYR N   H    sing N N 335 
TYR N   H2   sing N N 336 
TYR CA  C    sing N N 337 
TYR CA  CB   sing N N 338 
TYR CA  HA   sing N N 339 
TYR C   O    doub N N 340 
TYR C   OXT  sing N N 341 
TYR CB  CG   sing N N 342 
TYR CB  HB2  sing N N 343 
TYR CB  HB3  sing N N 344 
TYR CG  CD1  doub Y N 345 
TYR CG  CD2  sing Y N 346 
TYR CD1 CE1  sing Y N 347 
TYR CD1 HD1  sing N N 348 
TYR CD2 CE2  doub Y N 349 
TYR CD2 HD2  sing N N 350 
TYR CE1 CZ   doub Y N 351 
TYR CE1 HE1  sing N N 352 
TYR CE2 CZ   sing Y N 353 
TYR CE2 HE2  sing N N 354 
TYR CZ  OH   sing N N 355 
TYR OH  HH   sing N N 356 
TYR OXT HXT  sing N N 357 
VAL N   CA   sing N N 358 
VAL N   H    sing N N 359 
VAL N   H2   sing N N 360 
VAL CA  C    sing N N 361 
VAL CA  CB   sing N N 362 
VAL CA  HA   sing N N 363 
VAL C   O    doub N N 364 
VAL C   OXT  sing N N 365 
VAL CB  CG1  sing N N 366 
VAL CB  CG2  sing N N 367 
VAL CB  HB   sing N N 368 
VAL CG1 HG11 sing N N 369 
VAL CG1 HG12 sing N N 370 
VAL CG1 HG13 sing N N 371 
VAL CG2 HG21 sing N N 372 
VAL CG2 HG22 sing N N 373 
VAL CG2 HG23 sing N N 374 
VAL OXT HXT  sing N N 375 
Y2J C   O    sing N N 376 
Y2J O   C1   sing N N 377 
Y2J C1  C2   sing N N 378 
Y2J C2  N    sing N N 379 
Y2J N   C3   sing N N 380 
Y2J O1  C3   doub N N 381 
Y2J C3  N1   sing N N 382 
Y2J N1  C4   sing N N 383 
Y2J C4  C5   sing N N 384 
Y2J C5  N2   sing N N 385 
Y2J N2  C6   sing N N 386 
Y2J O2  C6   doub N N 387 
Y2J C6  C7   sing N N 388 
Y2J C7  C8   doub Y N 389 
Y2J C8  C9   sing Y N 390 
Y2J C9  C10  doub Y N 391 
Y2J C10 CL   sing N N 392 
Y2J O3  C10  sing Y N 393 
Y2J C7  O3   sing Y N 394 
Y2J C11 N2   sing N N 395 
Y2J C12 C11  sing N N 396 
Y2J N1  C12  sing N N 397 
Y2J C4  H8   sing N N 398 
Y2J C4  H9   sing N N 399 
Y2J C5  H11  sing N N 400 
Y2J C5  H10  sing N N 401 
Y2J C8  H12  sing N N 402 
Y2J N   H7   sing N N 403 
Y2J C   H1   sing N N 404 
Y2J C   H    sing N N 405 
Y2J C   H2   sing N N 406 
Y2J C1  H4   sing N N 407 
Y2J C1  H3   sing N N 408 
Y2J C11 H14  sing N N 409 
Y2J C11 H15  sing N N 410 
Y2J C12 H17  sing N N 411 
Y2J C12 H16  sing N N 412 
Y2J C2  H6   sing N N 413 
Y2J C2  H5   sing N N 414 
Y2J C9  H13  sing N N 415 
# 
_pdbx_deposit_group.group_id            G_1002190 
_pdbx_deposit_group.group_description   
;XDomainX of XOrganismX PHIP screened against crude reaction mixtures by X-ray Crystallography at the XChem facility of Diamond Light Source beamline I04-1
;
_pdbx_deposit_group.group_title         'PanDDA analysis group deposition' 
_pdbx_deposit_group.group_type          'changed state' 
# 
_atom_sites.entry_id                    5S93 
_atom_sites.fract_transf_matrix[1][1]   0.00943903 
_atom_sites.fract_transf_matrix[1][2]   -0.00327537 
_atom_sites.fract_transf_matrix[1][3]   0.00734888 
_atom_sites.fract_transf_matrix[2][1]   0.02328319 
_atom_sites.fract_transf_matrix[2][2]   0.01977269 
_atom_sites.fract_transf_matrix[2][3]   -0.02109272 
_atom_sites.fract_transf_matrix[3][1]   -0.00058848 
_atom_sites.fract_transf_matrix[3][2]   0.01364483 
_atom_sites.fract_transf_matrix[3][3]   0.01214131 
_atom_sites.fract_transf_vector[1]      -0.146905 
_atom_sites.fract_transf_vector[2]      0.458577 
_atom_sites.fract_transf_vector[3]      0.229841 
# 
loop_
_atom_type.symbol 
C  
CL 
N  
O  
S  
# 
loop_
_atom_site.group_PDB 
_atom_site.id 
_atom_site.type_symbol 
_atom_site.label_atom_id 
_atom_site.label_alt_id 
_atom_site.label_comp_id 
_atom_site.label_asym_id 
_atom_site.label_entity_id 
_atom_site.label_seq_id 
_atom_site.pdbx_PDB_ins_code 
_atom_site.Cartn_x 
_atom_site.Cartn_y 
_atom_site.Cartn_z 
_atom_site.occupancy 
_atom_site.B_iso_or_equiv 
_atom_site.pdbx_formal_charge 
_atom_site.auth_seq_id 
_atom_site.auth_comp_id 
_atom_site.auth_asym_id 
_atom_site.auth_atom_id 
_atom_site.pdbx_PDB_model_num 
ATOM   1    N  N   . TYR A 1 25  ? 5.128   -19.856 -12.148 1.00 22.83 ? 1316 TYR A N   1 
ATOM   2    C  CA  . TYR A 1 25  ? 5.236   -20.681 -10.910 1.00 21.42 ? 1316 TYR A CA  1 
ATOM   3    C  C   . TYR A 1 25  ? 6.458   -20.265 -10.079 1.00 16.92 ? 1316 TYR A C   1 
ATOM   4    O  O   . TYR A 1 25  ? 6.845   -20.990 -9.219  1.00 17.10 ? 1316 TYR A O   1 
ATOM   5    C  CB  . TYR A 1 25  ? 5.182   -22.178 -11.172 1.00 26.88 ? 1316 TYR A CB  1 
ATOM   6    C  CG  . TYR A 1 25  ? 3.979   -22.661 -11.944 1.00 29.93 ? 1316 TYR A CG  1 
ATOM   7    C  CD1 . TYR A 1 25  ? 2.675   -22.261 -11.643 1.00 33.25 ? 1316 TYR A CD1 1 
ATOM   8    C  CD2 . TYR A 1 25  ? 4.172   -23.566 -12.977 1.00 29.25 ? 1316 TYR A CD2 1 
ATOM   9    C  CE1 . TYR A 1 25  ? 1.590   -22.752 -12.365 1.00 30.08 ? 1316 TYR A CE1 1 
ATOM   10   C  CE2 . TYR A 1 25  ? 3.102   -24.041 -13.720 1.00 29.59 ? 1316 TYR A CE2 1 
ATOM   11   C  CZ  . TYR A 1 25  ? 1.812   -23.640 -13.410 1.00 30.22 ? 1316 TYR A CZ  1 
ATOM   12   O  OH  . TYR A 1 25  ? 0.772   -24.162 -14.139 1.00 28.36 ? 1316 TYR A OH  1 
ATOM   13   N  N   . ASP A 1 26  ? 6.972   -19.058 -10.307 1.00 15.19 ? 1317 ASP A N   1 
ATOM   14   C  CA  . ASP A 1 26  ? 8.072   -18.485 -9.480  1.00 14.08 ? 1317 ASP A CA  1 
ATOM   15   C  C   . ASP A 1 26  ? 7.477   -17.911 -8.212  1.00 14.16 ? 1317 ASP A C   1 
ATOM   16   O  O   . ASP A 1 26  ? 6.802   -16.861 -8.259  1.00 14.79 ? 1317 ASP A O   1 
ATOM   17   C  CB  . ASP A 1 26  ? 8.859   -17.460 -10.270 1.00 14.31 ? 1317 ASP A CB  1 
ATOM   18   C  CG  . ASP A 1 26  ? 10.005  -16.831 -9.535  1.00 13.25 ? 1317 ASP A CG  1 
ATOM   19   O  OD1 . ASP A 1 26  ? 10.062  -16.922 -8.289  1.00 14.96 ? 1317 ASP A OD1 1 
ATOM   20   O  OD2 . ASP A 1 26  ? 10.878  -16.334 -10.249 1.00 18.28 ? 1317 ASP A OD2 1 
ATOM   21   N  N   . ILE A 1 27  ? 7.692   -18.562 -7.076  0.50 12.96 ? 1318 ILE A N   1 
ATOM   22   C  CA  . ILE A 1 27  ? 7.058   -18.114 -5.805  0.50 13.54 ? 1318 ILE A CA  1 
ATOM   23   C  C   . ILE A 1 27  ? 7.837   -16.956 -5.188  0.50 13.33 ? 1318 ILE A C   1 
ATOM   24   O  O   . ILE A 1 27  ? 7.349   -16.464 -4.151  0.50 14.13 ? 1318 ILE A O   1 
ATOM   25   C  CB  . ILE A 1 27  ? 6.894   -19.279 -4.824  0.50 13.49 ? 1318 ILE A CB  1 
ATOM   26   C  CG1 . ILE A 1 27  ? 8.240   -19.895 -4.439  0.50 14.45 ? 1318 ILE A CG1 1 
ATOM   27   C  CG2 . ILE A 1 27  ? 5.950   -20.312 -5.401  0.50 14.15 ? 1318 ILE A CG2 1 
ATOM   28   C  CD1 . ILE A 1 27  ? 8.119   -21.055 -3.508  0.50 14.99 ? 1318 ILE A CD1 1 
ATOM   29   N  N   . GLN A 1 28  ? 8.949   -16.525 -5.796  1.00 12.78 ? 1319 GLN A N   1 
ATOM   30   C  CA  . GLN A 1 28  ? 9.671   -15.312 -5.319  1.00 13.32 ? 1319 GLN A CA  1 
ATOM   31   C  C   . GLN A 1 28  ? 9.336   -14.085 -6.151  1.00 14.14 ? 1319 GLN A C   1 
ATOM   32   O  O   . GLN A 1 28  ? 9.721   -12.964 -5.749  1.00 13.83 ? 1319 GLN A O   1 
ATOM   33   C  CB  . GLN A 1 28  ? 11.189  -15.512 -5.261  1.00 14.85 ? 1319 GLN A CB  1 
ATOM   34   C  CG  . GLN A 1 28  ? 11.591  -16.324 -4.028  1.00 15.27 ? 1319 GLN A CG  1 
ATOM   35   C  CD  . GLN A 1 28  ? 11.732  -17.809 -4.274  1.00 14.17 ? 1319 GLN A CD  1 
ATOM   36   O  OE1 . GLN A 1 28  ? 12.320  -18.239 -5.269  1.00 15.38 ? 1319 GLN A OE1 1 
ATOM   37   N  NE2 . GLN A 1 28  ? 11.164  -18.592 -3.404  1.00 14.87 ? 1319 GLN A NE2 1 
ATOM   38   N  N   . ALA A 1 29  ? 8.701   -14.239 -7.330  1.00 14.41 ? 1320 ALA A N   1 
ATOM   39   C  CA  . ALA A 1 29  ? 8.618   -13.143 -8.318  1.00 13.60 ? 1320 ALA A CA  1 
ATOM   40   C  C   . ALA A 1 29  ? 7.843   -11.927 -7.750  1.00 12.88 ? 1320 ALA A C   1 
ATOM   41   O  O   . ALA A 1 29  ? 8.092   -10.842 -8.229  1.00 14.24 ? 1320 ALA A O   1 
ATOM   42   C  CB  . ALA A 1 29  ? 7.967   -13.681 -9.572  1.00 14.46 ? 1320 ALA A CB  1 
ATOM   43   N  N   . TRP A 1 30  ? 6.933   -12.166 -6.826  1.00 12.67 ? 1321 TRP A N   1 
ATOM   44   C  CA  . TRP A 1 30  ? 6.092   -11.078 -6.268  1.00 12.53 ? 1321 TRP A CA  1 
ATOM   45   C  C   . TRP A 1 30  ? 6.962   -9.958  -5.725  1.00 14.35 ? 1321 TRP A C   1 
ATOM   46   O  O   . TRP A 1 30  ? 6.495   -8.820  -5.775  1.00 12.77 ? 1321 TRP A O   1 
ATOM   47   C  CB  . TRP A 1 30  ? 5.168   -11.643 -5.213  1.00 12.92 ? 1321 TRP A CB  1 
ATOM   48   C  CG  . TRP A 1 30  ? 5.899   -12.146 -4.002  1.00 13.90 ? 1321 TRP A CG  1 
ATOM   49   C  CD1 . TRP A 1 30  ? 6.478   -13.365 -3.840  1.00 14.57 ? 1321 TRP A CD1 1 
ATOM   50   C  CD2 . TRP A 1 30  ? 6.275   -11.396 -2.826  1.00 13.75 ? 1321 TRP A CD2 1 
ATOM   51   N  NE1 . TRP A 1 30  ? 7.166   -13.435 -2.665  1.00 14.80 ? 1321 TRP A NE1 1 
ATOM   52   C  CE2 . TRP A 1 30  ? 7.044   -12.246 -2.022  1.00 14.81 ? 1321 TRP A CE2 1 
ATOM   53   C  CE3 . TRP A 1 30  ? 6.013   -10.107 -2.364  1.00 14.55 ? 1321 TRP A CE3 1 
ATOM   54   C  CZ2 . TRP A 1 30  ? 7.563   -11.879 -0.789  1.00 15.56 ? 1321 TRP A CZ2 1 
ATOM   55   C  CZ3 . TRP A 1 30  ? 6.482   -9.743  -1.115  1.00 15.06 ? 1321 TRP A CZ3 1 
ATOM   56   C  CH2 . TRP A 1 30  ? 7.268   -10.613 -0.355  1.00 16.68 ? 1321 TRP A CH2 1 
ATOM   57   N  N   . LYS A 1 31  ? 8.176   -10.236 -5.241  1.00 13.89 ? 1322 LYS A N   1 
ATOM   58   C  CA  . LYS A 1 31  ? 8.911   -9.210  -4.496  1.00 13.37 ? 1322 LYS A CA  1 
ATOM   59   C  C   . LYS A 1 31  ? 9.382   -8.109  -5.465  1.00 13.84 ? 1322 LYS A C   1 
ATOM   60   O  O   . LYS A 1 31  ? 9.091   -6.888  -5.277  1.00 14.85 ? 1322 LYS A O   1 
ATOM   61   C  CB  . LYS A 1 31  ? 10.029  -9.858  -3.672  1.00 13.55 ? 1322 LYS A CB  1 
ATOM   62   C  CG  . LYS A 1 31  ? 10.878  -8.809  -2.963  1.00 14.07 ? 1322 LYS A CG  1 
ATOM   63   C  CD  . LYS A 1 31  ? 11.914  -9.451  -2.129  1.00 14.79 ? 1322 LYS A CD  1 
ATOM   64   C  CE  . LYS A 1 31  ? 12.645  -8.468  -1.239  1.00 14.70 ? 1322 LYS A CE  1 
ATOM   65   N  NZ  . LYS A 1 31  ? 13.570  -9.215  -0.364  1.00 16.15 ? 1322 LYS A NZ  1 
ATOM   66   N  N   . LYS A 1 32  ? 9.980   -8.468  -6.588  1.00 14.63 ? 1323 LYS A N   1 
ATOM   67   C  CA  . LYS A 1 32  ? 10.362  -7.460  -7.585  1.00 14.75 ? 1323 LYS A CA  1 
ATOM   68   C  C   . LYS A 1 32  ? 9.100   -6.835  -8.197  1.00 13.85 ? 1323 LYS A C   1 
ATOM   69   O  O   . LYS A 1 32  ? 9.121   -5.641  -8.469  1.00 15.53 ? 1323 LYS A O   1 
ATOM   70   C  CB  . LYS A 1 32  ? 11.223  -8.122  -8.651  1.00 17.67 ? 1323 LYS A CB  1 
ATOM   71   C  CG  . LYS A 1 32  ? 11.917  -7.164  -9.588  1.00 22.43 ? 1323 LYS A CG  1 
ATOM   72   C  CD  . LYS A 1 32  ? 12.882  -7.878  -10.531 1.00 26.26 ? 1323 LYS A CD  1 
ATOM   73   N  N   . GLN A 1 33  ? 8.044   -7.612  -8.375  1.00 15.36 ? 1324 GLN A N   1 
ATOM   74   C  CA  . GLN A 1 33  ? 6.788   -7.043  -8.942  1.00 14.83 ? 1324 GLN A CA  1 
ATOM   75   C  C   . GLN A 1 33  ? 6.282   -5.956  -7.996  1.00 14.69 ? 1324 GLN A C   1 
ATOM   76   O  O   . GLN A 1 33  ? 5.869   -4.890  -8.459  1.00 14.57 ? 1324 GLN A O   1 
ATOM   77   C  CB  . GLN A 1 33  ? 5.767   -8.152  -9.145  1.00 14.89 ? 1324 GLN A CB  1 
ATOM   78   C  CG  . GLN A 1 33  ? 6.159   -9.017  -10.336 1.00 15.92 ? 1324 GLN A CG  1 
ATOM   79   C  CD  . GLN A 1 33  ? 5.423   -10.309 -10.317 1.00 17.48 ? 1324 GLN A CD  1 
ATOM   80   O  OE1 . GLN A 1 33  ? 4.608   -10.576 -9.475  1.00 17.30 ? 1324 GLN A OE1 1 
ATOM   81   N  NE2 . GLN A 1 33  ? 5.768   -11.186 -11.249 1.00 17.51 ? 1324 GLN A NE2 1 
ATOM   82   N  N   . CYS A 1 34  ? 6.351   -6.207  -6.698  1.00 13.83 ? 1325 CYS A N   1 
ATOM   83   C  CA  . CYS A 1 34  ? 5.948   -5.181  -5.708  1.00 12.10 ? 1325 CYS A CA  1 
ATOM   84   C  C   . CYS A 1 34  ? 6.924   -4.011  -5.692  1.00 13.45 ? 1325 CYS A C   1 
ATOM   85   O  O   . CYS A 1 34  ? 6.477   -2.874  -5.548  1.00 13.06 ? 1325 CYS A O   1 
ATOM   86   C  CB  . CYS A 1 34  ? 5.791   -5.824  -4.350  1.00 13.11 ? 1325 CYS A CB  1 
ATOM   87   S  SG  . CYS A 1 34  ? 4.332   -6.871  -4.180  1.00 14.48 ? 1325 CYS A SG  1 
ATOM   88   N  N   . GLU A 1 35  ? 8.205   -4.227  -5.796  1.00 13.57 ? 1326 GLU A N   1 
ATOM   89   C  CA  . GLU A 1 35  ? 9.170   -3.122  -5.862  1.00 15.09 ? 1326 GLU A CA  1 
ATOM   90   C  C   . GLU A 1 35  ? 8.825   -2.220  -7.039  1.00 15.94 ? 1326 GLU A C   1 
ATOM   91   O  O   . GLU A 1 35  ? 8.831   -0.981  -6.906  1.00 17.09 ? 1326 GLU A O   1 
ATOM   92   C  CB  . GLU A 1 35  ? 10.591  -3.646  -6.028  1.00 17.04 ? 1326 GLU A CB  1 
ATOM   93   C  CG  . GLU A 1 35  ? 11.118  -4.347  -4.802  1.00 20.48 ? 1326 GLU A CG  1 
ATOM   94   C  CD  . GLU A 1 35  ? 12.412  -5.146  -4.957  1.00 24.66 ? 1326 GLU A CD  1 
ATOM   95   O  OE1 . GLU A 1 35  ? 12.893  -5.328  -6.099  1.00 26.80 ? 1326 GLU A OE1 1 
ATOM   96   O  OE2 . GLU A 1 35  ? 12.941  -5.600  -3.903  1.00 27.18 ? 1326 GLU A OE2 1 
ATOM   97   N  N   . GLU A 1 36  ? 8.546   -2.831  -8.193  0.50 17.27 ? 1327 GLU A N   1 
ATOM   98   C  CA  . GLU A 1 36  ? 8.207   -2.110  -9.443  0.50 18.35 ? 1327 GLU A CA  1 
ATOM   99   C  C   . GLU A 1 36  ? 6.946   -1.283  -9.194  0.50 16.52 ? 1327 GLU A C   1 
ATOM   100  O  O   . GLU A 1 36  ? 6.958   -0.093  -9.517  0.50 16.56 ? 1327 GLU A O   1 
ATOM   101  C  CB  . GLU A 1 36  ? 7.999   -3.083  -10.605 0.50 22.02 ? 1327 GLU A CB  1 
ATOM   102  C  CG  . GLU A 1 36  ? 9.128   -3.072  -11.623 0.50 26.37 ? 1327 GLU A CG  1 
ATOM   103  C  CD  . GLU A 1 36  ? 10.384  -3.815  -11.199 0.50 28.70 ? 1327 GLU A CD  1 
ATOM   104  O  OE1 . GLU A 1 36  ? 10.931  -4.568  -12.033 0.50 29.99 ? 1327 GLU A OE1 1 
ATOM   105  O  OE2 . GLU A 1 36  ? 10.815  -3.635  -10.037 0.50 30.30 ? 1327 GLU A OE2 1 
ATOM   106  N  N   . LEU A 1 37  ? 5.920   -1.905  -8.619  1.00 15.19 ? 1328 LEU A N   1 
ATOM   107  C  CA  . LEU A 1 37  ? 4.628   -1.227  -8.400  1.00 13.95 ? 1328 LEU A CA  1 
ATOM   108  C  C   . LEU A 1 37  ? 4.809   -0.085  -7.398  1.00 14.27 ? 1328 LEU A C   1 
ATOM   109  O  O   . LEU A 1 37  ? 4.240   1.006   -7.613  1.00 14.16 ? 1328 LEU A O   1 
ATOM   110  C  CB  . LEU A 1 37  ? 3.628   -2.241  -7.896  1.00 14.22 ? 1328 LEU A CB  1 
ATOM   111  C  CG  . LEU A 1 37  ? 2.261   -1.661  -7.559  1.00 15.21 ? 1328 LEU A CG  1 
ATOM   112  C  CD1 . LEU A 1 37  ? 1.690   -0.806  -8.682  1.00 16.03 ? 1328 LEU A CD1 1 
ATOM   113  C  CD2 . LEU A 1 37  ? 1.308   -2.747  -7.235  1.00 15.29 ? 1328 LEU A CD2 1 
ATOM   114  N  N   . LEU A 1 38  ? 5.638   -0.276  -6.380  1.00 14.28 ? 1329 LEU A N   1 
ATOM   115  C  CA  . LEU A 1 38  ? 5.928   0.833   -5.449  1.00 13.44 ? 1329 LEU A CA  1 
ATOM   116  C  C   . LEU A 1 38  ? 6.649   1.956   -6.184  1.00 15.45 ? 1329 LEU A C   1 
ATOM   117  O  O   . LEU A 1 38  ? 6.342   3.102   -5.946  1.00 16.03 ? 1329 LEU A O   1 
ATOM   118  C  CB  . LEU A 1 38  ? 6.746   0.336   -4.264  1.00 13.79 ? 1329 LEU A CB  1 
ATOM   119  C  CG  . LEU A 1 38  ? 5.968   -0.513  -3.267  1.00 14.11 ? 1329 LEU A CG  1 
ATOM   120  C  CD1 . LEU A 1 38  ? 6.925   -1.204  -2.309  1.00 15.41 ? 1329 LEU A CD1 1 
ATOM   121  C  CD2 . LEU A 1 38  ? 4.951   0.316   -2.473  1.00 15.33 ? 1329 LEU A CD2 1 
ATOM   122  N  N   . ASN A 1 39  ? 7.553   1.653   -7.091  1.00 16.67 ? 1330 ASN A N   1 
ATOM   123  C  CA  . ASN A 1 39  ? 8.229   2.691   -7.906  1.00 18.23 ? 1330 ASN A CA  1 
ATOM   124  C  C   . ASN A 1 39  ? 7.159   3.483   -8.678  1.00 17.76 ? 1330 ASN A C   1 
ATOM   125  O  O   . ASN A 1 39  ? 7.246   4.758   -8.698  1.00 19.17 ? 1330 ASN A O   1 
ATOM   126  C  CB  . ASN A 1 39  ? 9.281   2.074   -8.832  1.00 19.48 ? 1330 ASN A CB  1 
ATOM   127  C  CG  . ASN A 1 39  ? 10.523  1.626   -8.100  1.00 21.99 ? 1330 ASN A CG  1 
ATOM   128  O  OD1 . ASN A 1 39  ? 10.819  2.102   -7.010  1.00 25.68 ? 1330 ASN A OD1 1 
ATOM   129  N  ND2 . ASN A 1 39  ? 11.282  0.735   -8.714  1.00 24.12 ? 1330 ASN A ND2 1 
ATOM   130  N  N   . LEU A 1 40  ? 6.210   2.807   -9.309  1.00 16.43 ? 1331 LEU A N   1 
ATOM   131  C  CA  . LEU A 1 40  ? 5.130   3.496   -10.069 1.00 18.28 ? 1331 LEU A CA  1 
ATOM   132  C  C   . LEU A 1 40  ? 4.342   4.368   -9.088  1.00 16.88 ? 1331 LEU A C   1 
ATOM   133  O  O   . LEU A 1 40  ? 4.037   5.509   -9.385  1.00 16.85 ? 1331 LEU A O   1 
ATOM   134  C  CB  . LEU A 1 40  ? 4.189   2.486   -10.713 1.00 18.65 ? 1331 LEU A CB  1 
ATOM   135  C  CG  . LEU A 1 40  ? 4.741   1.708   -11.898 1.00 20.14 ? 1331 LEU A CG  1 
ATOM   136  C  CD1 . LEU A 1 40  ? 3.673   0.764   -12.409 1.00 21.90 ? 1331 LEU A CD1 1 
ATOM   137  C  CD2 . LEU A 1 40  ? 5.243   2.668   -12.991 1.00 21.06 ? 1331 LEU A CD2 1 
ATOM   138  N  N   . ILE A 1 41  ? 4.048   3.850   -7.909  1.00 14.47 ? 1332 ILE A N   1 
ATOM   139  C  CA  . ILE A 1 41  ? 3.212   4.595   -6.933  1.00 14.45 ? 1332 ILE A CA  1 
ATOM   140  C  C   . ILE A 1 41  ? 3.993   5.850   -6.532  1.00 13.63 ? 1332 ILE A C   1 
ATOM   141  O  O   . ILE A 1 41  ? 3.372   6.928   -6.440  1.00 13.43 ? 1332 ILE A O   1 
ATOM   142  C  CB  . ILE A 1 41  ? 2.848   3.701   -5.745  1.00 13.83 ? 1332 ILE A CB  1 
ATOM   143  C  CG1 . ILE A 1 41  ? 1.771   2.718   -6.223  1.00 14.09 ? 1332 ILE A CG1 1 
ATOM   144  C  CG2 . ILE A 1 41  ? 2.407   4.509   -4.540  1.00 14.07 ? 1332 ILE A CG2 1 
ATOM   145  C  CD1 . ILE A 1 41  ? 1.538   1.606   -5.261  1.00 15.04 ? 1332 ILE A CD1 1 
ATOM   146  N  N   . PHE A 1 42  ? 5.274   5.740   -6.244  1.00 15.44 ? 1333 PHE A N   1 
ATOM   147  C  CA  . PHE A 1 42  ? 6.109   6.915   -5.846  1.00 16.70 ? 1333 PHE A CA  1 
ATOM   148  C  C   . PHE A 1 42  ? 6.180   7.952   -6.973  1.00 17.77 ? 1333 PHE A C   1 
ATOM   149  O  O   . PHE A 1 42  ? 6.181   9.169   -6.647  1.00 23.41 ? 1333 PHE A O   1 
ATOM   150  C  CB  . PHE A 1 42  ? 7.477   6.460   -5.348  1.00 16.34 ? 1333 PHE A CB  1 
ATOM   151  C  CG  . PHE A 1 42  ? 7.546   6.161   -3.880  1.00 16.87 ? 1333 PHE A CG  1 
ATOM   152  C  CD1 . PHE A 1 42  ? 7.295   4.888   -3.397  1.00 17.28 ? 1333 PHE A CD1 1 
ATOM   153  C  CD2 . PHE A 1 42  ? 7.863   7.157   -2.973  1.00 18.07 ? 1333 PHE A CD2 1 
ATOM   154  C  CE1 . PHE A 1 42  ? 7.389   4.611   -2.040  1.00 18.88 ? 1333 PHE A CE1 1 
ATOM   155  C  CE2 . PHE A 1 42  ? 7.913   6.881   -1.612  1.00 20.21 ? 1333 PHE A CE2 1 
ATOM   156  C  CZ  . PHE A 1 42  ? 7.652   5.618   -1.151  1.00 20.06 ? 1333 PHE A CZ  1 
ATOM   157  N  N   . GLN A 1 43  ? 6.072   7.542   -8.226  1.00 18.16 ? 1334 GLN A N   1 
ATOM   158  C  CA  . GLN A 1 43  ? 6.086   8.489   -9.379  1.00 19.87 ? 1334 GLN A CA  1 
ATOM   159  C  C   . GLN A 1 43  ? 4.755   9.217   -9.510  1.00 19.65 ? 1334 GLN A C   1 
ATOM   160  O  O   . GLN A 1 43  ? 4.698   10.310  -10.084 1.00 23.40 ? 1334 GLN A O   1 
ATOM   161  C  CB  . GLN A 1 43  ? 6.377   7.723   -10.669 1.00 22.34 ? 1334 GLN A CB  1 
ATOM   162  C  CG  . GLN A 1 43  ? 7.853   7.462   -10.881 1.00 26.78 ? 1334 GLN A CG  1 
ATOM   163  C  CD  . GLN A 1 43  ? 8.667   8.744   -10.875 1.00 26.90 ? 1334 GLN A CD  1 
ATOM   164  O  OE1 . GLN A 1 43  ? 8.337   9.738   -11.564 1.00 28.51 ? 1334 GLN A OE1 1 
ATOM   165  N  NE2 . GLN A 1 43  ? 9.744   8.744   -10.088 1.00 27.23 ? 1334 GLN A NE2 1 
ATOM   166  N  N   A CYS A 1 44  ? 3.661   8.573   -9.063  0.18 18.66 ? 1335 CYS A N   1 
ATOM   167  N  N   B CYS A 1 44  ? 3.715   8.621   -8.957  0.21 17.24 ? 1335 CYS A N   1 
ATOM   168  C  CA  A CYS A 1 44  ? 2.265   9.102   -9.095  0.18 18.01 ? 1335 CYS A CA  1 
ATOM   169  C  CA  B CYS A 1 44  ? 2.330   9.102   -9.084  0.21 15.94 ? 1335 CYS A CA  1 
ATOM   170  C  C   A CYS A 1 44  ? 2.140   10.306  -8.156  0.18 16.61 ? 1335 CYS A C   1 
ATOM   171  C  C   B CYS A 1 44  ? 2.089   10.287  -8.137  0.21 15.36 ? 1335 CYS A C   1 
ATOM   172  O  O   A CYS A 1 44  ? 2.468   10.174  -6.963  0.18 15.15 ? 1335 CYS A O   1 
ATOM   173  O  O   B CYS A 1 44  ? 2.309   10.135  -6.928  0.21 13.54 ? 1335 CYS A O   1 
ATOM   174  C  CB  A CYS A 1 44  ? 1.227   8.080   -8.636  0.18 19.01 ? 1335 CYS A CB  1 
ATOM   175  C  CB  B CYS A 1 44  ? 1.405   7.941   -8.781  0.21 15.51 ? 1335 CYS A CB  1 
ATOM   176  S  SG  A CYS A 1 44  ? 0.924   6.720   -9.790  0.18 21.19 ? 1335 CYS A SG  1 
ATOM   177  S  SG  B CYS A 1 44  ? -0.294  8.403   -9.123  0.21 15.38 ? 1335 CYS A SG  1 
ATOM   178  N  N   . GLU A 1 45  ? 1.598   11.419  -8.650  1.00 15.52 ? 1336 GLU A N   1 
ATOM   179  C  CA  . GLU A 1 45  ? 1.369   12.604  -7.804  1.00 15.35 ? 1336 GLU A CA  1 
ATOM   180  C  C   . GLU A 1 45  ? 0.356   12.320  -6.705  1.00 13.14 ? 1336 GLU A C   1 
ATOM   181  O  O   . GLU A 1 45  ? 0.515   12.869  -5.599  1.00 15.58 ? 1336 GLU A O   1 
ATOM   182  C  CB  . GLU A 1 45  ? 0.814   13.738  -8.634  1.00 15.64 ? 1336 GLU A CB  1 
ATOM   183  C  CG  . GLU A 1 45  ? 1.879   14.332  -9.517  1.00 19.40 ? 1336 GLU A CG  1 
ATOM   184  C  CD  . GLU A 1 45  ? 1.446   15.438  -10.451 1.00 21.35 ? 1336 GLU A CD  1 
ATOM   185  O  OE1 . GLU A 1 45  ? 0.267   15.881  -10.404 1.00 23.02 ? 1336 GLU A OE1 1 
ATOM   186  O  OE2 . GLU A 1 45  ? 2.329   15.910  -11.191 1.00 23.17 ? 1336 GLU A OE2 1 
ATOM   187  N  N   . ASP A 1 46  ? -0.530  11.396  -6.965  1.00 14.04 ? 1337 ASP A N   1 
ATOM   188  C  CA  . ASP A 1 46  ? -1.560  11.061  -5.956  1.00 14.16 ? 1337 ASP A CA  1 
ATOM   189  C  C   . ASP A 1 46  ? -0.927  10.366  -4.754  1.00 14.60 ? 1337 ASP A C   1 
ATOM   190  O  O   . ASP A 1 46  ? -1.609  10.258  -3.719  1.00 14.40 ? 1337 ASP A O   1 
ATOM   191  C  CB  . ASP A 1 46  ? -2.672  10.173  -6.509  1.00 14.26 ? 1337 ASP A CB  1 
ATOM   192  C  CG  . ASP A 1 46  ? -3.668  10.924  -7.382  1.00 14.71 ? 1337 ASP A CG  1 
ATOM   193  O  OD1 . ASP A 1 46  ? -3.764  12.170  -7.226  1.00 17.50 ? 1337 ASP A OD1 1 
ATOM   194  O  OD2 . ASP A 1 46  ? -4.342  10.266  -8.157  1.00 15.93 ? 1337 ASP A OD2 1 
ATOM   195  N  N   . SER A 1 47  ? 0.308   9.868   -4.827  1.00 13.02 ? 1338 SER A N   1 
ATOM   196  C  CA  . SER A 1 47  ? 0.927   9.277   -3.622  1.00 12.69 ? 1338 SER A CA  1 
ATOM   197  C  C   . SER A 1 47  ? 1.569   10.272  -2.664  1.00 12.75 ? 1338 SER A C   1 
ATOM   198  O  O   . SER A 1 47  ? 1.957   9.860   -1.561  1.00 12.99 ? 1338 SER A O   1 
ATOM   199  C  CB  . SER A 1 47  ? 1.925   8.208   -3.967  1.00 12.97 ? 1338 SER A CB  1 
ATOM   200  O  OG  . SER A 1 47  ? 3.113   8.760   -4.525  1.00 14.45 ? 1338 SER A OG  1 
ATOM   201  N  N   . GLU A 1 48  ? 1.575   11.562  -3.050  0.39 13.43 ? 1339 GLU A N   1 
ATOM   202  C  CA  . GLU A 1 48  ? 2.241   12.674  -2.316  0.39 13.89 ? 1339 GLU A CA  1 
ATOM   203  C  C   . GLU A 1 48  ? 1.853   12.642  -0.839  0.39 13.59 ? 1339 GLU A C   1 
ATOM   204  O  O   . GLU A 1 48  ? 2.720   12.773  0.012   0.39 13.37 ? 1339 GLU A O   1 
ATOM   205  C  CB  . GLU A 1 48  ? 1.957   14.051  -2.939  0.39 14.53 ? 1339 GLU A CB  1 
ATOM   206  C  CG  . GLU A 1 48  ? 2.828   15.169  -2.367  0.39 15.63 ? 1339 GLU A CG  1 
ATOM   207  C  CD  . GLU A 1 48  ? 2.607   16.561  -2.941  0.39 16.54 ? 1339 GLU A CD  1 
ATOM   208  O  OE1 . GLU A 1 48  ? 3.079   17.539  -2.316  0.39 19.01 ? 1339 GLU A OE1 1 
ATOM   209  O  OE2 . GLU A 1 48  ? 1.937   16.676  -3.981  0.39 18.29 ? 1339 GLU A OE2 1 
ATOM   210  N  N   . PRO A 1 49  ? 0.560   12.508  -0.457  0.39 13.79 ? 1340 PRO A N   1 
ATOM   211  C  CA  . PRO A 1 49  ? 0.205   12.530  0.962   0.39 14.19 ? 1340 PRO A CA  1 
ATOM   212  C  C   . PRO A 1 49  ? 0.740   11.334  1.769   0.39 14.51 ? 1340 PRO A C   1 
ATOM   213  O  O   . PRO A 1 49  ? 0.930   11.483  2.964   0.39 14.90 ? 1340 PRO A O   1 
ATOM   214  C  CB  . PRO A 1 49  ? -1.334  12.540  0.941   0.39 14.25 ? 1340 PRO A CB  1 
ATOM   215  C  CG  . PRO A 1 49  ? -1.688  13.057  -0.434  0.39 14.25 ? 1340 PRO A CG  1 
ATOM   216  C  CD  . PRO A 1 49  ? -0.627  12.447  -1.325  0.39 13.81 ? 1340 PRO A CD  1 
ATOM   217  N  N   . PHE A 1 50  ? 0.995   10.191  1.128   0.39 15.22 ? 1341 PHE A N   1 
ATOM   218  C  CA  . PHE A 1 50  ? 1.237   8.907   1.839   0.39 15.82 ? 1341 PHE A CA  1 
ATOM   219  C  C   . PHE A 1 50  ? 2.604   8.309   1.480   0.39 16.05 ? 1341 PHE A C   1 
ATOM   220  O  O   . PHE A 1 50  ? 2.729   7.077   1.478   0.39 15.69 ? 1341 PHE A O   1 
ATOM   221  C  CB  . PHE A 1 50  ? 0.108   7.913   1.544   0.39 16.83 ? 1341 PHE A CB  1 
ATOM   222  C  CG  . PHE A 1 50  ? -1.184  8.526   1.067   0.39 16.67 ? 1341 PHE A CG  1 
ATOM   223  C  CD1 . PHE A 1 50  ? -2.131  9.011   1.961   0.39 17.30 ? 1341 PHE A CD1 1 
ATOM   224  C  CD2 . PHE A 1 50  ? -1.458  8.600   -0.289  0.39 16.77 ? 1341 PHE A CD2 1 
ATOM   225  C  CE1 . PHE A 1 50  ? -3.318  9.569   1.503   0.39 17.06 ? 1341 PHE A CE1 1 
ATOM   226  C  CE2 . PHE A 1 50  ? -2.642  9.159   -0.743  0.39 16.83 ? 1341 PHE A CE2 1 
ATOM   227  C  CZ  . PHE A 1 50  ? -3.568  9.644   0.153   0.39 17.29 ? 1341 PHE A CZ  1 
ATOM   228  N  N   . ARG A 1 51  ? 3.616   9.136   1.229   0.39 15.77 ? 1342 ARG A N   1 
ATOM   229  C  CA  . ARG A 1 51  ? 5.007   8.659   1.004   0.39 16.01 ? 1342 ARG A CA  1 
ATOM   230  C  C   . ARG A 1 51  ? 5.672   8.432   2.359   0.39 15.48 ? 1342 ARG A C   1 
ATOM   231  O  O   . ARG A 1 51  ? 6.394   7.423   2.515   0.39 15.99 ? 1342 ARG A O   1 
ATOM   232  C  CB  . ARG A 1 51  ? 5.780   9.658   0.140   0.39 16.78 ? 1342 ARG A CB  1 
ATOM   233  C  CG  . ARG A 1 51  ? 5.359   9.611   -1.320  0.39 17.67 ? 1342 ARG A CG  1 
ATOM   234  C  CD  . ARG A 1 51  ? 5.639   10.880  -2.099  0.39 18.16 ? 1342 ARG A CD  1 
ATOM   235  N  NE  . ARG A 1 51  ? 5.223   10.666  -3.474  0.39 19.88 ? 1342 ARG A NE  1 
ATOM   236  C  CZ  . ARG A 1 51  ? 5.024   11.609  -4.392  0.39 20.05 ? 1342 ARG A CZ  1 
ATOM   237  N  NH1 . ARG A 1 51  ? 5.198   12.893  -4.114  0.39 21.46 ? 1342 ARG A NH1 1 
ATOM   238  N  NH2 . ARG A 1 51  ? 4.645   11.248  -5.603  0.39 19.85 ? 1342 ARG A NH2 1 
ATOM   239  N  N   . GLN A 1 52  ? 5.381   9.309   3.321   1.00 14.11 ? 1343 GLN A N   1 
ATOM   240  C  CA  . GLN A 1 52  ? 6.099   9.386   4.596   1.00 16.21 ? 1343 GLN A CA  1 
ATOM   241  C  C   . GLN A 1 52  ? 5.042   9.376   5.676   1.00 16.43 ? 1343 GLN A C   1 
ATOM   242  O  O   . GLN A 1 52  ? 3.867   9.680   5.403   1.00 15.08 ? 1343 GLN A O   1 
ATOM   243  C  CB  . GLN A 1 52  ? 7.020   10.616  4.615   1.00 19.44 ? 1343 GLN A CB  1 
ATOM   244  C  CG  . GLN A 1 52  ? 8.100   10.634  3.531   1.00 26.66 ? 1343 GLN A CG  1 
ATOM   245  C  CD  . GLN A 1 52  ? 9.165   9.568   3.655   1.00 31.97 ? 1343 GLN A CD  1 
ATOM   246  O  OE1 . GLN A 1 52  ? 9.566   9.181   4.752   1.00 41.67 ? 1343 GLN A OE1 1 
ATOM   247  N  NE2 . GLN A 1 52  ? 9.632   9.087   2.512   1.00 35.97 ? 1343 GLN A NE2 1 
ATOM   248  N  N   . PRO A 1 53  ? 5.417   9.174   6.956   0.39 17.37 ? 1344 PRO A N   1 
ATOM   249  C  CA  . PRO A 1 53  ? 4.440   9.206   8.043   0.39 17.44 ? 1344 PRO A CA  1 
ATOM   250  C  C   . PRO A 1 53  ? 3.735   10.564  8.147   0.39 18.20 ? 1344 PRO A C   1 
ATOM   251  O  O   . PRO A 1 53  ? 4.284   11.573  7.736   0.39 17.48 ? 1344 PRO A O   1 
ATOM   252  C  CB  . PRO A 1 53  ? 5.276   8.940   9.301   0.39 17.58 ? 1344 PRO A CB  1 
ATOM   253  C  CG  . PRO A 1 53  ? 6.507   8.244   8.773   0.39 17.37 ? 1344 PRO A CG  1 
ATOM   254  C  CD  . PRO A 1 53  ? 6.780   8.916   7.444   0.39 17.12 ? 1344 PRO A CD  1 
ATOM   255  N  N   . VAL A 1 54  ? 2.522   10.554  8.688   0.39 18.98 ? 1345 VAL A N   1 
ATOM   256  C  CA  . VAL A 1 54  ? 1.785   11.804  9.012   0.39 19.80 ? 1345 VAL A CA  1 
ATOM   257  C  C   . VAL A 1 54  ? 2.597   12.541  10.073  0.39 21.65 ? 1345 VAL A C   1 
ATOM   258  O  O   . VAL A 1 54  ? 2.834   11.951  11.150  0.39 22.03 ? 1345 VAL A O   1 
ATOM   259  C  CB  . VAL A 1 54  ? 0.354   11.524  9.495   0.39 19.51 ? 1345 VAL A CB  1 
ATOM   260  C  CG1 . VAL A 1 54  ? -0.335  12.798  9.962   0.39 19.72 ? 1345 VAL A CG1 1 
ATOM   261  C  CG2 . VAL A 1 54  ? -0.455  10.829  8.414   0.39 19.17 ? 1345 VAL A CG2 1 
ATOM   262  N  N   . ASP A 1 55  ? 3.042   13.757  9.752   0.39 22.95 ? 1346 ASP A N   1 
ATOM   263  C  CA  . ASP A 1 55  ? 3.623   14.669  10.764  0.39 24.06 ? 1346 ASP A CA  1 
ATOM   264  C  C   . ASP A 1 55  ? 2.490   15.008  11.731  0.39 24.56 ? 1346 ASP A C   1 
ATOM   265  O  O   . ASP A 1 55  ? 1.525   15.691  11.340  0.39 23.39 ? 1346 ASP A O   1 
ATOM   266  C  CB  . ASP A 1 55  ? 4.299   15.907  10.174  0.39 24.13 ? 1346 ASP A CB  1 
ATOM   267  C  CG  . ASP A 1 55  ? 5.211   16.600  11.173  0.39 24.34 ? 1346 ASP A CG  1 
ATOM   268  O  OD1 . ASP A 1 55  ? 5.160   16.244  12.374  0.39 23.60 ? 1346 ASP A OD1 1 
ATOM   269  O  OD2 . ASP A 1 55  ? 5.968   17.488  10.751  0.39 25.26 ? 1346 ASP A OD2 1 
ATOM   270  N  N   . LEU A 1 56  ? 2.634   14.486  12.938  1.00 25.41 ? 1347 LEU A N   1 
ATOM   271  C  CA  . LEU A 1 56  ? 1.736   14.714  14.085  1.00 27.10 ? 1347 LEU A CA  1 
ATOM   272  C  C   . LEU A 1 56  ? 1.818   16.183  14.521  1.00 24.71 ? 1347 LEU A C   1 
ATOM   273  O  O   . LEU A 1 56  ? 0.866   16.669  15.109  1.00 27.83 ? 1347 LEU A O   1 
ATOM   274  C  CB  . LEU A 1 56  ? 2.143   13.677  15.138  1.00 30.26 ? 1347 LEU A CB  1 
ATOM   275  C  CG  . LEU A 1 56  ? 2.235   12.257  14.562  1.00 34.23 ? 1347 LEU A CG  1 
ATOM   276  C  CD1 . LEU A 1 56  ? 2.964   11.287  15.487  1.00 35.86 ? 1347 LEU A CD1 1 
ATOM   277  C  CD2 . LEU A 1 56  ? 0.857   11.723  14.207  1.00 33.49 ? 1347 LEU A CD2 1 
ATOM   278  N  N   . LEU A 1 57  ? 2.840   16.940  14.088  1.00 28.39 ? 1348 LEU A N   1 
ATOM   279  C  CA  . LEU A 1 57  ? 2.856   18.408  14.339  1.00 26.26 ? 1348 LEU A CA  1 
ATOM   280  C  C   . LEU A 1 57  ? 1.835   19.130  13.435  1.00 25.53 ? 1348 LEU A C   1 
ATOM   281  O  O   . LEU A 1 57  ? 1.240   20.146  13.836  1.00 25.30 ? 1348 LEU A O   1 
ATOM   282  C  CB  . LEU A 1 57  ? 4.267   18.963  14.126  1.00 30.26 ? 1348 LEU A CB  1 
ATOM   283  C  CG  . LEU A 1 57  ? 5.394   18.275  14.896  1.00 33.15 ? 1348 LEU A CG  1 
ATOM   284  C  CD1 . LEU A 1 57  ? 6.748   18.837  14.482  1.00 37.14 ? 1348 LEU A CD1 1 
ATOM   285  C  CD2 . LEU A 1 57  ? 5.197   18.419  16.386  1.00 35.91 ? 1348 LEU A CD2 1 
ATOM   286  N  N   . GLU A 1 58  ? 1.600   18.608  12.238  0.39 23.46 ? 1349 GLU A N   1 
ATOM   287  C  CA  . GLU A 1 58  ? 0.624   19.213  11.298  0.39 22.42 ? 1349 GLU A CA  1 
ATOM   288  C  C   . GLU A 1 58  ? -0.773  18.647  11.564  0.39 21.14 ? 1349 GLU A C   1 
ATOM   289  O  O   . GLU A 1 58  ? -1.752  19.323  11.206  0.39 20.44 ? 1349 GLU A O   1 
ATOM   290  C  CB  . GLU A 1 58  ? 1.077   18.962  9.868   0.39 22.84 ? 1349 GLU A CB  1 
ATOM   291  C  CG  . GLU A 1 58  ? 2.359   19.689  9.523   0.39 23.44 ? 1349 GLU A CG  1 
ATOM   292  C  CD  . GLU A 1 58  ? 3.009   19.181  8.255   0.39 24.42 ? 1349 GLU A CD  1 
ATOM   293  O  OE1 . GLU A 1 58  ? 2.612   18.091  7.788   0.39 24.87 ? 1349 GLU A OE1 1 
ATOM   294  O  OE2 . GLU A 1 58  ? 3.894   19.879  7.729   0.39 25.29 ? 1349 GLU A OE2 1 
ATOM   295  N  N   . TYR A 1 59  ? -0.864  17.452  12.158  1.00 20.00 ? 1350 TYR A N   1 
ATOM   296  C  CA  . TYR A 1 59  ? -2.178  16.801  12.442  1.00 18.67 ? 1350 TYR A CA  1 
ATOM   297  C  C   . TYR A 1 59  ? -2.147  16.295  13.870  1.00 19.37 ? 1350 TYR A C   1 
ATOM   298  O  O   . TYR A 1 59  ? -1.967  15.119  14.127  1.00 18.53 ? 1350 TYR A O   1 
ATOM   299  C  CB  . TYR A 1 59  ? -2.452  15.686  11.424  1.00 17.21 ? 1350 TYR A CB  1 
ATOM   300  C  CG  . TYR A 1 59  ? -2.516  16.193  10.000  1.00 16.68 ? 1350 TYR A CG  1 
ATOM   301  C  CD1 . TYR A 1 59  ? -3.659  16.747  9.482   1.00 17.72 ? 1350 TYR A CD1 1 
ATOM   302  C  CD2 . TYR A 1 59  ? -1.402  16.130  9.178   1.00 16.94 ? 1350 TYR A CD2 1 
ATOM   303  C  CE1 . TYR A 1 59  ? -3.714  17.228  8.178   1.00 17.21 ? 1350 TYR A CE1 1 
ATOM   304  C  CE2 . TYR A 1 59  ? -1.424  16.666  7.895   1.00 17.92 ? 1350 TYR A CE2 1 
ATOM   305  C  CZ  . TYR A 1 59  ? -2.595  17.190  7.385   1.00 16.59 ? 1350 TYR A CZ  1 
ATOM   306  O  OH  . TYR A 1 59  ? -2.621  17.603  6.077   1.00 18.31 ? 1350 TYR A OH  1 
ATOM   307  N  N   . PRO A 1 60  ? -2.279  17.209  14.850  1.00 20.01 ? 1351 PRO A N   1 
ATOM   308  C  CA  . PRO A 1 60  ? -1.984  16.820  16.220  1.00 19.05 ? 1351 PRO A CA  1 
ATOM   309  C  C   . PRO A 1 60  ? -2.897  15.731  16.819  1.00 16.76 ? 1351 PRO A C   1 
ATOM   310  O  O   . PRO A 1 60  ? -2.518  15.077  17.749  1.00 18.48 ? 1351 PRO A O   1 
ATOM   311  C  CB  . PRO A 1 60  ? -2.149  18.125  17.021  1.00 20.18 ? 1351 PRO A CB  1 
ATOM   312  C  CG  . PRO A 1 60  ? -2.431  19.221  16.043  1.00 23.60 ? 1351 PRO A CG  1 
ATOM   313  C  CD  . PRO A 1 60  ? -2.584  18.634  14.661  1.00 22.50 ? 1351 PRO A CD  1 
ATOM   314  N  N   . ASP A 1 61  ? -4.085  15.575  16.241  1.00 17.18 ? 1352 ASP A N   1 
ATOM   315  C  CA  . ASP A 1 61  ? -5.084  14.582  16.698  1.00 17.20 ? 1352 ASP A CA  1 
ATOM   316  C  C   . ASP A 1 61  ? -4.945  13.259  15.923  1.00 15.13 ? 1352 ASP A C   1 
ATOM   317  O  O   . ASP A 1 61  ? -5.754  12.349  16.141  1.00 14.83 ? 1352 ASP A O   1 
ATOM   318  C  CB  . ASP A 1 61  ? -6.498  15.150  16.507  1.00 18.96 ? 1352 ASP A CB  1 
ATOM   319  C  CG  . ASP A 1 61  ? -6.896  15.254  15.058  1.00 20.68 ? 1352 ASP A CG  1 
ATOM   320  O  OD1 . ASP A 1 61  ? -5.973  15.394  14.202  1.00 22.37 ? 1352 ASP A OD1 1 
ATOM   321  O  OD2 . ASP A 1 61  ? -8.105  15.271  14.795  1.00 26.05 ? 1352 ASP A OD2 1 
ATOM   322  N  N   . TYR A 1 62  ? -3.938  13.129  15.068  1.00 14.67 ? 1353 TYR A N   1 
ATOM   323  C  CA  . TYR A 1 62  ? -3.940  11.977  14.139  1.00 14.70 ? 1353 TYR A CA  1 
ATOM   324  C  C   . TYR A 1 62  ? -4.006  10.674  14.914  1.00 14.69 ? 1353 TYR A C   1 
ATOM   325  O  O   . TYR A 1 62  ? -4.772  9.762   14.581  1.00 14.15 ? 1353 TYR A O   1 
ATOM   326  C  CB  . TYR A 1 62  ? -2.709  12.055  13.236  1.00 13.89 ? 1353 TYR A CB  1 
ATOM   327  C  CG  . TYR A 1 62  ? -2.747  11.039  12.125  1.00 14.06 ? 1353 TYR A CG  1 
ATOM   328  C  CD1 . TYR A 1 62  ? -3.629  11.201  11.087  1.00 13.24 ? 1353 TYR A CD1 1 
ATOM   329  C  CD2 . TYR A 1 62  ? -1.958  9.888   12.125  1.00 13.50 ? 1353 TYR A CD2 1 
ATOM   330  C  CE1 . TYR A 1 62  ? -3.726  10.286  10.054  1.00 13.14 ? 1353 TYR A CE1 1 
ATOM   331  C  CE2 . TYR A 1 62  ? -1.994  9.000   11.069  1.00 13.92 ? 1353 TYR A CE2 1 
ATOM   332  C  CZ  . TYR A 1 62  ? -2.918  9.175   10.055  1.00 13.06 ? 1353 TYR A CZ  1 
ATOM   333  O  OH  . TYR A 1 62  ? -3.027  8.244   9.044   1.00 13.27 ? 1353 TYR A OH  1 
ATOM   334  N  N   . ARG A 1 63  ? -3.182  10.514  15.950  1.00 14.98 ? 1354 ARG A N   1 
ATOM   335  C  CA  . ARG A 1 63  ? -3.096  9.245   16.681  1.00 16.41 ? 1354 ARG A CA  1 
ATOM   336  C  C   . ARG A 1 63  ? -4.276  9.026   17.615  1.00 16.58 ? 1354 ARG A C   1 
ATOM   337  O  O   . ARG A 1 63  ? -4.434  7.922   18.102  1.00 17.81 ? 1354 ARG A O   1 
ATOM   338  C  CB  . ARG A 1 63  ? -1.788  9.096   17.452  1.00 18.39 ? 1354 ARG A CB  1 
ATOM   339  C  CG  . ARG A 1 63  ? -0.569  9.043   16.558  1.00 20.42 ? 1354 ARG A CG  1 
ATOM   340  C  CD  . ARG A 1 63  ? -0.603  7.937   15.533  1.00 22.96 ? 1354 ARG A CD  1 
ATOM   341  N  NE  . ARG A 1 63  ? -0.671  6.656   16.222  1.00 25.02 ? 1354 ARG A NE  1 
ATOM   342  C  CZ  . ARG A 1 63  ? 0.380   5.971   16.686  1.00 31.31 ? 1354 ARG A CZ  1 
ATOM   343  N  NH1 . ARG A 1 63  ? 1.617   6.400   16.492  1.00 30.42 ? 1354 ARG A NH1 1 
ATOM   344  N  NH2 . ARG A 1 63  ? 0.185   4.828   17.306  1.00 34.85 ? 1354 ARG A NH2 1 
ATOM   345  N  N   . ASP A 1 64  ? -5.103  10.055  17.821  0.50 17.02 ? 1355 ASP A N   1 
ATOM   346  C  CA  . ASP A 1 64  ? -6.393  9.922   18.543  0.50 18.31 ? 1355 ASP A CA  1 
ATOM   347  C  C   . ASP A 1 64  ? -7.374  9.148   17.663  0.50 18.11 ? 1355 ASP A C   1 
ATOM   348  O  O   . ASP A 1 64  ? -8.324  8.554   18.205  0.50 21.26 ? 1355 ASP A O   1 
ATOM   349  C  CB  . ASP A 1 64  ? -7.012  11.282  18.861  0.50 18.95 ? 1355 ASP A CB  1 
ATOM   350  C  CG  . ASP A 1 64  ? -6.167  12.164  19.758  0.50 20.68 ? 1355 ASP A CG  1 
ATOM   351  O  OD1 . ASP A 1 64  ? -5.271  11.628  20.434  0.50 23.54 ? 1355 ASP A OD1 1 
ATOM   352  O  OD2 . ASP A 1 64  ? -6.440  13.378  19.789  0.50 23.19 ? 1355 ASP A OD2 1 
ATOM   353  N  N   . ILE A 1 65  ? -7.179  9.221   16.344  0.50 16.06 ? 1356 ILE A N   1 
ATOM   354  C  CA  . ILE A 1 65  ? -8.096  8.607   15.345  0.50 15.86 ? 1356 ILE A CA  1 
ATOM   355  C  C   . ILE A 1 65  ? -7.477  7.314   14.799  0.50 15.40 ? 1356 ILE A C   1 
ATOM   356  O  O   . ILE A 1 65  ? -8.211  6.311   14.676  0.50 16.11 ? 1356 ILE A O   1 
ATOM   357  C  CB  . ILE A 1 65  ? -8.418  9.619   14.231  0.50 15.23 ? 1356 ILE A CB  1 
ATOM   358  C  CG1 . ILE A 1 65  ? -8.885  10.978  14.776  0.50 15.87 ? 1356 ILE A CG1 1 
ATOM   359  C  CG2 . ILE A 1 65  ? -9.425  9.014   13.272  0.50 15.22 ? 1356 ILE A CG2 1 
ATOM   360  C  CD1 . ILE A 1 65  ? -10.144 10.930  15.617  0.50 16.22 ? 1356 ILE A CD1 1 
ATOM   361  N  N   . ILE A 1 66  ? -6.174  7.325   14.514  1.00 14.86 ? 1357 ILE A N   1 
ATOM   362  C  CA  . ILE A 1 66  ? -5.498  6.246   13.766  1.00 14.99 ? 1357 ILE A CA  1 
ATOM   363  C  C   . ILE A 1 66  ? -4.613  5.463   14.725  1.00 15.30 ? 1357 ILE A C   1 
ATOM   364  O  O   . ILE A 1 66  ? -3.645  6.031   15.205  1.00 16.50 ? 1357 ILE A O   1 
ATOM   365  C  CB  . ILE A 1 66  ? -4.720  6.877   12.599  1.00 14.24 ? 1357 ILE A CB  1 
ATOM   366  C  CG1 . ILE A 1 66  ? -5.683  7.584   11.637  1.00 14.87 ? 1357 ILE A CG1 1 
ATOM   367  C  CG2 . ILE A 1 66  ? -3.862  5.802   11.941  1.00 14.86 ? 1357 ILE A CG2 1 
ATOM   368  C  CD1 . ILE A 1 66  ? -6.767  6.720   11.055  1.00 14.74 ? 1357 ILE A CD1 1 
ATOM   369  N  N   . ASP A 1 67  ? -4.915  4.187   14.880  1.00 18.44 ? 1358 ASP A N   1 
ATOM   370  C  CA  . ASP A 1 67  ? -4.165  3.301   15.803  1.00 20.61 ? 1358 ASP A CA  1 
ATOM   371  C  C   . ASP A 1 67  ? -2.863  2.867   15.146  1.00 18.88 ? 1358 ASP A C   1 
ATOM   372  O  O   . ASP A 1 67  ? -1.863  2.683   15.832  1.00 20.48 ? 1358 ASP A O   1 
ATOM   373  C  CB  . ASP A 1 67  ? -4.939  2.020   16.105  1.00 24.21 ? 1358 ASP A CB  1 
ATOM   374  C  CG  . ASP A 1 67  ? -6.245  2.210   16.855  1.00 31.26 ? 1358 ASP A CG  1 
ATOM   375  O  OD1 . ASP A 1 67  ? -6.336  3.178   17.627  1.00 33.04 ? 1358 ASP A OD1 1 
ATOM   376  O  OD2 . ASP A 1 67  ? -7.169  1.398   16.639  1.00 36.39 ? 1358 ASP A OD2 1 
ATOM   377  N  N   . THR A 1 68  ? -2.884  2.556   13.842  1.00 16.79 ? 1359 THR A N   1 
ATOM   378  C  CA  . THR A 1 68  ? -1.673  2.004   13.184  1.00 16.96 ? 1359 THR A CA  1 
ATOM   379  C  C   . THR A 1 68  ? -1.335  2.825   11.955  1.00 15.84 ? 1359 THR A C   1 
ATOM   380  O  O   . THR A 1 68  ? -1.846  2.531   10.864  1.00 16.40 ? 1359 THR A O   1 
ATOM   381  C  CB  . THR A 1 68  ? -1.855  0.551   12.753  1.00 17.30 ? 1359 THR A CB  1 
ATOM   382  O  OG1 . THR A 1 68  ? -2.302  -0.093  13.942  1.00 20.43 ? 1359 THR A OG1 1 
ATOM   383  C  CG2 . THR A 1 68  ? -0.560  -0.056  12.241  1.00 19.46 ? 1359 THR A CG2 1 
ATOM   384  N  N   . PRO A 1 69  ? -0.450  3.812   12.090  1.00 15.22 ? 1360 PRO A N   1 
ATOM   385  C  CA  . PRO A 1 69  ? -0.007  4.597   10.942  1.00 16.18 ? 1360 PRO A CA  1 
ATOM   386  C  C   . PRO A 1 69  ? 0.645   3.638   9.954   1.00 13.77 ? 1360 PRO A C   1 
ATOM   387  O  O   . PRO A 1 69  ? 1.277   2.649   10.296  1.00 15.45 ? 1360 PRO A O   1 
ATOM   388  C  CB  . PRO A 1 69  ? 0.972   5.617   11.528  1.00 17.31 ? 1360 PRO A CB  1 
ATOM   389  C  CG  . PRO A 1 69  ? 0.442   5.771   12.954  1.00 20.38 ? 1360 PRO A CG  1 
ATOM   390  C  CD  . PRO A 1 69  ? 0.132   4.338   13.352  1.00 18.49 ? 1360 PRO A CD  1 
ATOM   391  N  N   . MET A 1 70  ? 0.538   4.023   8.690   1.00 12.43 ? 1361 MET A N   1 
ATOM   392  C  CA  . MET A 1 70  ? 1.247   3.316   7.611   1.00 12.01 ? 1361 MET A CA  1 
ATOM   393  C  C   . MET A 1 70  ? 1.443   4.277   6.455   1.00 11.96 ? 1361 MET A C   1 
ATOM   394  O  O   . MET A 1 70  ? 0.659   5.145   6.253   1.00 11.77 ? 1361 MET A O   1 
ATOM   395  C  CB  . MET A 1 70  ? 0.439   2.103   7.163   1.00 13.40 ? 1361 MET A CB  1 
ATOM   396  C  CG  . MET A 1 70  ? 1.166   1.139   6.251   1.00 13.55 ? 1361 MET A CG  1 
ATOM   397  S  SD  . MET A 1 70  ? 2.820   0.619   6.731   1.00 13.87 ? 1361 MET A SD  1 
ATOM   398  C  CE  . MET A 1 70  ? 2.542   -0.168  8.314   1.00 14.52 ? 1361 MET A CE  1 
ATOM   399  N  N   . ASP A 1 71  ? 2.491   4.050   5.697   1.00 11.24 ? 1362 ASP A N   1 
ATOM   400  C  CA  . ASP A 1 71  ? 2.843   4.901   4.539   1.00 11.64 ? 1362 ASP A CA  1 
ATOM   401  C  C   . ASP A 1 71  ? 3.691   4.083   3.579   1.00 11.15 ? 1362 ASP A C   1 
ATOM   402  O  O   . ASP A 1 71  ? 4.192   3.032   3.949   1.00 11.20 ? 1362 ASP A O   1 
ATOM   403  C  CB  . ASP A 1 71  ? 3.596   6.134   5.027   1.00 12.75 ? 1362 ASP A CB  1 
ATOM   404  C  CG  . ASP A 1 71  ? 4.916   5.723   5.620   1.00 14.57 ? 1362 ASP A CG  1 
ATOM   405  O  OD1 . ASP A 1 71  ? 4.904   5.333   6.797   1.00 16.54 ? 1362 ASP A OD1 1 
ATOM   406  O  OD2 . ASP A 1 71  ? 5.881   5.619   4.835   1.00 14.69 ? 1362 ASP A OD2 1 
ATOM   407  N  N   . PHE A 1 72  ? 3.892   4.586   2.381   1.00 11.28 ? 1363 PHE A N   1 
ATOM   408  C  CA  . PHE A 1 72  ? 4.548   3.792   1.327   1.00 11.72 ? 1363 PHE A CA  1 
ATOM   409  C  C   . PHE A 1 72  ? 6.048   3.646   1.560   1.00 11.69 ? 1363 PHE A C   1 
ATOM   410  O  O   . PHE A 1 72  ? 6.624   2.657   1.120   1.00 11.88 ? 1363 PHE A O   1 
ATOM   411  C  CB  . PHE A 1 72  ? 4.297   4.371   -0.059  1.00 11.21 ? 1363 PHE A CB  1 
ATOM   412  C  CG  . PHE A 1 72  ? 2.904   4.047   -0.520  1.00 11.15 ? 1363 PHE A CG  1 
ATOM   413  C  CD1 . PHE A 1 72  ? 2.589   2.782   -0.957  1.00 11.29 ? 1363 PHE A CD1 1 
ATOM   414  C  CD2 . PHE A 1 72  ? 1.924   5.020   -0.576  1.00 12.20 ? 1363 PHE A CD2 1 
ATOM   415  C  CE1 . PHE A 1 72  ? 1.306   2.467   -1.373  1.00 13.02 ? 1363 PHE A CE1 1 
ATOM   416  C  CE2 . PHE A 1 72  ? 0.664   4.723   -1.028  1.00 12.06 ? 1363 PHE A CE2 1 
ATOM   417  C  CZ  . PHE A 1 72  ? 0.353   3.453   -1.430  1.00 12.22 ? 1363 PHE A CZ  1 
ATOM   418  N  N   . ALA A 1 73  ? 6.687   4.591   2.244   1.00 11.41 ? 1364 ALA A N   1 
ATOM   419  C  CA  . ALA A 1 73  ? 8.112   4.399   2.558   1.00 12.50 ? 1364 ALA A CA  1 
ATOM   420  C  C   . ALA A 1 73  ? 8.256   3.267   3.570   1.00 12.62 ? 1364 ALA A C   1 
ATOM   421  O  O   . ALA A 1 73  ? 9.129   2.400   3.410   1.00 13.16 ? 1364 ALA A O   1 
ATOM   422  C  CB  . ALA A 1 73  ? 8.746   5.640   3.100   1.00 13.24 ? 1364 ALA A CB  1 
ATOM   423  N  N   . THR A 1 74  ? 7.371   3.171   4.529   1.00 12.55 ? 1365 THR A N   1 
ATOM   424  C  CA  . THR A 1 74  ? 7.389   2.049   5.499   1.00 13.10 ? 1365 THR A CA  1 
ATOM   425  C  C   . THR A 1 74  ? 7.137   0.726   4.767   1.00 11.88 ? 1365 THR A C   1 
ATOM   426  O  O   . THR A 1 74  ? 7.865   -0.248  5.015   1.00 12.54 ? 1365 THR A O   1 
ATOM   427  C  CB  . THR A 1 74  ? 6.398   2.240   6.636   1.00 14.04 ? 1365 THR A CB  1 
ATOM   428  O  OG1 . THR A 1 74  ? 6.816   3.456   7.281   1.00 15.38 ? 1365 THR A OG1 1 
ATOM   429  C  CG2 . THR A 1 74  ? 6.319   1.077   7.597   1.00 14.08 ? 1365 THR A CG2 1 
ATOM   430  N  N   . VAL A 1 75  ? 6.202   0.687   3.831   1.00 11.21 ? 1366 VAL A N   1 
ATOM   431  C  CA  . VAL A 1 75  ? 5.939   -0.544  3.063   1.00 11.84 ? 1366 VAL A CA  1 
ATOM   432  C  C   . VAL A 1 75  ? 7.179   -0.906  2.258   1.00 12.50 ? 1366 VAL A C   1 
ATOM   433  O  O   . VAL A 1 75  ? 7.600   -2.077  2.282   1.00 12.18 ? 1366 VAL A O   1 
ATOM   434  C  CB  . VAL A 1 75  ? 4.692   -0.386  2.179   1.00 12.56 ? 1366 VAL A CB  1 
ATOM   435  C  CG1 . VAL A 1 75  ? 4.572   -1.578  1.279   1.00 13.08 ? 1366 VAL A CG1 1 
ATOM   436  C  CG2 . VAL A 1 75  ? 3.441   -0.207  3.013   1.00 12.19 ? 1366 VAL A CG2 1 
ATOM   437  N  N   . ARG A 1 76  ? 7.792   0.034   1.555   1.00 11.90 ? 1367 ARG A N   1 
ATOM   438  C  CA  . ARG A 1 76  ? 8.994   -0.258  0.765   1.00 14.25 ? 1367 ARG A CA  1 
ATOM   439  C  C   . ARG A 1 76  ? 10.135  -0.725  1.658   1.00 13.22 ? 1367 ARG A C   1 
ATOM   440  O  O   . ARG A 1 76  ? 10.800  -1.707  1.293   1.00 14.64 ? 1367 ARG A O   1 
ATOM   441  C  CB  . ARG A 1 76  ? 9.431   1.002   0.029   1.00 15.96 ? 1367 ARG A CB  1 
ATOM   442  C  CG  . ARG A 1 76  ? 10.562  0.748   -0.945  1.00 18.83 ? 1367 ARG A CG  1 
ATOM   443  C  CD  . ARG A 1 76  ? 10.899  2.133   -1.440  1.00 22.57 ? 1367 ARG A CD  1 
ATOM   444  N  NE  . ARG A 1 76  ? 10.439  2.299   -2.772  1.00 24.07 ? 1367 ARG A NE  1 
ATOM   445  C  CZ  . ARG A 1 76  ? 10.403  3.459   -3.432  1.00 21.76 ? 1367 ARG A CZ  1 
ATOM   446  N  NH1 . ARG A 1 76  ? 10.671  4.595   -2.819  1.00 21.28 ? 1367 ARG A NH1 1 
ATOM   447  N  NH2 . ARG A 1 76  ? 10.067  3.451   -4.701  1.00 24.43 ? 1367 ARG A NH2 1 
ATOM   448  N  N   . GLU A 1 77  ? 10.354  -0.104  2.802   1.00 13.66 ? 1368 GLU A N   1 
ATOM   449  C  CA  . GLU A 1 77  ? 11.431  -0.495  3.721   1.00 15.21 ? 1368 GLU A CA  1 
ATOM   450  C  C   . GLU A 1 77  ? 11.157  -1.883  4.255   1.00 13.78 ? 1368 GLU A C   1 
ATOM   451  O  O   . GLU A 1 77  ? 12.094  -2.677  4.391   1.00 13.48 ? 1368 GLU A O   1 
ATOM   452  C  CB  . GLU A 1 77  ? 11.506  0.537   4.834   1.00 17.64 ? 1368 GLU A CB  1 
ATOM   453  C  CG  . GLU A 1 77  ? 12.230  1.814   4.426   1.00 21.10 ? 1368 GLU A CG  1 
ATOM   454  C  CD  . GLU A 1 77  ? 11.825  3.075   5.164   1.00 28.32 ? 1368 GLU A CD  1 
ATOM   455  O  OE1 . GLU A 1 77  ? 11.166  2.929   6.225   1.00 28.84 ? 1368 GLU A OE1 1 
ATOM   456  O  OE2 . GLU A 1 77  ? 12.153  4.203   4.648   1.00 31.60 ? 1368 GLU A OE2 1 
ATOM   457  N  N   . THR A 1 78  ? 9.921   -2.202  4.569   1.00 12.99 ? 1369 THR A N   1 
ATOM   458  C  CA  . THR A 1 78  ? 9.574   -3.543  5.070   1.00 12.90 ? 1369 THR A CA  1 
ATOM   459  C  C   . THR A 1 78  ? 9.890   -4.565  3.982   1.00 13.36 ? 1369 THR A C   1 
ATOM   460  O  O   . THR A 1 78  ? 10.458  -5.640  4.286   1.00 13.98 ? 1369 THR A O   1 
ATOM   461  C  CB  . THR A 1 78  ? 8.098   -3.577  5.478   1.00 12.68 ? 1369 THR A CB  1 
ATOM   462  O  OG1 . THR A 1 78  ? 7.864   -2.567  6.470   1.00 13.53 ? 1369 THR A OG1 1 
ATOM   463  C  CG2 . THR A 1 78  ? 7.688   -4.915  6.022   1.00 12.71 ? 1369 THR A CG2 1 
ATOM   464  N  N   . LEU A 1 79  ? 9.489   -4.299  2.759   1.00 12.66 ? 1370 LEU A N   1 
ATOM   465  C  CA  . LEU A 1 79  ? 9.764   -5.200  1.630   1.00 13.12 ? 1370 LEU A CA  1 
ATOM   466  C  C   . LEU A 1 79  ? 11.270  -5.370  1.480   1.00 13.47 ? 1370 LEU A C   1 
ATOM   467  O  O   . LEU A 1 79  ? 11.774  -6.537  1.390   1.00 13.56 ? 1370 LEU A O   1 
ATOM   468  C  CB  . LEU A 1 79  ? 9.137   -4.592  0.379   1.00 12.98 ? 1370 LEU A CB  1 
ATOM   469  C  CG  . LEU A 1 79  ? 9.203   -5.481  -0.875  1.00 13.69 ? 1370 LEU A CG  1 
ATOM   470  C  CD1 . LEU A 1 79  ? 8.403   -6.772  -0.665  1.00 12.96 ? 1370 LEU A CD1 1 
ATOM   471  C  CD2 . LEU A 1 79  ? 8.667   -4.686  -2.060  1.00 15.03 ? 1370 LEU A CD2 1 
ATOM   472  N  N   . GLU A 1 80  ? 12.013  -4.275  1.431   1.00 13.61 ? 1371 GLU A N   1 
ATOM   473  C  CA  . GLU A 1 80  ? 13.465  -4.313  1.128   1.00 15.43 ? 1371 GLU A CA  1 
ATOM   474  C  C   . GLU A 1 80  ? 14.209  -4.958  2.291   1.00 14.33 ? 1371 GLU A C   1 
ATOM   475  O  O   . GLU A 1 80  ? 15.291  -5.520  2.042   1.00 16.85 ? 1371 GLU A O   1 
ATOM   476  C  CB  . GLU A 1 80  ? 13.980  -2.916  0.807   1.00 16.74 ? 1371 GLU A CB  1 
ATOM   477  C  CG  . GLU A 1 80  ? 13.372  -2.356  -0.475  1.00 20.47 ? 1371 GLU A CG  1 
ATOM   478  C  CD  . GLU A 1 80  ? 13.444  -3.254  -1.706  1.00 27.82 ? 1371 GLU A CD  1 
ATOM   479  O  OE1 . GLU A 1 80  ? 14.336  -2.988  -2.525  1.00 38.11 ? 1371 GLU A OE1 1 
ATOM   480  O  OE2 . GLU A 1 80  ? 12.648  -4.241  -1.847  1.00 27.03 ? 1371 GLU A OE2 1 
ATOM   481  N  N   . ALA A 1 81  ? 13.692  -4.896  3.510   1.00 14.63 ? 1372 ALA A N   1 
ATOM   482  C  CA  . ALA A 1 81  ? 14.286  -5.548  4.687   1.00 15.33 ? 1372 ALA A CA  1 
ATOM   483  C  C   . ALA A 1 81  ? 14.070  -7.053  4.648   1.00 15.43 ? 1372 ALA A C   1 
ATOM   484  O  O   . ALA A 1 81  ? 14.644  -7.783  5.457   1.00 16.68 ? 1372 ALA A O   1 
ATOM   485  C  CB  . ALA A 1 81  ? 13.724  -4.945  5.932   1.00 15.70 ? 1372 ALA A CB  1 
ATOM   486  N  N   . GLY A 1 82  ? 13.235  -7.547  3.729   1.00 14.06 ? 1373 GLY A N   1 
ATOM   487  C  CA  . GLY A 1 82  ? 12.910  -8.967  3.776   1.00 13.51 ? 1373 GLY A CA  1 
ATOM   488  C  C   . GLY A 1 82  ? 11.949  -9.302  4.869   1.00 14.29 ? 1373 GLY A C   1 
ATOM   489  O  O   . GLY A 1 82  ? 12.043  -10.353 5.457   1.00 15.22 ? 1373 GLY A O   1 
ATOM   490  N  N   . ASN A 1 83  ? 11.014  -8.403  5.192   1.00 13.08 ? 1374 ASN A N   1 
ATOM   491  C  CA  . ASN A 1 83  ? 10.105  -8.622  6.322   1.00 13.62 ? 1374 ASN A CA  1 
ATOM   492  C  C   . ASN A 1 83  ? 8.655   -8.765  5.851   1.00 12.98 ? 1374 ASN A C   1 
ATOM   493  O  O   . ASN A 1 83  ? 7.757   -8.825  6.667   1.00 14.57 ? 1374 ASN A O   1 
ATOM   494  C  CB  . ASN A 1 83  ? 10.234  -7.481  7.304   1.00 14.44 ? 1374 ASN A CB  1 
ATOM   495  C  CG  . ASN A 1 83  ? 11.539  -7.489  8.055   1.00 17.57 ? 1374 ASN A CG  1 
ATOM   496  O  OD1 . ASN A 1 83  ? 12.368  -8.428  8.021   1.00 19.70 ? 1374 ASN A OD1 1 
ATOM   497  N  ND2 . ASN A 1 83  ? 11.705  -6.441  8.817   1.00 18.32 ? 1374 ASN A ND2 1 
ATOM   498  N  N   . TYR A 1 84  ? 8.483   -8.963  4.550   1.00 13.57 ? 1375 TYR A N   1 
ATOM   499  C  CA  . TYR A 1 84  ? 7.220   -9.504  4.026   1.00 14.33 ? 1375 TYR A CA  1 
ATOM   500  C  C   . TYR A 1 84  ? 7.481   -10.937 3.595   1.00 14.15 ? 1375 TYR A C   1 
ATOM   501  O  O   . TYR A 1 84  ? 8.428   -11.160 2.889   1.00 15.45 ? 1375 TYR A O   1 
ATOM   502  C  CB  . TYR A 1 84  ? 6.667   -8.670  2.873   1.00 13.62 ? 1375 TYR A CB  1 
ATOM   503  C  CG  . TYR A 1 84  ? 6.087   -7.354  3.295   1.00 12.06 ? 1375 TYR A CG  1 
ATOM   504  C  CD1 . TYR A 1 84  ? 5.136   -7.263  4.289   1.00 12.22 ? 1375 TYR A CD1 1 
ATOM   505  C  CD2 . TYR A 1 84  ? 6.450   -6.221  2.639   1.00 12.08 ? 1375 TYR A CD2 1 
ATOM   506  C  CE1 . TYR A 1 84  ? 4.595   -6.040  4.656   1.00 11.99 ? 1375 TYR A CE1 1 
ATOM   507  C  CE2 . TYR A 1 84  ? 5.907   -5.002  2.968   1.00 12.86 ? 1375 TYR A CE2 1 
ATOM   508  C  CZ  . TYR A 1 84  ? 4.989   -4.906  3.992   1.00 12.91 ? 1375 TYR A CZ  1 
ATOM   509  O  OH  . TYR A 1 84  ? 4.493   -3.666  4.283   1.00 13.58 ? 1375 TYR A OH  1 
ATOM   510  N  N   . GLU A 1 85  ? 6.612   -11.842 4.012   1.00 15.80 ? 1376 GLU A N   1 
ATOM   511  C  CA  . GLU A 1 85  ? 6.690   -13.233 3.511   1.00 16.74 ? 1376 GLU A CA  1 
ATOM   512  C  C   . GLU A 1 85  ? 5.929   -13.405 2.189   1.00 17.73 ? 1376 GLU A C   1 
ATOM   513  O  O   . GLU A 1 85  ? 6.324   -14.254 1.343   1.00 20.30 ? 1376 GLU A O   1 
ATOM   514  C  CB  . GLU A 1 85  ? 6.128   -14.181 4.534   1.00 17.67 ? 1376 GLU A CB  1 
ATOM   515  C  CG  . GLU A 1 85  ? 6.504   -15.606 4.106   1.00 20.46 ? 1376 GLU A CG  1 
ATOM   516  C  CD  . GLU A 1 85  ? 6.128   -16.645 5.136   1.00 26.40 ? 1376 GLU A CD  1 
ATOM   517  O  OE1 . GLU A 1 85  ? 5.489   -16.266 6.130   1.00 32.01 ? 1376 GLU A OE1 1 
ATOM   518  O  OE2 . GLU A 1 85  ? 6.560   -17.831 4.964   1.00 29.63 ? 1376 GLU A OE2 1 
ATOM   519  N  N   . SER A 1 86  ? 4.890   -12.611 1.970   1.00 16.15 ? 1377 SER A N   1 
ATOM   520  C  CA  . SER A 1 86  ? 3.984   -12.819 0.829   1.00 15.06 ? 1377 SER A CA  1 
ATOM   521  C  C   . SER A 1 86  ? 3.495   -11.467 0.358   1.00 14.98 ? 1377 SER A C   1 
ATOM   522  O  O   . SER A 1 86  ? 3.508   -10.483 1.109   1.00 14.63 ? 1377 SER A O   1 
ATOM   523  C  CB  . SER A 1 86  ? 2.822   -13.646 1.259   1.00 15.61 ? 1377 SER A CB  1 
ATOM   524  O  OG  . SER A 1 86  ? 1.961   -12.894 2.089   1.00 16.80 ? 1377 SER A OG  1 
ATOM   525  N  N   . PRO A 1 87  ? 2.990   -11.376 -0.870  1.00 14.34 ? 1378 PRO A N   1 
ATOM   526  C  CA  . PRO A 1 87  ? 2.384   -10.129 -1.309  1.00 13.82 ? 1378 PRO A CA  1 
ATOM   527  C  C   . PRO A 1 87  ? 1.078   -9.827  -0.596  1.00 13.28 ? 1378 PRO A C   1 
ATOM   528  O  O   . PRO A 1 87  ? 0.736   -8.663  -0.565  1.00 12.25 ? 1378 PRO A O   1 
ATOM   529  C  CB  . PRO A 1 87  ? 2.091   -10.373 -2.791  1.00 14.51 ? 1378 PRO A CB  1 
ATOM   530  C  CG  . PRO A 1 87  ? 2.013   -11.903 -2.935  1.00 13.76 ? 1378 PRO A CG  1 
ATOM   531  C  CD  . PRO A 1 87  ? 3.004   -12.414 -1.921  1.00 15.00 ? 1378 PRO A CD  1 
ATOM   532  N  N   . MET A 1 88  ? 0.391   -10.802 -0.017  1.00 12.19 ? 1379 MET A N   1 
ATOM   533  C  CA  . MET A 1 88  ? -0.809  -10.546 0.787   1.00 13.03 ? 1379 MET A CA  1 
ATOM   534  C  C   . MET A 1 88  ? -0.447  -9.669  1.985   1.00 12.57 ? 1379 MET A C   1 
ATOM   535  O  O   . MET A 1 88  ? -1.208  -8.789  2.329   1.00 12.30 ? 1379 MET A O   1 
ATOM   536  C  CB  . MET A 1 88  ? -1.485  -11.840 1.265   1.00 13.76 ? 1379 MET A CB  1 
ATOM   537  C  CG  . MET A 1 88  ? -1.969  -12.693 0.095   1.00 15.17 ? 1379 MET A CG  1 
ATOM   538  S  SD  . MET A 1 88  ? -0.743  -13.745 -0.704  1.00 17.05 ? 1379 MET A SD  1 
ATOM   539  C  CE  . MET A 1 88  ? -0.713  -15.030 0.535   1.00 19.09 ? 1379 MET A CE  1 
ATOM   540  N  N   . GLU A 1 89  ? 0.701   -9.893  2.600   1.00 12.80 ? 1380 GLU A N   1 
ATOM   541  C  CA  . GLU A 1 89  ? 1.075   -9.077  3.767   1.00 12.72 ? 1380 GLU A CA  1 
ATOM   542  C  C   . GLU A 1 89  ? 1.338   -7.644  3.300   1.00 12.12 ? 1380 GLU A C   1 
ATOM   543  O  O   . GLU A 1 89  ? 0.940   -6.694  3.983   1.00 12.21 ? 1380 GLU A O   1 
ATOM   544  C  CB  . GLU A 1 89  ? 2.339   -9.596  4.422   1.00 14.74 ? 1380 GLU A CB  1 
ATOM   545  C  CG  . GLU A 1 89  ? 2.176   -10.924 5.080   1.00 15.94 ? 1380 GLU A CG  1 
ATOM   546  C  CD  . GLU A 1 89  ? 3.454   -11.435 5.702   1.00 16.92 ? 1380 GLU A CD  1 
ATOM   547  O  OE1 . GLU A 1 89  ? 4.494   -10.841 5.408   1.00 16.81 ? 1380 GLU A OE1 1 
ATOM   548  O  OE2 . GLU A 1 89  ? 3.380   -12.491 6.409   1.00 21.00 ? 1380 GLU A OE2 1 
ATOM   549  N  N   . LEU A 1 90  ? 2.032   -7.456  2.190   1.00 12.18 ? 1381 LEU A N   1 
ATOM   550  C  CA  . LEU A 1 90  ? 2.260   -6.106  1.641   1.00 12.81 ? 1381 LEU A CA  1 
ATOM   551  C  C   . LEU A 1 90  ? 0.929   -5.441  1.331   1.00 13.14 ? 1381 LEU A C   1 
ATOM   552  O  O   . LEU A 1 90  ? 0.737   -4.248  1.620   1.00 12.12 ? 1381 LEU A O   1 
ATOM   553  C  CB  . LEU A 1 90  ? 3.182   -6.176  0.418   1.00 12.42 ? 1381 LEU A CB  1 
ATOM   554  C  CG  . LEU A 1 90  ? 3.478   -4.863  -0.293  1.00 12.87 ? 1381 LEU A CG  1 
ATOM   555  C  CD1 . LEU A 1 90  ? 4.914   -4.853  -0.804  1.00 12.90 ? 1381 LEU A CD1 1 
ATOM   556  C  CD2 . LEU A 1 90  ? 2.456   -4.588  -1.402  1.00 13.72 ? 1381 LEU A CD2 1 
ATOM   557  N  N   A CYS A 1 91  ? 0.012   -6.201  0.734   0.25 12.63 ? 1382 CYS A N   1 
ATOM   558  N  N   B CYS A 1 91  ? -0.008  -6.175  0.731   0.25 13.20 ? 1382 CYS A N   1 
ATOM   559  C  CA  A CYS A 1 91  ? -1.324  -5.693  0.349   0.25 13.18 ? 1382 CYS A CA  1 
ATOM   560  C  CA  B CYS A 1 91  ? -1.348  -5.622  0.413   0.25 14.10 ? 1382 CYS A CA  1 
ATOM   561  C  C   A CYS A 1 91  ? -2.071  -5.205  1.599   0.25 13.08 ? 1382 CYS A C   1 
ATOM   562  C  C   B CYS A 1 91  ? -2.049  -5.137  1.664   0.25 13.55 ? 1382 CYS A C   1 
ATOM   563  O  O   A CYS A 1 91  ? -2.683  -4.135  1.521   0.25 12.58 ? 1382 CYS A O   1 
ATOM   564  O  O   B CYS A 1 91  ? -2.675  -4.076  1.617   0.25 13.08 ? 1382 CYS A O   1 
ATOM   565  C  CB  A CYS A 1 91  ? -2.083  -6.762  -0.425  0.25 13.15 ? 1382 CYS A CB  1 
ATOM   566  C  CB  B CYS A 1 91  ? -2.255  -6.667  -0.197  0.25 14.91 ? 1382 CYS A CB  1 
ATOM   567  S  SG  A CYS A 1 91  ? -3.433  -6.081  -1.418  0.25 12.80 ? 1382 CYS A SG  1 
ATOM   568  S  SG  B CYS A 1 91  ? -1.842  -6.858  -1.932  0.25 16.09 ? 1382 CYS A SG  1 
ATOM   569  N  N   . LYS A 1 92  ? -2.015  -5.950  2.706   1.00 13.45 ? 1383 LYS A N   1 
ATOM   570  C  CA  . LYS A 1 92  ? -2.673  -5.561  3.958   1.00 13.81 ? 1383 LYS A CA  1 
ATOM   571  C  C   . LYS A 1 92  ? -2.130  -4.193  4.393   1.00 12.45 ? 1383 LYS A C   1 
ATOM   572  O  O   . LYS A 1 92  ? -2.908  -3.340  4.782   1.00 12.33 ? 1383 LYS A O   1 
ATOM   573  C  CB  . LYS A 1 92  ? -2.432  -6.654  4.989   1.00 16.04 ? 1383 LYS A CB  1 
ATOM   574  C  CG  . LYS A 1 92  ? -3.061  -6.370  6.330   1.00 18.54 ? 1383 LYS A CG  1 
ATOM   575  C  CD  . LYS A 1 92  ? -2.933  -7.568  7.289   1.00 22.14 ? 1383 LYS A CD  1 
ATOM   576  C  CE  . LYS A 1 92  ? -3.086  -7.166  8.754   1.00 27.72 ? 1383 LYS A CE  1 
ATOM   577  N  NZ  . LYS A 1 92  ? -3.279  -8.345  9.658   1.00 29.04 ? 1383 LYS A NZ  1 
ATOM   578  N  N   . ASP A 1 93  ? -0.821  -3.993  4.384   1.00 11.74 ? 1384 ASP A N   1 
ATOM   579  C  CA  . ASP A 1 93  ? -0.245  -2.701  4.823   1.00 11.68 ? 1384 ASP A CA  1 
ATOM   580  C  C   . ASP A 1 93  ? -0.617  -1.588  3.836   1.00 11.02 ? 1384 ASP A C   1 
ATOM   581  O  O   . ASP A 1 93  ? -0.945  -0.489  4.270   1.00 10.67 ? 1384 ASP A O   1 
ATOM   582  C  CB  . ASP A 1 93  ? 1.259   -2.781  4.957   1.00 12.04 ? 1384 ASP A CB  1 
ATOM   583  C  CG  . ASP A 1 93  ? 1.720   -3.495  6.215   1.00 14.31 ? 1384 ASP A CG  1 
ATOM   584  O  OD1 . ASP A 1 93  ? 0.850   -3.834  7.056   1.00 16.29 ? 1384 ASP A OD1 1 
ATOM   585  O  OD2 . ASP A 1 93  ? 2.903   -3.734  6.326   1.00 14.50 ? 1384 ASP A OD2 1 
ATOM   586  N  N   . VAL A 1 94  ? -0.643  -1.812  2.522   1.00 11.13 ? 1385 VAL A N   1 
ATOM   587  C  CA  . VAL A 1 94  ? -1.005  -0.748  1.572   1.00 10.31 ? 1385 VAL A CA  1 
ATOM   588  C  C   . VAL A 1 94  ? -2.471  -0.420  1.825   1.00 11.23 ? 1385 VAL A C   1 
ATOM   589  O  O   . VAL A 1 94  ? -2.854  0.760   1.834   1.00 11.27 ? 1385 VAL A O   1 
ATOM   590  C  CB  . VAL A 1 94  ? -0.737  -1.190  0.129   1.00 11.32 ? 1385 VAL A CB  1 
ATOM   591  C  CG1 . VAL A 1 94  ? -1.355  -0.201  -0.858  1.00 11.71 ? 1385 VAL A CG1 1 
ATOM   592  C  CG2 . VAL A 1 94  ? 0.755   -1.326  -0.125  1.00 12.21 ? 1385 VAL A CG2 1 
ATOM   593  N  N   . ARG A 1 95  ? -3.314  -1.427  2.052   1.00 10.53 ? 1386 ARG A N   1 
ATOM   594  C  CA  . ARG A 1 95  ? -4.743  -1.153  2.237   1.00 11.24 ? 1386 ARG A CA  1 
ATOM   595  C  C   . ARG A 1 95  ? -4.956  -0.351  3.516   1.00 11.63 ? 1386 ARG A C   1 
ATOM   596  O  O   . ARG A 1 95  ? -5.880  0.449   3.588   1.00 11.12 ? 1386 ARG A O   1 
ATOM   597  C  CB  . ARG A 1 95  ? -5.555  -2.443  2.203   1.00 11.63 ? 1386 ARG A CB  1 
ATOM   598  C  CG  . ARG A 1 95  ? -5.693  -2.976  0.793   1.00 13.95 ? 1386 ARG A CG  1 
ATOM   599  C  CD  . ARG A 1 95  ? -6.185  -4.394  0.793   1.00 15.49 ? 1386 ARG A CD  1 
ATOM   600  N  NE  . ARG A 1 95  ? -6.336  -4.839  -0.571  1.00 16.00 ? 1386 ARG A NE  1 
ATOM   601  C  CZ  . ARG A 1 95  ? -6.639  -6.066  -0.929  1.00 21.69 ? 1386 ARG A CZ  1 
ATOM   602  N  NH1 . ARG A 1 95  ? -6.810  -7.007  -0.019  1.00 21.14 ? 1386 ARG A NH1 1 
ATOM   603  N  NH2 . ARG A 1 95  ? -6.720  -6.360  -2.216  1.00 24.64 ? 1386 ARG A NH2 1 
ATOM   604  N  N   . LEU A 1 96  ? -4.121  -0.536  4.513   1.00 11.45 ? 1387 LEU A N   1 
ATOM   605  C  CA  . LEU A 1 96  ? -4.163  0.223   5.778   1.00 11.86 ? 1387 LEU A CA  1 
ATOM   606  C  C   . LEU A 1 96  ? -3.839  1.687   5.498   1.00 11.20 ? 1387 LEU A C   1 
ATOM   607  O  O   . LEU A 1 96  ? -4.456  2.565   6.093   1.00 11.23 ? 1387 LEU A O   1 
ATOM   608  C  CB  . LEU A 1 96  ? -3.146  -0.391  6.728   1.00 11.99 ? 1387 LEU A CB  1 
ATOM   609  C  CG  . LEU A 1 96  ? -2.968  0.306   8.065   1.00 12.78 ? 1387 LEU A CG  1 
ATOM   610  C  CD1 . LEU A 1 96  ? -4.262  0.316   8.842   1.00 13.19 ? 1387 LEU A CD1 1 
ATOM   611  C  CD2 . LEU A 1 96  ? -1.870  -0.359  8.861   1.00 12.67 ? 1387 LEU A CD2 1 
ATOM   612  N  N   . ILE A 1 97  ? -2.938  1.995   4.561   1.00 11.29 ? 1388 ILE A N   1 
ATOM   613  C  CA  . ILE A 1 97  ? -2.718  3.409   4.154   1.00 10.66 ? 1388 ILE A CA  1 
ATOM   614  C  C   . ILE A 1 97  ? -4.064  3.998   3.770   1.00 10.39 ? 1388 ILE A C   1 
ATOM   615  O  O   . ILE A 1 97  ? -4.419  5.115   4.168   1.00 11.60 ? 1388 ILE A O   1 
ATOM   616  C  CB  . ILE A 1 97  ? -1.681  3.540   3.036   1.00 11.01 ? 1388 ILE A CB  1 
ATOM   617  C  CG1 . ILE A 1 97  ? -0.341  2.933   3.470   1.00 10.59 ? 1388 ILE A CG1 1 
ATOM   618  C  CG2 . ILE A 1 97  ? -1.579  4.984   2.582   1.00 11.24 ? 1388 ILE A CG2 1 
ATOM   619  C  CD1 . ILE A 1 97  ? 0.718   2.846   2.352   1.00 10.68 ? 1388 ILE A CD1 1 
ATOM   620  N  N   . PHE A 1 98  ? -4.794  3.266   2.945   1.00 10.16 ? 1389 PHE A N   1 
ATOM   621  C  CA  . PHE A 1 98  ? -6.037  3.825   2.390   1.00 10.91 ? 1389 PHE A CA  1 
ATOM   622  C  C   . PHE A 1 98  ? -7.100  3.867   3.473   1.00 10.94 ? 1389 PHE A C   1 
ATOM   623  O  O   . PHE A 1 98  ? -7.865  4.843   3.504   1.00 11.75 ? 1389 PHE A O   1 
ATOM   624  C  CB  . PHE A 1 98  ? -6.459  3.053   1.147   1.00 11.83 ? 1389 PHE A CB  1 
ATOM   625  C  CG  . PHE A 1 98  ? -5.401  3.082   0.072   1.00 12.29 ? 1389 PHE A CG  1 
ATOM   626  C  CD1 . PHE A 1 98  ? -4.754  4.252   -0.284  1.00 14.07 ? 1389 PHE A CD1 1 
ATOM   627  C  CD2 . PHE A 1 98  ? -5.049  1.922   -0.593  1.00 13.63 ? 1389 PHE A CD2 1 
ATOM   628  C  CE1 . PHE A 1 98  ? -3.780  4.254   -1.282  1.00 15.31 ? 1389 PHE A CE1 1 
ATOM   629  C  CE2 . PHE A 1 98  ? -4.091  1.953   -1.600  1.00 13.29 ? 1389 PHE A CE2 1 
ATOM   630  C  CZ  . PHE A 1 98  ? -3.486  3.107   -1.935  1.00 14.52 ? 1389 PHE A CZ  1 
ATOM   631  N  N   . SER A 1 99  ? -7.217  2.841   4.293   1.00 11.45 ? 1390 SER A N   1 
ATOM   632  C  CA  . SER A 1 99  ? -8.269  2.873   5.316   1.00 12.04 ? 1390 SER A CA  1 
ATOM   633  C  C   . SER A 1 99  ? -7.947  3.979   6.319   1.00 11.75 ? 1390 SER A C   1 
ATOM   634  O  O   . SER A 1 99  ? -8.888  4.611   6.832   1.00 12.22 ? 1390 SER A O   1 
ATOM   635  C  CB  . SER A 1 99  ? -8.447  1.545   5.953   1.00 12.26 ? 1390 SER A CB  1 
ATOM   636  O  OG  . SER A 1 99  ? -7.296  1.074   6.586   1.00 14.19 ? 1390 SER A OG  1 
ATOM   637  N  N   . ASN A 1 100 ? -6.687  4.222   6.633   1.00 11.28 ? 1391 ASN A N   1 
ATOM   638  C  CA  . ASN A 1 100 ? -6.330  5.321   7.549   1.00 11.05 ? 1391 ASN A CA  1 
ATOM   639  C  C   . ASN A 1 100 ? -6.805  6.639   6.930   1.00 11.65 ? 1391 ASN A C   1 
ATOM   640  O  O   . ASN A 1 100 ? -7.346  7.500   7.634   1.00 12.42 ? 1391 ASN A O   1 
ATOM   641  C  CB  . ASN A 1 100 ? -4.851  5.365   7.833   1.00 11.63 ? 1391 ASN A CB  1 
ATOM   642  C  CG  . ASN A 1 100 ? -4.399  4.291   8.779   1.00 11.81 ? 1391 ASN A CG  1 
ATOM   643  O  OD1 . ASN A 1 100 ? -5.168  3.594   9.418   1.00 12.82 ? 1391 ASN A OD1 1 
ATOM   644  N  ND2 . ASN A 1 100 ? -3.104  4.134   8.857   1.00 13.17 ? 1391 ASN A ND2 1 
ATOM   645  N  N   . SER A 1 101 ? -6.596  6.840   5.641   1.00 11.22 ? 1392 SER A N   1 
ATOM   646  C  CA  . SER A 1 101 ? -7.011  8.103   4.995   1.00 11.32 ? 1392 SER A CA  1 
ATOM   647  C  C   . SER A 1 101 ? -8.524  8.259   5.095   1.00 11.84 ? 1392 SER A C   1 
ATOM   648  O  O   . SER A 1 101 ? -9.032  9.353   5.397   1.00 12.43 ? 1392 SER A O   1 
ATOM   649  C  CB  . SER A 1 101 ? -6.502  8.121   3.574   1.00 11.71 ? 1392 SER A CB  1 
ATOM   650  O  OG  . SER A 1 101 ? -6.823  9.355   2.942   1.00 13.01 ? 1392 SER A OG  1 
ATOM   651  N  N   . LYS A 1 102 ? -9.245  7.167   4.907   1.00 12.11 ? 1393 LYS A N   1 
ATOM   652  C  CA  . LYS A 1 102 ? -10.720 7.195   4.939   1.00 13.63 ? 1393 LYS A CA  1 
ATOM   653  C  C   . LYS A 1 102 ? -11.190 7.478   6.378   1.00 13.93 ? 1393 LYS A C   1 
ATOM   654  O  O   . LYS A 1 102 ? -12.156 8.246   6.565   1.00 13.94 ? 1393 LYS A O   1 
ATOM   655  C  CB  . LYS A 1 102 ? -11.270 5.884   4.408   1.00 13.67 ? 1393 LYS A CB  1 
ATOM   656  C  CG  . LYS A 1 102 ? -12.793 5.832   4.315   1.00 14.93 ? 1393 LYS A CG  1 
ATOM   657  C  CD  . LYS A 1 102 ? -13.254 4.634   3.594   1.00 17.46 ? 1393 LYS A CD  1 
ATOM   658  C  CE  . LYS A 1 102 ? -14.739 4.705   3.315   1.00 18.59 ? 1393 LYS A CE  1 
ATOM   659  N  NZ  . LYS A 1 102 ? -15.126 3.602   2.420   1.00 20.97 ? 1393 LYS A NZ  1 
ATOM   660  N  N   . ALA A 1 103 ? -10.535 6.896   7.355   1.00 13.41 ? 1394 ALA A N   1 
ATOM   661  C  CA  . ALA A 1 103 ? -10.897 7.097   8.774   1.00 13.98 ? 1394 ALA A CA  1 
ATOM   662  C  C   . ALA A 1 103 ? -10.563 8.527   9.176   1.00 15.10 ? 1394 ALA A C   1 
ATOM   663  O  O   . ALA A 1 103 ? -11.292 9.106   9.976   1.00 15.07 ? 1394 ALA A O   1 
ATOM   664  C  CB  . ALA A 1 103 ? -10.166 6.068   9.609   1.00 13.72 ? 1394 ALA A CB  1 
ATOM   665  N  N   . TYR A 1 104 ? -9.488  9.114   8.682   1.00 12.84 ? 1395 TYR A N   1 
ATOM   666  C  CA  . TYR A 1 104 ? -9.023  10.428  9.182   1.00 13.82 ? 1395 TYR A CA  1 
ATOM   667  C  C   . TYR A 1 104 ? -9.744  11.557  8.474   1.00 13.11 ? 1395 TYR A C   1 
ATOM   668  O  O   . TYR A 1 104 ? -9.764  12.672  8.962   1.00 13.31 ? 1395 TYR A O   1 
ATOM   669  C  CB  . TYR A 1 104 ? -7.524  10.603  9.092   1.00 13.47 ? 1395 TYR A CB  1 
ATOM   670  C  CG  . TYR A 1 104 ? -7.083  11.842  9.805   1.00 13.97 ? 1395 TYR A CG  1 
ATOM   671  C  CD1 . TYR A 1 104 ? -7.149  11.951  11.177  1.00 14.83 ? 1395 TYR A CD1 1 
ATOM   672  C  CD2 . TYR A 1 104 ? -6.616  12.921  9.078   1.00 16.20 ? 1395 TYR A CD2 1 
ATOM   673  C  CE1 . TYR A 1 104 ? -6.815  13.132  11.812  1.00 14.74 ? 1395 TYR A CE1 1 
ATOM   674  C  CE2 . TYR A 1 104 ? -6.282  14.109  9.695   1.00 16.32 ? 1395 TYR A CE2 1 
ATOM   675  C  CZ  . TYR A 1 104 ? -6.284  14.171  11.074  1.00 14.52 ? 1395 TYR A CZ  1 
ATOM   676  O  OH  . TYR A 1 104 ? -5.953  15.359  11.662  1.00 18.54 ? 1395 TYR A OH  1 
ATOM   677  N  N   . THR A 1 105 ? -10.276 11.312  7.288   1.00 13.65 ? 1396 THR A N   1 
ATOM   678  C  CA  . THR A 1 105 ? -10.823 12.394  6.476   1.00 13.30 ? 1396 THR A CA  1 
ATOM   679  C  C   . THR A 1 105 ? -12.042 13.009  7.157   1.00 14.59 ? 1396 THR A C   1 
ATOM   680  O  O   . THR A 1 105 ? -12.927 12.298  7.653   1.00 15.17 ? 1396 THR A O   1 
ATOM   681  C  CB  . THR A 1 105 ? -11.111 11.960  5.037   1.00 13.21 ? 1396 THR A CB  1 
ATOM   682  O  OG1 . THR A 1 105 ? -11.250 13.154  4.278   1.00 14.44 ? 1396 THR A OG1 1 
ATOM   683  C  CG2 . THR A 1 105 ? -12.330 11.096  4.883   1.00 14.17 ? 1396 THR A CG2 1 
ATOM   684  N  N   . PRO A 1 106 ? -12.171 14.340  7.127   1.00 14.89 ? 1397 PRO A N   1 
ATOM   685  C  CA  . PRO A 1 106 ? -13.373 14.978  7.664   1.00 15.33 ? 1397 PRO A CA  1 
ATOM   686  C  C   . PRO A 1 106 ? -14.509 14.970  6.649   1.00 16.77 ? 1397 PRO A C   1 
ATOM   687  O  O   . PRO A 1 106 ? -15.627 15.324  6.972   1.00 16.49 ? 1397 PRO A O   1 
ATOM   688  C  CB  . PRO A 1 106 ? -12.910 16.400  7.979   1.00 17.16 ? 1397 PRO A CB  1 
ATOM   689  C  CG  . PRO A 1 106 ? -11.783 16.673  6.972   1.00 16.39 ? 1397 PRO A CG  1 
ATOM   690  C  CD  . PRO A 1 106 ? -11.159 15.319  6.708   1.00 16.10 ? 1397 PRO A CD  1 
ATOM   691  N  N   . SER A 1 107 ? -14.176 14.707  5.391   1.00 14.89 ? 1398 SER A N   1 
ATOM   692  C  CA  . SER A 1 107 ? -15.112 14.751  4.268   1.00 14.97 ? 1398 SER A CA  1 
ATOM   693  C  C   . SER A 1 107 ? -14.752 13.721  3.211   1.00 15.06 ? 1398 SER A C   1 
ATOM   694  O  O   . SER A 1 107 ? -13.564 13.525  2.905   1.00 14.38 ? 1398 SER A O   1 
ATOM   695  C  CB  . SER A 1 107 ? -15.136 16.115  3.658   1.00 15.98 ? 1398 SER A CB  1 
ATOM   696  O  OG  . SER A 1 107 ? -15.925 16.092  2.520   1.00 16.29 ? 1398 SER A OG  1 
ATOM   697  N  N   . LYS A 1 108 ? -15.747 13.112  2.599   1.00 16.28 ? 1399 LYS A N   1 
ATOM   698  C  CA  . LYS A 1 108 ? -15.479 12.194  1.481   1.00 18.31 ? 1399 LYS A CA  1 
ATOM   699  C  C   . LYS A 1 108 ? -15.019 12.966  0.262   1.00 17.60 ? 1399 LYS A C   1 
ATOM   700  O  O   . LYS A 1 108 ? -14.584 12.334  -0.704  1.00 17.81 ? 1399 LYS A O   1 
ATOM   701  C  CB  . LYS A 1 108 ? -16.682 11.294  1.256   1.00 20.09 ? 1399 LYS A CB  1 
ATOM   702  C  CG  . LYS A 1 108 ? -16.671 10.205  2.323   1.00 22.29 ? 1399 LYS A CG  1 
ATOM   703  C  CD  . LYS A 1 108 ? -17.691 9.139   2.202   1.00 24.73 ? 1399 LYS A CD  1 
ATOM   704  C  CE  . LYS A 1 108 ? -17.636 8.162   3.348   1.00 23.60 ? 1399 LYS A CE  1 
ATOM   705  N  NZ  . LYS A 1 108 ? -18.380 6.934   2.987   1.00 26.86 ? 1399 LYS A NZ  1 
ATOM   706  N  N   . ARG A 1 109 ? -15.125 14.299  0.289   0.39 17.70 ? 1400 ARG A N   1 
ATOM   707  C  CA  . ARG A 1 109 ? -14.710 15.174  -0.836  0.39 19.25 ? 1400 ARG A CA  1 
ATOM   708  C  C   . ARG A 1 109 ? -13.382 15.856  -0.501  0.39 18.12 ? 1400 ARG A C   1 
ATOM   709  O  O   . ARG A 1 109 ? -12.994 16.763  -1.248  0.39 19.27 ? 1400 ARG A O   1 
ATOM   710  C  CB  . ARG A 1 109 ? -15.801 16.210  -1.119  0.39 21.77 ? 1400 ARG A CB  1 
ATOM   711  C  CG  . ARG A 1 109 ? -17.175 15.602  -1.366  0.39 25.68 ? 1400 ARG A CG  1 
ATOM   712  C  CD  . ARG A 1 109 ? -18.253 16.664  -1.460  0.39 28.18 ? 1400 ARG A CD  1 
ATOM   713  N  NE  . ARG A 1 109 ? -18.095 17.509  -2.638  0.39 31.23 ? 1400 ARG A NE  1 
ATOM   714  C  CZ  . ARG A 1 109 ? -17.613 18.753  -2.649  0.39 33.29 ? 1400 ARG A CZ  1 
ATOM   715  N  NH1 . ARG A 1 109 ? -17.209 19.339  -1.532  0.39 36.43 ? 1400 ARG A NH1 1 
ATOM   716  N  NH2 . ARG A 1 109 ? -17.528 19.411  -3.793  0.39 34.41 ? 1400 ARG A NH2 1 
ATOM   717  N  N   . SER A 1 110 ? -12.708 15.449  0.576   0.39 16.40 ? 1401 SER A N   1 
ATOM   718  C  CA  . SER A 1 110 ? -11.378 15.990  0.948   0.39 15.91 ? 1401 SER A CA  1 
ATOM   719  C  C   . SER A 1 110 ? -10.375 15.717  -0.183  0.39 14.78 ? 1401 SER A C   1 
ATOM   720  O  O   . SER A 1 110 ? -10.511 14.708  -0.908  0.39 15.22 ? 1401 SER A O   1 
ATOM   721  C  CB  . SER A 1 110 ? -10.887 15.432  2.254   0.39 16.53 ? 1401 SER A CB  1 
ATOM   722  O  OG  . SER A 1 110 ? -11.731 15.802  3.335   0.39 18.31 ? 1401 SER A OG  1 
ATOM   723  N  N   . ARG A 1 111 ? -9.388  16.596  -0.324  0.39 13.78 ? 1402 ARG A N   1 
ATOM   724  C  CA  . ARG A 1 111 ? -8.335  16.484  -1.361  0.39 13.52 ? 1402 ARG A CA  1 
ATOM   725  C  C   . ARG A 1 111 ? -7.531  15.204  -1.120  0.39 13.31 ? 1402 ARG A C   1 
ATOM   726  O  O   . ARG A 1 111 ? -7.395  14.391  -2.049  0.39 13.14 ? 1402 ARG A O   1 
ATOM   727  C  CB  . ARG A 1 111 ? -7.421  17.711  -1.300  0.39 13.19 ? 1402 ARG A CB  1 
ATOM   728  C  CG  . ARG A 1 111 ? -6.178  17.603  -2.166  0.39 12.85 ? 1402 ARG A CG  1 
ATOM   729  C  CD  . ARG A 1 111 ? -6.492  17.731  -3.642  0.39 12.66 ? 1402 ARG A CD  1 
ATOM   730  N  NE  . ARG A 1 111 ? -5.375  17.269  -4.449  0.39 12.87 ? 1402 ARG A NE  1 
ATOM   731  C  CZ  . ARG A 1 111 ? -4.400  18.030  -4.948  0.39 13.22 ? 1402 ARG A CZ  1 
ATOM   732  N  NH1 . ARG A 1 111 ? -4.381  19.336  -4.750  0.39 14.06 ? 1402 ARG A NH1 1 
ATOM   733  N  NH2 . ARG A 1 111 ? -3.436  17.463  -5.656  0.39 13.50 ? 1402 ARG A NH2 1 
ATOM   734  N  N   . ILE A 1 112 ? -6.993  15.054  0.084   1.00 12.74 ? 1403 ILE A N   1 
ATOM   735  C  CA  . ILE A 1 112 ? -6.068  13.919  0.386   1.00 12.52 ? 1403 ILE A CA  1 
ATOM   736  C  C   . ILE A 1 112 ? -6.839  12.609  0.293   1.00 12.81 ? 1403 ILE A C   1 
ATOM   737  O  O   . ILE A 1 112 ? -6.383  11.669  -0.358  1.00 11.96 ? 1403 ILE A O   1 
ATOM   738  C  CB  . ILE A 1 112 ? -5.367  14.165  1.728   1.00 12.56 ? 1403 ILE A CB  1 
ATOM   739  C  CG1 . ILE A 1 112 ? -4.419  15.354  1.570   1.00 13.94 ? 1403 ILE A CG1 1 
ATOM   740  C  CG2 . ILE A 1 112 ? -4.622  12.904  2.153   1.00 13.29 ? 1403 ILE A CG2 1 
ATOM   741  C  CD1 . ILE A 1 112 ? -3.844  15.925  2.850   1.00 14.76 ? 1403 ILE A CD1 1 
ATOM   742  N  N   . TYR A 1 113 ? -8.058  12.523  0.807   1.00 11.40 ? 1404 TYR A N   1 
ATOM   743  C  CA  . TYR A 1 113 ? -8.853  11.302  0.693   1.00 11.82 ? 1404 TYR A CA  1 
ATOM   744  C  C   . TYR A 1 113 ? -9.132  11.014  -0.783  1.00 12.01 ? 1404 TYR A C   1 
ATOM   745  O  O   . TYR A 1 113 ? -9.063  9.874   -1.221  1.00 11.63 ? 1404 TYR A O   1 
ATOM   746  C  CB  . TYR A 1 113 ? -10.142 11.433  1.494   1.00 12.04 ? 1404 TYR A CB  1 
ATOM   747  C  CG  . TYR A 1 113 ? -11.072 10.272  1.302   1.00 12.07 ? 1404 TYR A CG  1 
ATOM   748  C  CD1 . TYR A 1 113 ? -10.719 9.009   1.744   1.00 13.69 ? 1404 TYR A CD1 1 
ATOM   749  C  CD2 . TYR A 1 113 ? -12.325 10.441  0.707   1.00 13.02 ? 1404 TYR A CD2 1 
ATOM   750  C  CE1 . TYR A 1 113 ? -11.569 7.937   1.557   1.00 12.53 ? 1404 TYR A CE1 1 
ATOM   751  C  CE2 . TYR A 1 113 ? -13.191 9.377   0.551   1.00 14.94 ? 1404 TYR A CE2 1 
ATOM   752  C  CZ  . TYR A 1 113 ? -12.830 8.129   1.031   1.00 13.96 ? 1404 TYR A CZ  1 
ATOM   753  O  OH  . TYR A 1 113 ? -13.683 7.072   0.851   1.00 17.57 ? 1404 TYR A OH  1 
ATOM   754  N  N   A SER A 1 114 ? -9.468  12.038  -1.570  0.18 12.13 ? 1405 SER A N   1 
ATOM   755  N  N   B SER A 1 114 ? -9.465  12.038  -1.565  0.21 12.15 ? 1405 SER A N   1 
ATOM   756  C  CA  A SER A 1 114 ? -9.779  11.844  -3.010  0.18 12.65 ? 1405 SER A CA  1 
ATOM   757  C  CA  B SER A 1 114 ? -9.776  11.850  -3.002  0.21 12.72 ? 1405 SER A CA  1 
ATOM   758  C  C   A SER A 1 114 ? -8.548  11.246  -3.707  0.18 12.51 ? 1405 SER A C   1 
ATOM   759  C  C   B SER A 1 114 ? -8.550  11.259  -3.712  0.21 12.55 ? 1405 SER A C   1 
ATOM   760  O  O   A SER A 1 114 ? -8.722  10.389  -4.594  0.18 12.43 ? 1405 SER A O   1 
ATOM   761  O  O   B SER A 1 114 ? -8.729  10.410  -4.606  0.21 12.44 ? 1405 SER A O   1 
ATOM   762  C  CB  A SER A 1 114 ? -10.231 13.110  -3.677  0.18 13.23 ? 1405 SER A CB  1 
ATOM   763  C  CB  B SER A 1 114 ? -10.238 13.125  -3.634  0.21 13.40 ? 1405 SER A CB  1 
ATOM   764  O  OG  A SER A 1 114 ? -9.135  13.966  -3.955  0.18 14.25 ? 1405 SER A OG  1 
ATOM   765  O  OG  B SER A 1 114 ? -11.472 13.534  -3.064  0.21 14.64 ? 1405 SER A OG  1 
ATOM   766  N  N   . MET A 1 115 ? -7.354  11.699  -3.329  1.00 12.53 ? 1406 MET A N   1 
ATOM   767  C  CA  . MET A 1 115 ? -6.094  11.167  -3.880  1.00 12.67 ? 1406 MET A CA  1 
ATOM   768  C  C   . MET A 1 115 ? -5.960  9.703   -3.462  1.00 11.68 ? 1406 MET A C   1 
ATOM   769  O  O   . MET A 1 115 ? -5.615  8.857   -4.309  1.00 12.19 ? 1406 MET A O   1 
ATOM   770  C  CB  . MET A 1 115 ? -4.938  11.993  -3.357  1.00 13.26 ? 1406 MET A CB  1 
ATOM   771  C  CG  . MET A 1 115 ? -4.896  13.376  -3.970  1.00 14.78 ? 1406 MET A CG  1 
ATOM   772  S  SD  . MET A 1 115 ? -3.815  14.504  -3.067  1.00 17.77 ? 1406 MET A SD  1 
ATOM   773  C  CE  . MET A 1 115 ? -2.277  14.096  -3.802  1.00 18.34 ? 1406 MET A CE  1 
ATOM   774  N  N   . SER A 1 116 ? -6.319  9.365   -2.227  1.00 11.70 ? 1407 SER A N   1 
ATOM   775  C  CA  . SER A 1 116 ? -6.254  7.982   -1.723  1.00 10.70 ? 1407 SER A CA  1 
ATOM   776  C  C   . SER A 1 116 ? -7.128  7.084   -2.591  1.00 11.14 ? 1407 SER A C   1 
ATOM   777  O  O   . SER A 1 116 ? -6.721  5.965   -2.873  1.00 12.58 ? 1407 SER A O   1 
ATOM   778  C  CB  . SER A 1 116 ? -6.644  7.921   -0.253  1.00 12.32 ? 1407 SER A CB  1 
ATOM   779  O  OG  . SER A 1 116 ? -8.020  7.801   -0.031  1.00 12.24 ? 1407 SER A OG  1 
ATOM   780  N  N   . LEU A 1 117 ? -8.324  7.514   -2.956  1.00 11.64 ? 1408 LEU A N   1 
ATOM   781  C  CA  . LEU A 1 117 ? -9.237  6.631   -3.697  1.00 12.78 ? 1408 LEU A CA  1 
ATOM   782  C  C   . LEU A 1 117 ? -8.682  6.340   -5.089  1.00 11.95 ? 1408 LEU A C   1 
ATOM   783  O  O   . LEU A 1 117 ? -8.804  5.192   -5.555  1.00 12.63 ? 1408 LEU A O   1 
ATOM   784  C  CB  . LEU A 1 117 ? -10.609 7.281   -3.797  1.00 13.61 ? 1408 LEU A CB  1 
ATOM   785  C  CG  . LEU A 1 117 ? -11.383 7.401   -2.499  1.00 14.12 ? 1408 LEU A CG  1 
ATOM   786  C  CD1 . LEU A 1 117 ? -12.741 8.002   -2.807  1.00 16.16 ? 1408 LEU A CD1 1 
ATOM   787  C  CD2 . LEU A 1 117 ? -11.535 6.058   -1.804  1.00 14.83 ? 1408 LEU A CD2 1 
ATOM   788  N  N   . ARG A 1 118 ? -8.084  7.345   -5.735  1.00 12.12 ? 1409 ARG A N   1 
ATOM   789  C  CA  . ARG A 1 118 ? -7.535  7.092   -7.086  1.00 12.01 ? 1409 ARG A CA  1 
ATOM   790  C  C   . ARG A 1 118 ? -6.334  6.178   -6.968  1.00 11.88 ? 1409 ARG A C   1 
ATOM   791  O  O   . ARG A 1 118 ? -6.186  5.221   -7.763  1.00 12.34 ? 1409 ARG A O   1 
ATOM   792  C  CB  . ARG A 1 118 ? -7.153  8.374   -7.809  1.00 12.67 ? 1409 ARG A CB  1 
ATOM   793  C  CG  . ARG A 1 118 ? -8.358  9.229   -8.192  1.00 12.92 ? 1409 ARG A CG  1 
ATOM   794  C  CD  . ARG A 1 118 ? -7.875  10.382  -9.081  1.00 13.65 ? 1409 ARG A CD  1 
ATOM   795  N  NE  . ARG A 1 118 ? -7.005  11.304  -8.404  1.00 13.70 ? 1409 ARG A NE  1 
ATOM   796  C  CZ  . ARG A 1 118 ? -7.345  12.455  -7.839  1.00 15.18 ? 1409 ARG A CZ  1 
ATOM   797  N  NH1 . ARG A 1 118 ? -8.601  12.828  -7.815  1.00 17.64 ? 1409 ARG A NH1 1 
ATOM   798  N  NH2 . ARG A 1 118 ? -6.436  13.195  -7.203  1.00 16.75 ? 1409 ARG A NH2 1 
ATOM   799  N  N   . LEU A 1 119 ? -5.499  6.438   -5.996  1.00 11.34 ? 1410 LEU A N   1 
ATOM   800  C  CA  . LEU A 1 119 ? -4.306  5.628   -5.822  1.00 11.66 ? 1410 LEU A CA  1 
ATOM   801  C  C   . LEU A 1 119 ? -4.687  4.212   -5.452  1.00 11.37 ? 1410 LEU A C   1 
ATOM   802  O  O   . LEU A 1 119 ? -4.011  3.247   -5.904  1.00 11.86 ? 1410 LEU A O   1 
ATOM   803  C  CB  . LEU A 1 119 ? -3.404  6.258   -4.765  1.00 12.18 ? 1410 LEU A CB  1 
ATOM   804  C  CG  . LEU A 1 119 ? -1.977  5.733   -4.779  1.00 14.17 ? 1410 LEU A CG  1 
ATOM   805  C  CD1 . LEU A 1 119 ? -1.290  6.100   -6.064  1.00 16.08 ? 1410 LEU A CD1 1 
ATOM   806  C  CD2 . LEU A 1 119 ? -1.207  6.296   -3.609  1.00 14.16 ? 1410 LEU A CD2 1 
ATOM   807  N  N   . SER A 1 120 ? -5.723  4.031   -4.646  1.00 11.14 ? 1411 SER A N   1 
ATOM   808  C  CA  . SER A 1 120 ? -6.194  2.701   -4.283  1.00 11.97 ? 1411 SER A CA  1 
ATOM   809  C  C   . SER A 1 120 ? -6.654  1.959   -5.532  1.00 12.37 ? 1411 SER A C   1 
ATOM   810  O  O   . SER A 1 120 ? -6.358  0.766   -5.659  1.00 12.57 ? 1411 SER A O   1 
ATOM   811  C  CB  . SER A 1 120 ? -7.301  2.806   -3.285  1.00 12.61 ? 1411 SER A CB  1 
ATOM   812  O  OG  . SER A 1 120 ? -7.909  1.558   -3.027  1.00 13.46 ? 1411 SER A OG  1 
ATOM   813  N  N   . ALA A 1 121 ? -7.405  2.619   -6.411  1.00 12.05 ? 1412 ALA A N   1 
ATOM   814  C  CA  . ALA A 1 121 ? -7.904  1.950   -7.635  1.00 12.86 ? 1412 ALA A CA  1 
ATOM   815  C  C   . ALA A 1 121 ? -6.696  1.505   -8.440  1.00 12.95 ? 1412 ALA A C   1 
ATOM   816  O  O   . ALA A 1 121 ? -6.707  0.384   -8.991  1.00 13.51 ? 1412 ALA A O   1 
ATOM   817  C  CB  . ALA A 1 121 ? -8.760  2.887   -8.448  1.00 13.86 ? 1412 ALA A CB  1 
ATOM   818  N  N   . PHE A 1 122 ? -5.698  2.384   -8.542  1.00 12.76 ? 1413 PHE A N   1 
ATOM   819  C  CA  . PHE A 1 122 ? -4.459  2.089   -9.304  1.00 13.28 ? 1413 PHE A CA  1 
ATOM   820  C  C   . PHE A 1 122 ? -3.750  0.879   -8.693  1.00 14.42 ? 1413 PHE A C   1 
ATOM   821  O  O   . PHE A 1 122 ? -3.323  -0.069  -9.390  1.00 13.65 ? 1413 PHE A O   1 
ATOM   822  C  CB  . PHE A 1 122 ? -3.564  3.317   -9.369  1.00 14.52 ? 1413 PHE A CB  1 
ATOM   823  C  CG  . PHE A 1 122 ? -2.247  3.080   -10.042 1.00 16.69 ? 1413 PHE A CG  1 
ATOM   824  C  CD1 . PHE A 1 122 ? -2.144  3.118   -11.425 1.00 19.43 ? 1413 PHE A CD1 1 
ATOM   825  C  CD2 . PHE A 1 122 ? -1.124  2.787   -9.307  1.00 17.41 ? 1413 PHE A CD2 1 
ATOM   826  C  CE1 . PHE A 1 122 ? -0.926  2.918   -12.053 1.00 19.58 ? 1413 PHE A CE1 1 
ATOM   827  C  CE2 . PHE A 1 122 ? 0.098   2.588   -9.939  1.00 19.11 ? 1413 PHE A CE2 1 
ATOM   828  C  CZ  . PHE A 1 122 ? 0.198   2.666   -11.304 1.00 20.05 ? 1413 PHE A CZ  1 
ATOM   829  N  N   . PHE A 1 123 ? -3.603  0.900   -7.372  1.00 12.90 ? 1414 PHE A N   1 
ATOM   830  C  CA  . PHE A 1 123 ? -2.903  -0.194  -6.686  1.00 12.99 ? 1414 PHE A CA  1 
ATOM   831  C  C   . PHE A 1 123 ? -3.666  -1.486  -6.889  1.00 12.12 ? 1414 PHE A C   1 
ATOM   832  O  O   . PHE A 1 123 ? -3.011  -2.505  -7.227  1.00 13.34 ? 1414 PHE A O   1 
ATOM   833  C  CB  . PHE A 1 123 ? -2.759  0.156   -5.206  1.00 12.33 ? 1414 PHE A CB  1 
ATOM   834  C  CG  . PHE A 1 123 ? -2.273  -1.005  -4.372  1.00 12.49 ? 1414 PHE A CG  1 
ATOM   835  C  CD1 . PHE A 1 123 ? -0.944  -1.350  -4.404  1.00 12.57 ? 1414 PHE A CD1 1 
ATOM   836  C  CD2 . PHE A 1 123 ? -3.145  -1.808  -3.639  1.00 12.06 ? 1414 PHE A CD2 1 
ATOM   837  C  CE1 . PHE A 1 123 ? -0.479  -2.442  -3.679  1.00 13.07 ? 1414 PHE A CE1 1 
ATOM   838  C  CE2 . PHE A 1 123 ? -2.660  -2.871  -2.878  1.00 12.96 ? 1414 PHE A CE2 1 
ATOM   839  C  CZ  . PHE A 1 123 ? -1.342  -3.202  -2.960  1.00 13.11 ? 1414 PHE A CZ  1 
ATOM   840  N  N   . GLU A 1 124 ? -4.973  -1.518  -6.679  1.00 12.57 ? 1415 GLU A N   1 
ATOM   841  C  CA  . GLU A 1 124 ? -5.764  -2.753  -6.789  1.00 13.76 ? 1415 GLU A CA  1 
ATOM   842  C  C   . GLU A 1 124 ? -5.705  -3.291  -8.218  1.00 14.65 ? 1415 GLU A C   1 
ATOM   843  O  O   . GLU A 1 124 ? -5.582  -4.518  -8.362  1.00 17.18 ? 1415 GLU A O   1 
ATOM   844  C  CB  . GLU A 1 124 ? -7.191  -2.485  -6.345  1.00 13.97 ? 1415 GLU A CB  1 
ATOM   845  C  CG  . GLU A 1 124 ? -7.297  -2.201  -4.841  1.00 15.39 ? 1415 GLU A CG  1 
ATOM   846  C  CD  . GLU A 1 124 ? -6.888  -3.336  -3.906  1.00 16.75 ? 1415 GLU A CD  1 
ATOM   847  O  OE1 . GLU A 1 124 ? -6.900  -4.501  -4.345  1.00 19.84 ? 1415 GLU A OE1 1 
ATOM   848  O  OE2 . GLU A 1 124 ? -6.511  -3.040  -2.755  1.00 15.96 ? 1415 GLU A OE2 1 
ATOM   849  N  N   . GLU A 1 125 ? -5.665  -2.387  -9.203  1.00 15.29 ? 1416 GLU A N   1 
ATOM   850  C  CA  . GLU A 1 125 ? -5.620  -2.771  -10.643 1.00 15.95 ? 1416 GLU A CA  1 
ATOM   851  C  C   . GLU A 1 125 ? -4.324  -3.525  -10.889 1.00 16.08 ? 1416 GLU A C   1 
ATOM   852  O  O   . GLU A 1 125 ? -4.359  -4.541  -11.580 1.00 17.32 ? 1416 GLU A O   1 
ATOM   853  C  CB  . GLU A 1 125 ? -5.730  -1.498  -11.472 1.00 17.06 ? 1416 GLU A CB  1 
ATOM   854  C  CG  . GLU A 1 125 ? -5.546  -1.604  -12.968 1.00 21.13 ? 1416 GLU A CG  1 
ATOM   855  C  CD  . GLU A 1 125 ? -5.750  -0.216  -13.566 1.00 23.06 ? 1416 GLU A CD  1 
ATOM   856  O  OE1 . GLU A 1 125 ? -6.909  0.260   -13.433 1.00 23.77 ? 1416 GLU A OE1 1 
ATOM   857  O  OE2 . GLU A 1 125 ? -4.744  0.464   -14.001 1.00 21.01 ? 1416 GLU A OE2 1 
ATOM   858  N  N   . HIS A 1 126 ? -3.245  -3.118  -10.257 1.00 15.53 ? 1417 HIS A N   1 
ATOM   859  C  CA  . HIS A 1 126 ? -1.879  -3.622  -10.507 1.00 17.08 ? 1417 HIS A CA  1 
ATOM   860  C  C   . HIS A 1 126 ? -1.566  -4.794  -9.574  1.00 17.21 ? 1417 HIS A C   1 
ATOM   861  O  O   . HIS A 1 126 ? -0.834  -5.718  -10.024 1.00 18.03 ? 1417 HIS A O   1 
ATOM   862  C  CB  . HIS A 1 126 ? -0.863  -2.490  -10.394 1.00 18.43 ? 1417 HIS A CB  1 
ATOM   863  C  CG  . HIS A 1 126 ? -0.902  -1.553  -11.550 1.00 23.23 ? 1417 HIS A CG  1 
ATOM   864  N  ND1 . HIS A 1 126 ? -1.983  -0.736  -11.813 1.00 24.22 ? 1417 HIS A ND1 1 
ATOM   865  C  CD2 . HIS A 1 126 ? -0.011  -1.348  -12.547 1.00 26.29 ? 1417 HIS A CD2 1 
ATOM   866  C  CE1 . HIS A 1 126 ? -1.742  -0.081  -12.941 1.00 28.26 ? 1417 HIS A CE1 1 
ATOM   867  N  NE2 . HIS A 1 126 ? -0.535  -0.410  -13.378 1.00 32.18 ? 1417 HIS A NE2 1 
ATOM   868  N  N   . ILE A 1 127 ? -2.104  -4.854  -8.355  1.00 15.90 ? 1418 ILE A N   1 
ATOM   869  C  CA  . ILE A 1 127 ? -1.699  -5.919  -7.404  1.00 15.38 ? 1418 ILE A CA  1 
ATOM   870  C  C   . ILE A 1 127 ? -2.422  -7.230  -7.697  1.00 16.56 ? 1418 ILE A C   1 
ATOM   871  O  O   . ILE A 1 127 ? -1.941  -8.249  -7.332  1.00 15.87 ? 1418 ILE A O   1 
ATOM   872  C  CB  . ILE A 1 127 ? -1.926  -5.480  -5.939  1.00 15.12 ? 1418 ILE A CB  1 
ATOM   873  C  CG1 . ILE A 1 127 ? -1.008  -6.257  -4.976  1.00 16.35 ? 1418 ILE A CG1 1 
ATOM   874  C  CG2 . ILE A 1 127 ? -3.378  -5.600  -5.526  1.00 15.25 ? 1418 ILE A CG2 1 
ATOM   875  C  CD1 . ILE A 1 127 ? 0.429   -6.112  -5.265  1.00 17.28 ? 1418 ILE A CD1 1 
ATOM   876  N  N   A SER A 1 128 ? -3.578  -7.167  -8.352  0.25 16.50 ? 1419 SER A N   1 
ATOM   877  N  N   B SER A 1 128 ? -3.576  -7.168  -8.363  0.25 16.85 ? 1419 SER A N   1 
ATOM   878  C  CA  A SER A 1 128 ? -4.431  -8.346  -8.638  0.25 16.75 ? 1419 SER A CA  1 
ATOM   879  C  CA  B SER A 1 128 ? -4.425  -8.353  -8.649  0.25 17.33 ? 1419 SER A CA  1 
ATOM   880  C  C   A SER A 1 128 ? -3.593  -9.471  -9.271  0.25 16.09 ? 1419 SER A C   1 
ATOM   881  C  C   B SER A 1 128 ? -3.572  -9.474  -9.260  0.25 16.37 ? 1419 SER A C   1 
ATOM   882  O  O   A SER A 1 128 ? -3.661  -10.603 -8.758  0.25 16.53 ? 1419 SER A O   1 
ATOM   883  O  O   B SER A 1 128 ? -3.621  -10.600 -8.734  0.25 16.76 ? 1419 SER A O   1 
ATOM   884  C  CB  A SER A 1 128 ? -5.591  -7.943  -9.505  0.25 17.36 ? 1419 SER A CB  1 
ATOM   885  C  CB  B SER A 1 128 ? -5.583  -8.011  -9.549  0.25 18.40 ? 1419 SER A CB  1 
ATOM   886  O  OG  A SER A 1 128 ? -5.142  -7.180  -10.605 0.25 18.31 ? 1419 SER A OG  1 
ATOM   887  O  OG  B SER A 1 128 ? -6.397  -9.164  -9.747  0.25 20.17 ? 1419 SER A OG  1 
ATOM   888  N  N   . SER A 1 129 ? -2.835  -9.183  -10.332 1.00 15.67 ? 1420 SER A N   1 
ATOM   889  C  CA  . SER A 1 129 ? -2.030  -10.221 -11.053 1.00 17.54 ? 1420 SER A CA  1 
ATOM   890  C  C   . SER A 1 129 ? -0.919  -10.725 -10.133 1.00 16.63 ? 1420 SER A C   1 
ATOM   891  O  O   . SER A 1 129 ? -0.572  -11.930 -10.177 1.00 17.80 ? 1420 SER A O   1 
ATOM   892  C  CB  . SER A 1 129 ? -1.493  -9.746  -12.356 1.00 19.10 ? 1420 SER A CB  1 
ATOM   893  O  OG  . SER A 1 129 ? -0.626  -8.655  -12.190 1.00 24.90 ? 1420 SER A OG  1 
ATOM   894  N  N   . VAL A 1 130 ? -0.349  -9.830  -9.315  1.00 15.35 ? 1421 VAL A N   1 
ATOM   895  C  CA  . VAL A 1 130 ? 0.765   -10.205 -8.397  1.00 15.21 ? 1421 VAL A CA  1 
ATOM   896  C  C   . VAL A 1 130 ? 0.234   -11.225 -7.413  1.00 14.49 ? 1421 VAL A C   1 
ATOM   897  O  O   . VAL A 1 130 ? 0.927   -12.257 -7.198  1.00 15.68 ? 1421 VAL A O   1 
ATOM   898  C  CB  . VAL A 1 130 ? 1.318   -8.985  -7.672  1.00 14.64 ? 1421 VAL A CB  1 
ATOM   899  C  CG1 . VAL A 1 130 ? 2.437   -9.390  -6.713  1.00 15.43 ? 1421 VAL A CG1 1 
ATOM   900  C  CG2 . VAL A 1 130 ? 1.849   -7.988  -8.646  1.00 14.79 ? 1421 VAL A CG2 1 
ATOM   901  N  N   . LEU A 1 131 ? -0.931  -11.009 -6.824  1.00 15.50 ? 1422 LEU A N   1 
ATOM   902  C  CA  . LEU A 1 131 ? -1.530  -11.945 -5.874  1.00 14.98 ? 1422 LEU A CA  1 
ATOM   903  C  C   . LEU A 1 131 ? -1.899  -13.239 -6.582  1.00 15.16 ? 1422 LEU A C   1 
ATOM   904  O  O   . LEU A 1 131 ? -1.553  -14.275 -6.068  1.00 15.46 ? 1422 LEU A O   1 
ATOM   905  C  CB  . LEU A 1 131 ? -2.776  -11.328 -5.239  1.00 15.42 ? 1422 LEU A CB  1 
ATOM   906  C  CG  . LEU A 1 131 ? -2.488  -10.093 -4.382  1.00 15.49 ? 1422 LEU A CG  1 
ATOM   907  C  CD1 . LEU A 1 131 ? -3.755  -9.341  -4.075  1.00 16.81 ? 1422 LEU A CD1 1 
ATOM   908  C  CD2 . LEU A 1 131 ? -1.797  -10.480 -3.090  1.00 16.74 ? 1422 LEU A CD2 1 
ATOM   909  N  N   . SER A 1 132 ? -2.515  -13.126 -7.750  1.00 16.19 ? 1423 SER A N   1 
ATOM   910  C  CA  . SER A 1 132 ? -2.953  -14.331 -8.479  1.00 15.92 ? 1423 SER A CA  1 
ATOM   911  C  C   . SER A 1 132 ? -1.733  -15.191 -8.798  1.00 15.80 ? 1423 SER A C   1 
ATOM   912  O  O   . SER A 1 132 ? -1.792  -16.412 -8.592  1.00 16.54 ? 1423 SER A O   1 
ATOM   913  C  CB  . SER A 1 132 ? -3.713  -13.951 -9.723  1.00 17.44 ? 1423 SER A CB  1 
ATOM   914  O  OG  . SER A 1 132 ? -4.942  -13.377 -9.348  1.00 20.03 ? 1423 SER A OG  1 
ATOM   915  N  N   . ASP A 1 133 ? -0.691  -14.583 -9.367  1.00 14.70 ? 1424 ASP A N   1 
ATOM   916  C  CA  . ASP A 1 133 ? 0.494   -15.366 -9.788  1.00 15.23 ? 1424 ASP A CA  1 
ATOM   917  C  C   . ASP A 1 133 ? 1.129   -16.001 -8.566  1.00 15.92 ? 1424 ASP A C   1 
ATOM   918  O  O   . ASP A 1 133 ? 1.535   -17.184 -8.582  1.00 15.56 ? 1424 ASP A O   1 
ATOM   919  C  CB  . ASP A 1 133 ? 1.521   -14.521 -10.515 1.00 16.33 ? 1424 ASP A CB  1 
ATOM   920  C  CG  . ASP A 1 133 ? 1.148   -14.098 -11.909 1.00 19.94 ? 1424 ASP A CG  1 
ATOM   921  O  OD1 . ASP A 1 133 ? 0.026   -14.466 -12.378 1.00 22.48 ? 1424 ASP A OD1 1 
ATOM   922  O  OD2 . ASP A 1 133 ? 1.973   -13.390 -12.511 1.00 26.03 ? 1424 ASP A OD2 1 
ATOM   923  N  N   . TYR A 1 134 ? 1.264   -15.267 -7.470  1.00 15.63 ? 1425 TYR A N   1 
ATOM   924  C  CA  . TYR A 1 134 ? 1.855   -15.837 -6.247  1.00 13.86 ? 1425 TYR A CA  1 
ATOM   925  C  C   . TYR A 1 134 ? 1.048   -17.036 -5.769  1.00 14.89 ? 1425 TYR A C   1 
ATOM   926  O  O   . TYR A 1 134 ? 1.621   -18.096 -5.471  1.00 13.85 ? 1425 TYR A O   1 
ATOM   927  C  CB  . TYR A 1 134 ? 2.002   -14.781 -5.132  1.00 13.58 ? 1425 TYR A CB  1 
ATOM   928  C  CG  . TYR A 1 134 ? 2.513   -15.349 -3.839  1.00 13.53 ? 1425 TYR A CG  1 
ATOM   929  C  CD1 . TYR A 1 134 ? 3.868   -15.620 -3.679  1.00 14.90 ? 1425 TYR A CD1 1 
ATOM   930  C  CD2 . TYR A 1 134 ? 1.647   -15.673 -2.824  1.00 15.05 ? 1425 TYR A CD2 1 
ATOM   931  C  CE1 . TYR A 1 134 ? 4.335   -16.158 -2.492  1.00 16.42 ? 1425 TYR A CE1 1 
ATOM   932  C  CE2 . TYR A 1 134 ? 2.107   -16.158 -1.624  1.00 14.92 ? 1425 TYR A CE2 1 
ATOM   933  C  CZ  . TYR A 1 134 ? 3.460   -16.410 -1.466  1.00 16.12 ? 1425 TYR A CZ  1 
ATOM   934  O  OH  . TYR A 1 134 ? 3.948   -16.939 -0.315  1.00 19.90 ? 1425 TYR A OH  1 
ATOM   935  N  N   . LYS A 1 135 ? -0.265  -16.889 -5.636  1.00 14.50 ? 1426 LYS A N   1 
ATOM   936  C  CA  . LYS A 1 135 ? -1.088  -17.952 -5.051  1.00 15.06 ? 1426 LYS A CA  1 
ATOM   937  C  C   . LYS A 1 135 ? -1.058  -19.167 -5.992  1.00 14.51 ? 1426 LYS A C   1 
ATOM   938  O  O   . LYS A 1 135 ? -1.017  -20.260 -5.498  1.00 15.42 ? 1426 LYS A O   1 
ATOM   939  C  CB  . LYS A 1 135 ? -2.519  -17.455 -4.857  1.00 16.58 ? 1426 LYS A CB  1 
ATOM   940  C  CG  . LYS A 1 135 ? -2.571  -16.309 -3.852  1.00 18.50 ? 1426 LYS A CG  1 
ATOM   941  C  CD  . LYS A 1 135 ? -3.963  -15.754 -3.705  1.00 20.05 ? 1426 LYS A CD  1 
ATOM   942  C  CE  . LYS A 1 135 ? -3.967  -14.546 -2.801  1.00 23.57 ? 1426 LYS A CE  1 
ATOM   943  N  NZ  . LYS A 1 135 ? -5.309  -13.932 -2.776  1.00 26.77 ? 1426 LYS A NZ  1 
ATOM   944  N  N   . SER A 1 136 ? -1.023  -18.926 -7.284  1.00 16.18 ? 1427 SER A N   1 
ATOM   945  C  CA  . SER A 1 136 ? -0.920  -19.995 -8.307  1.00 16.47 ? 1427 SER A CA  1 
ATOM   946  C  C   . SER A 1 136 ? 0.405   -20.722 -8.154  1.00 17.07 ? 1427 SER A C   1 
ATOM   947  O  O   . SER A 1 136 ? 0.437   -21.963 -8.145  1.00 14.92 ? 1427 SER A O   1 
ATOM   948  C  CB  . SER A 1 136 ? -1.083  -19.450 -9.690  1.00 19.13 ? 1427 SER A CB  1 
ATOM   949  O  OG  . SER A 1 136 ? -0.659  -20.397 -10.654 1.00 25.54 ? 1427 SER A OG  1 
ATOM   950  N  N   . ALA A 1 137 ? 1.479   -19.987 -7.982  1.00 15.70 ? 1428 ALA A N   1 
ATOM   951  C  CA  . ALA A 1 137 ? 2.832   -20.561 -7.900  1.00 16.54 ? 1428 ALA A CA  1 
ATOM   952  C  C   . ALA A 1 137 ? 2.940   -21.386 -6.633  1.00 16.69 ? 1428 ALA A C   1 
ATOM   953  O  O   . ALA A 1 137 ? 3.591   -22.432 -6.643  1.00 17.10 ? 1428 ALA A O   1 
ATOM   954  C  CB  . ALA A 1 137 ? 3.882   -19.474 -7.933  1.00 16.91 ? 1428 ALA A CB  1 
ATOM   955  N  N   . LEU A 1 138 ? 2.366   -20.905 -5.527  0.50 17.10 ? 1429 LEU A N   1 
ATOM   956  C  CA  . LEU A 1 138 ? 2.370   -21.620 -4.229  0.50 18.69 ? 1429 LEU A CA  1 
ATOM   957  C  C   . LEU A 1 138 ? 1.540   -22.897 -4.357  0.50 17.25 ? 1429 LEU A C   1 
ATOM   958  O  O   . LEU A 1 138 ? 1.971   -23.944 -3.840  0.50 17.41 ? 1429 LEU A O   1 
ATOM   959  C  CB  . LEU A 1 138 ? 1.827   -20.699 -3.132  0.50 21.48 ? 1429 LEU A CB  1 
ATOM   960  C  CG  . LEU A 1 138 ? 2.854   -20.187 -2.124  0.50 22.74 ? 1429 LEU A CG  1 
ATOM   961  C  CD1 . LEU A 1 138 ? 2.210   -19.999 -0.761  0.50 22.98 ? 1429 LEU A CD1 1 
ATOM   962  C  CD2 . LEU A 1 138 ? 4.048   -21.122 -2.025  0.50 23.12 ? 1429 LEU A CD2 1 
ATOM   963  N  N   . ARG A 1 139 ? 0.391   -22.825 -5.034  1.00 16.29 ? 1430 ARG A N   1 
ATOM   964  C  CA  . ARG A 1 139 ? -0.451  -24.024 -5.213  1.00 15.95 ? 1430 ARG A CA  1 
ATOM   965  C  C   . ARG A 1 139 ? 0.352   -25.066 -6.003  1.00 14.69 ? 1430 ARG A C   1 
ATOM   966  O  O   . ARG A 1 139 ? 0.331   -26.246 -5.665  1.00 17.10 ? 1430 ARG A O   1 
ATOM   967  C  CB  . ARG A 1 139 ? -1.776  -23.762 -5.914  1.00 15.64 ? 1430 ARG A CB  1 
ATOM   968  C  CG  . ARG A 1 139 ? -2.736  -22.946 -5.068  1.00 16.64 ? 1430 ARG A CG  1 
ATOM   969  C  CD  . ARG A 1 139 ? -4.120  -22.877 -5.674  1.00 17.41 ? 1430 ARG A CD  1 
ATOM   970  N  NE  . ARG A 1 139 ? -4.209  -22.018 -6.831  1.00 18.63 ? 1430 ARG A NE  1 
ATOM   971  C  CZ  . ARG A 1 139 ? -4.580  -20.730 -6.869  1.00 17.74 ? 1430 ARG A CZ  1 
ATOM   972  N  NH1 . ARG A 1 139 ? -4.768  -20.043 -5.760  1.00 22.13 ? 1430 ARG A NH1 1 
ATOM   973  N  NH2 . ARG A 1 139 ? -4.673  -20.119 -8.027  1.00 19.39 ? 1430 ARG A NH2 1 
ATOM   974  N  N   . PHE A 1 140 ? 1.040   -24.627 -7.052  0.50 14.63 ? 1431 PHE A N   1 
ATOM   975  C  CA  . PHE A 1 140 ? 1.860   -25.536 -7.884  0.50 14.85 ? 1431 PHE A CA  1 
ATOM   976  C  C   . PHE A 1 140 ? 2.940   -26.167 -7.007  0.50 15.49 ? 1431 PHE A C   1 
ATOM   977  O  O   . PHE A 1 140 ? 3.167   -27.385 -7.071  0.50 15.59 ? 1431 PHE A O   1 
ATOM   978  C  CB  . PHE A 1 140 ? 2.453   -24.789 -9.076  0.50 15.12 ? 1431 PHE A CB  1 
ATOM   979  C  CG  . PHE A 1 140 ? 3.149   -25.710 -10.039 0.50 16.16 ? 1431 PHE A CG  1 
ATOM   980  C  CD1 . PHE A 1 140 ? 2.420   -26.530 -10.883 0.50 17.28 ? 1431 PHE A CD1 1 
ATOM   981  C  CD2 . PHE A 1 140 ? 4.528   -25.804 -10.052 0.50 16.07 ? 1431 PHE A CD2 1 
ATOM   982  C  CE1 . PHE A 1 140 ? 3.059   -27.393 -11.761 0.50 17.61 ? 1431 PHE A CE1 1 
ATOM   983  C  CE2 . PHE A 1 140 ? 5.165   -26.680 -10.917 0.50 17.46 ? 1431 PHE A CE2 1 
ATOM   984  C  CZ  . PHE A 1 140 ? 4.430   -27.464 -11.776 0.50 17.92 ? 1431 PHE A CZ  1 
ATOM   985  N  N   . HIS A 1 141 ? 3.564   -25.354 -6.159  0.50 16.81 ? 1432 HIS A N   1 
ATOM   986  C  CA  . HIS A 1 141 ? 4.662   -25.813 -5.273  0.50 19.15 ? 1432 HIS A CA  1 
ATOM   987  C  C   . HIS A 1 141 ? 4.151   -26.909 -4.337  0.50 22.41 ? 1432 HIS A C   1 
ATOM   988  O  O   . HIS A 1 141 ? 4.900   -27.869 -4.078  0.50 24.23 ? 1432 HIS A O   1 
ATOM   989  C  CB  . HIS A 1 141 ? 5.239   -24.639 -4.493  0.50 18.98 ? 1432 HIS A CB  1 
ATOM   990  C  CG  . HIS A 1 141 ? 6.430   -25.053 -3.705  0.50 19.38 ? 1432 HIS A CG  1 
ATOM   991  N  ND1 . HIS A 1 141 ? 7.640   -25.319 -4.305  0.50 19.24 ? 1432 HIS A ND1 1 
ATOM   992  C  CD2 . HIS A 1 141 ? 6.597   -25.258 -2.383  0.50 20.45 ? 1432 HIS A CD2 1 
ATOM   993  C  CE1 . HIS A 1 141 ? 8.509   -25.675 -3.380  0.50 19.87 ? 1432 HIS A CE1 1 
ATOM   994  N  NE2 . HIS A 1 141 ? 7.897   -25.644 -2.196  0.50 21.00 ? 1432 HIS A NE2 1 
ATOM   995  N  N   . LYS A 1 142 ? 2.918   -26.774 -3.857  0.50 25.12 ? 1433 LYS A N   1 
ATOM   996  C  CA  . LYS A 1 142 ? 2.329   -27.653 -2.816  0.50 28.45 ? 1433 LYS A CA  1 
ATOM   997  C  C   . LYS A 1 142 ? 1.540   -28.795 -3.457  0.50 28.35 ? 1433 LYS A C   1 
ATOM   998  O  O   . LYS A 1 142 ? 0.936   -29.571 -2.700  0.50 33.09 ? 1433 LYS A O   1 
ATOM   999  C  CB  . LYS A 1 142 ? 1.432   -26.825 -1.889  0.50 31.85 ? 1433 LYS A CB  1 
ATOM   1000 C  CG  . LYS A 1 142 ? 2.155   -25.723 -1.126  0.50 34.48 ? 1433 LYS A CG  1 
ATOM   1001 C  CD  . LYS A 1 142 ? 1.238   -24.915 -0.232  0.50 36.73 ? 1433 LYS A CD  1 
ATOM   1002 C  CE  . LYS A 1 142 ? 1.798   -23.551 0.117   0.50 38.36 ? 1433 LYS A CE  1 
ATOM   1003 N  NZ  . LYS A 1 142 ? 3.134   -23.654 0.749   0.50 40.06 ? 1433 LYS A NZ  1 
ATOM   1004 N  N   . ARG A 1 143 ? 1.536   -28.895 -4.790  0.50 27.80 ? 1434 ARG A N   1 
ATOM   1005 C  CA  . ARG A 1 143 ? 0.762   -29.927 -5.531  0.50 26.50 ? 1434 ARG A CA  1 
ATOM   1006 C  C   . ARG A 1 143 ? 1.305   -31.309 -5.151  0.50 27.10 ? 1434 ARG A C   1 
ATOM   1007 O  O   . ARG A 1 143 ? 2.272   -31.384 -4.384  0.50 28.80 ? 1434 ARG A O   1 
ATOM   1008 C  CB  . ARG A 1 143 ? 0.840   -29.690 -7.042  0.50 26.27 ? 1434 ARG A CB  1 
ATOM   1009 C  CG  . ARG A 1 143 ? 2.122   -30.208 -7.677  0.50 26.17 ? 1434 ARG A CG  1 
ATOM   1010 C  CD  . ARG A 1 143 ? 2.448   -29.535 -8.992  0.50 26.17 ? 1434 ARG A CD  1 
ATOM   1011 N  NE  . ARG A 1 143 ? 3.619   -30.132 -9.606  0.50 25.01 ? 1434 ARG A NE  1 
ATOM   1012 C  CZ  . ARG A 1 143 ? 4.870   -29.805 -9.333  0.50 25.77 ? 1434 ARG A CZ  1 
ATOM   1013 N  NH1 . ARG A 1 143 ? 5.134   -28.874 -8.434  0.50 24.62 ? 1434 ARG A NH1 1 
ATOM   1014 N  NH2 . ARG A 1 143 ? 5.861   -30.413 -9.966  0.50 27.14 ? 1434 ARG A NH2 1 
HETATM 1015 N  N1  . Y2J B 2 .   ? -1.202  13.076  5.637   0.39 12.67 ? 1501 Y2J A N1  1 
HETATM 1016 C  C4  . Y2J B 2 .   ? -1.585  11.924  4.806   0.39 12.44 ? 1501 Y2J A C4  1 
HETATM 1017 C  C5  . Y2J B 2 .   ? -2.642  11.106  5.503   0.39 13.21 ? 1501 Y2J A C5  1 
HETATM 1018 C  C6  . Y2J B 2 .   ? -4.988  11.688  5.272   0.39 13.80 ? 1501 Y2J A C6  1 
HETATM 1019 C  C7  . Y2J B 2 .   ? -6.097  12.666  5.253   0.39 14.60 ? 1501 Y2J A C7  1 
HETATM 1020 C  C8  . Y2J B 2 .   ? -7.391  12.530  4.871   0.39 15.15 ? 1501 Y2J A C8  1 
HETATM 1021 C  C10 . Y2J B 2 .   ? -7.013  14.637  5.340   0.39 15.84 ? 1501 Y2J A C10 1 
HETATM 1022 N  N   . Y2J B 2 .   ? 0.995   13.019  4.925   0.39 12.17 ? 1501 Y2J A N   1 
HETATM 1023 C  C   . Y2J B 2 .   ? 3.079   15.243  2.136   0.39 11.78 ? 1501 Y2J A C   1 
HETATM 1024 O  O   . Y2J B 2 .   ? 2.412   14.374  3.027   0.39 11.61 ? 1501 Y2J A O   1 
HETATM 1025 C  C1  . Y2J B 2 .   ? 2.859   14.493  4.359   0.39 11.81 ? 1501 Y2J A C1  1 
HETATM 1026 C  C11 . Y2J B 2 .   ? -3.403  13.046  6.716   0.39 12.76 ? 1501 Y2J A C11 1 
HETATM 1027 C  C12 . Y2J B 2 .   ? -2.352  13.905  6.037   0.39 12.60 ? 1501 Y2J A C12 1 
HETATM 1028 C  C2  . Y2J B 2 .   ? 2.414   13.284  5.117   0.39 11.99 ? 1501 Y2J A C2  1 
HETATM 1029 C  C3  . Y2J B 2 .   ? 0.070   13.557  5.748   0.39 12.24 ? 1501 Y2J A C3  1 
HETATM 1030 C  C9  . Y2J B 2 .   ? -7.963  13.803  4.923   0.39 15.07 ? 1501 Y2J A C9  1 
HETATM 1031 N  N2  . Y2J B 2 .   ? -3.794  11.954  5.821   0.39 13.32 ? 1501 Y2J A N2  1 
HETATM 1032 O  O1  . Y2J B 2 .   ? 0.348   14.448  6.539   0.39 12.63 ? 1501 Y2J A O1  1 
HETATM 1033 O  O2  . Y2J B 2 .   ? -5.202  10.630  4.712   0.39 13.80 ? 1501 Y2J A O2  1 
HETATM 1034 O  O3  . Y2J B 2 .   ? -5.832  13.979  5.566   0.39 14.62 ? 1501 Y2J A O3  1 
HETATM 1035 CL CL  . Y2J B 2 .   ? -7.009  16.221  5.620   0.39 19.24 ? 1501 Y2J A CL  1 
HETATM 1036 O  O   . HOH C 3 .   ? 9.787   7.502   6.375   1.00 36.75 ? 1601 HOH A O   1 
HETATM 1037 O  O   . HOH C 3 .   ? 2.349   19.680  -2.985  1.00 40.01 ? 1602 HOH A O   1 
HETATM 1038 O  O   . HOH C 3 .   ? -7.493  15.064  -5.246  1.00 30.30 ? 1603 HOH A O   1 
HETATM 1039 O  O   . HOH C 3 .   ? 6.244   19.612  7.991   1.00 60.76 ? 1604 HOH A O   1 
HETATM 1040 O  O   . HOH C 3 .   ? 6.355   -19.868 6.216   1.00 40.65 ? 1605 HOH A O   1 
HETATM 1041 O  O   . HOH C 3 .   ? 5.782   19.880  10.690  1.00 38.26 ? 1606 HOH A O   1 
HETATM 1042 O  O   . HOH C 3 .   ? 0.506   -5.889  -12.026 1.00 33.52 ? 1607 HOH A O   1 
HETATM 1043 O  O   . HOH C 3 .   ? 6.364   -16.928 0.100   1.00 32.54 ? 1608 HOH A O   1 
HETATM 1044 O  O   . HOH C 3 .   ? 2.234   15.337  7.869   0.39 13.56 ? 1609 HOH A O   1 
HETATM 1045 O  O   . HOH C 3 .   ? 4.079   -4.829  8.246   1.00 33.71 ? 1610 HOH A O   1 
HETATM 1046 O  O   . HOH C 3 .   ? -9.082  -0.981  -13.226 1.00 33.52 ? 1611 HOH A O   1 
HETATM 1047 O  O   . HOH C 3 .   ? -12.815 8.052   11.692  1.00 19.05 ? 1612 HOH A O   1 
HETATM 1048 O  O   . HOH C 3 .   ? -10.698 6.100   15.178  1.00 32.82 ? 1613 HOH A O   1 
HETATM 1049 O  O   . HOH C 3 .   ? -18.059 5.593   5.147   1.00 28.53 ? 1614 HOH A O   1 
HETATM 1050 O  O   . HOH C 3 .   ? -0.507  15.711  19.207  1.00 25.47 ? 1615 HOH A O   1 
HETATM 1051 O  O   . HOH C 3 .   ? -4.325  8.863   6.915   1.00 15.38 ? 1616 HOH A O   1 
HETATM 1052 O  O   . HOH C 3 .   ? -2.709  11.417  20.366  1.00 41.94 ? 1617 HOH A O   1 
HETATM 1053 O  O   . HOH C 3 .   ? -15.782 7.264   -0.633  1.00 31.62 ? 1618 HOH A O   1 
HETATM 1054 O  O   . HOH C 3 .   ? -3.137  -6.987  -12.217 1.00 24.77 ? 1619 HOH A O   1 
HETATM 1055 O  O   . HOH C 3 .   ? -13.967 9.985   8.157   1.00 17.46 ? 1620 HOH A O   1 
HETATM 1056 O  O   . HOH C 3 .   ? 2.724   1.728   12.234  1.00 25.43 ? 1621 HOH A O   1 
HETATM 1057 O  O   . HOH C 3 .   ? -9.857  14.764  16.662  1.00 24.33 ? 1622 HOH A O   1 
HETATM 1058 O  O   . HOH C 3 .   ? 6.970   3.447   9.891   1.00 34.06 ? 1623 HOH A O   1 
HETATM 1059 O  O   . HOH C 3 .   ? 3.222   5.715   8.762   1.00 16.96 ? 1624 HOH A O   1 
HETATM 1060 O  O   . HOH C 3 .   ? -6.785  -6.068  -6.447  1.00 20.18 ? 1625 HOH A O   1 
HETATM 1061 O  O   . HOH C 3 .   ? 15.578  -7.952  1.083   1.00 18.23 ? 1626 HOH A O   1 
HETATM 1062 O  O   . HOH C 3 .   ? -2.426  12.469  18.093  1.00 30.63 ? 1627 HOH A O   1 
HETATM 1063 O  O   . HOH C 3 .   ? 1.009   -14.799 3.641   1.00 33.73 ? 1628 HOH A O   1 
HETATM 1064 O  O   . HOH C 3 .   ? -6.717  -0.592  -1.786  1.00 17.34 ? 1629 HOH A O   1 
HETATM 1065 O  O   . HOH C 3 .   ? 7.895   12.288  -11.030 1.00 21.63 ? 1630 HOH A O   1 
HETATM 1066 O  O   . HOH C 3 .   ? 5.852   -23.105 -7.980  1.00 17.15 ? 1631 HOH A O   1 
HETATM 1067 O  O   . HOH C 3 .   ? 5.351   12.874  -9.985  1.00 25.07 ? 1632 HOH A O   1 
HETATM 1068 O  O   . HOH C 3 .   ? -2.972  5.725   18.508  1.00 30.34 ? 1633 HOH A O   1 
HETATM 1069 O  O   . HOH C 3 .   ? -7.439  2.162   9.020   1.00 17.73 ? 1634 HOH A O   1 
HETATM 1070 O  O   . HOH C 3 .   ? -8.867  17.673  13.904  1.00 30.68 ? 1635 HOH A O   1 
HETATM 1071 O  O   . HOH C 3 .   ? 17.728  -4.613  2.667   1.00 38.21 ? 1636 HOH A O   1 
HETATM 1072 O  O   . HOH C 3 .   ? 16.776  -6.977  6.859   1.00 25.39 ? 1637 HOH A O   1 
HETATM 1073 O  O   . HOH C 3 .   ? 6.734   12.394  8.446   1.00 39.19 ? 1638 HOH A O   1 
HETATM 1074 O  O   . HOH C 3 .   ? 11.234  -11.090 -6.925  1.00 15.06 ? 1639 HOH A O   1 
HETATM 1075 O  O   . HOH C 3 .   ? -1.140  6.555   8.169   1.00 15.05 ? 1640 HOH A O   1 
HETATM 1076 O  O   . HOH C 3 .   ? -0.285  17.522  4.762   1.00 21.36 ? 1641 HOH A O   1 
HETATM 1077 O  O   . HOH C 3 .   ? 7.403   -28.587 -4.727  1.00 47.51 ? 1642 HOH A O   1 
HETATM 1078 O  O   . HOH C 3 .   ? -0.359  7.432   5.280   1.00 19.93 ? 1643 HOH A O   1 
HETATM 1079 O  O   . HOH C 3 .   ? 1.203   9.553   5.043   1.00 15.46 ? 1644 HOH A O   1 
HETATM 1080 O  O   . HOH C 3 .   ? 4.871   -4.731  -10.956 1.00 27.47 ? 1645 HOH A O   1 
HETATM 1081 O  O   . HOH C 3 .   ? -5.919  -11.249 -7.434  1.00 22.84 ? 1646 HOH A O   1 
HETATM 1082 O  O   . HOH C 3 .   ? -10.874 3.521   -5.091  1.00 23.35 ? 1647 HOH A O   1 
HETATM 1083 O  O   . HOH C 3 .   ? -3.964  -0.966  -16.158 1.00 29.48 ? 1648 HOH A O   1 
HETATM 1084 O  O   . HOH C 3 .   ? -9.062  5.586   1.123   1.00 14.62 ? 1649 HOH A O   1 
HETATM 1085 O  O   . HOH C 3 .   ? -15.153 10.865  -2.910  1.00 29.25 ? 1650 HOH A O   1 
HETATM 1086 O  O   . HOH C 3 .   ? 8.303   10.240  -5.337  1.00 23.15 ? 1651 HOH A O   1 
HETATM 1087 O  O   . HOH C 3 .   ? -18.266 15.071  6.375   1.00 17.26 ? 1652 HOH A O   1 
HETATM 1088 O  O   . HOH C 3 .   ? 4.901   -16.080 -10.042 1.00 23.25 ? 1653 HOH A O   1 
HETATM 1089 O  O   . HOH C 3 .   ? -6.301  5.863   -10.408 1.00 20.71 ? 1654 HOH A O   1 
HETATM 1090 O  O   . HOH C 3 .   ? 5.146   12.216  12.567  1.00 48.41 ? 1655 HOH A O   1 
HETATM 1091 O  O   . HOH C 3 .   ? -1.714  -20.360 -2.865  1.00 23.08 ? 1656 HOH A O   1 
HETATM 1092 O  O   . HOH C 3 .   ? -7.182  -1.645  6.379   1.00 17.60 ? 1657 HOH A O   1 
HETATM 1093 O  O   . HOH C 3 .   ? -4.341  -17.395 -8.576  1.00 20.41 ? 1658 HOH A O   1 
HETATM 1094 O  O   . HOH C 3 .   ? -3.751  -10.783 8.517   1.00 35.15 ? 1659 HOH A O   1 
HETATM 1095 O  O   . HOH C 3 .   ? 2.267   -17.454 1.782   1.00 27.28 ? 1660 HOH A O   1 
HETATM 1096 O  O   . HOH C 3 .   ? -8.361  -0.098  2.570   1.00 14.05 ? 1661 HOH A O   1 
HETATM 1097 O  O   . HOH C 3 .   ? -9.055  14.029  19.307  1.00 25.22 ? 1662 HOH A O   1 
HETATM 1098 O  O   . HOH C 3 .   ? -17.214 5.578   0.913   1.00 25.07 ? 1663 HOH A O   1 
HETATM 1099 O  O   . HOH C 3 .   ? -5.332  -3.547  6.044   1.00 15.79 ? 1664 HOH A O   1 
HETATM 1100 O  O   . HOH C 3 .   ? 9.651   6.053   -8.469  1.00 23.32 ? 1665 HOH A O   1 
HETATM 1101 O  O   . HOH C 3 .   ? -9.115  -0.906  -9.229  1.00 27.18 ? 1666 HOH A O   1 
HETATM 1102 O  O   . HOH C 3 .   ? -1.471  -4.076  8.499   1.00 29.88 ? 1667 HOH A O   1 
HETATM 1103 O  O   . HOH C 3 .   ? 7.553   -24.932 -7.020  1.00 15.98 ? 1668 HOH A O   1 
HETATM 1104 O  O   . HOH C 3 .   ? -3.685  -23.570 -9.041  1.00 19.62 ? 1669 HOH A O   1 
HETATM 1105 O  O   . HOH C 3 .   ? -1.452  1.638   18.348  1.00 42.83 ? 1670 HOH A O   1 
HETATM 1106 O  O   . HOH C 3 .   ? 10.064  -8.609  2.039   1.00 13.94 ? 1671 HOH A O   1 
HETATM 1107 O  O   . HOH C 3 .   ? 5.735   -7.465  7.977   1.00 25.98 ? 1672 HOH A O   1 
HETATM 1108 O  O   . HOH C 3 .   ? 14.736  -1.851  4.428   1.00 26.46 ? 1673 HOH A O   1 
HETATM 1109 O  O   . HOH C 3 .   ? -3.236  14.885  -7.079  1.00 27.81 ? 1674 HOH A O   1 
HETATM 1110 O  O   . HOH C 3 .   ? 9.637   -10.636 -10.520 1.00 25.96 ? 1675 HOH A O   1 
HETATM 1111 O  O   . HOH C 3 .   ? -3.052  7.286   5.214   1.00 18.35 ? 1676 HOH A O   1 
HETATM 1112 O  O   . HOH C 3 .   ? -5.633  -11.721 -11.460 1.00 22.58 ? 1677 HOH A O   1 
HETATM 1113 O  O   . HOH C 3 .   ? -5.777  17.882  12.798  1.00 54.10 ? 1678 HOH A O   1 
HETATM 1114 O  O   . HOH C 3 .   ? 3.636   6.246   -12.027 1.00 30.30 ? 1679 HOH A O   1 
HETATM 1115 O  O   . HOH C 3 .   ? -3.937  -9.168  2.011   1.00 21.52 ? 1680 HOH A O   1 
HETATM 1116 O  O   . HOH C 3 .   ? 2.036   18.169  5.072   0.39 13.85 ? 1681 HOH A O   1 
HETATM 1117 O  O   . HOH C 3 .   ? -16.402 18.660  1.570   1.00 30.48 ? 1682 HOH A O   1 
HETATM 1118 O  O   . HOH C 3 .   ? 1.028   -6.909  6.757   1.00 23.22 ? 1683 HOH A O   1 
HETATM 1119 O  O   . HOH C 3 .   ? 13.140  -3.657  -8.498  1.00 41.11 ? 1684 HOH A O   1 
HETATM 1120 O  O   . HOH C 3 .   ? 5.290   -2.344  7.520   1.00 28.34 ? 1685 HOH A O   1 
HETATM 1121 O  O   . HOH C 3 .   ? -6.598  -5.191  -13.117 1.00 34.61 ? 1686 HOH A O   1 
HETATM 1122 O  O   . HOH C 3 .   ? -2.358  20.388  -6.366  1.00 26.76 ? 1687 HOH A O   1 
HETATM 1123 O  O   . HOH C 3 .   ? 5.020   15.732  -10.448 1.00 25.72 ? 1688 HOH A O   1 
HETATM 1124 O  O   . HOH C 3 .   ? -11.072 11.670  -8.442  1.00 16.79 ? 1689 HOH A O   1 
HETATM 1125 O  O   . HOH C 3 .   ? 15.319  -10.727 -1.946  1.00 19.98 ? 1690 HOH A O   1 
HETATM 1126 O  O   . HOH C 3 .   ? 10.253  0.143   -4.763  1.00 26.77 ? 1691 HOH A O   1 
HETATM 1127 O  O   . HOH C 3 .   ? -4.812  19.018  5.020   1.00 33.32 ? 1692 HOH A O   1 
HETATM 1128 O  O   . HOH C 3 .   ? -4.559  19.505  11.366  1.00 47.66 ? 1693 HOH A O   1 
HETATM 1129 O  O   . HOH C 3 .   ? -11.153 10.196  -6.029  1.00 17.39 ? 1694 HOH A O   1 
HETATM 1130 O  O   . HOH C 3 .   ? -10.151 1.856   -1.341  1.00 29.08 ? 1695 HOH A O   1 
HETATM 1131 O  O   . HOH C 3 .   ? 3.588   -12.839 -8.116  1.00 14.52 ? 1696 HOH A O   1 
HETATM 1132 O  O   . HOH C 3 .   ? -13.388 3.608   0.186   1.00 25.91 ? 1697 HOH A O   1 
HETATM 1133 O  O   . HOH C 3 .   ? 4.635   -13.845 -11.663 1.00 23.22 ? 1698 HOH A O   1 
HETATM 1134 O  O   . HOH C 3 .   ? -3.717  7.580   -8.802  1.00 22.52 ? 1699 HOH A O   1 
HETATM 1135 O  O   . HOH C 3 .   ? 6.339   -2.745  8.850   1.00 28.74 ? 1700 HOH A O   1 
HETATM 1136 O  O   . HOH C 3 .   ? -5.101  2.356   11.971  1.00 17.20 ? 1701 HOH A O   1 
HETATM 1137 O  O   . HOH C 3 .   ? -6.066  -8.371  9.091   1.00 26.36 ? 1702 HOH A O   1 
HETATM 1138 O  O   . HOH C 3 .   ? -9.903  0.778   -4.904  1.00 21.37 ? 1703 HOH A O   1 
HETATM 1139 O  O   . HOH C 3 .   ? 7.303   -18.596 2.322   0.50 34.19 ? 1704 HOH A O   1 
HETATM 1140 O  O   . HOH C 3 .   ? -5.062  -7.164  11.542  1.00 27.04 ? 1705 HOH A O   1 
HETATM 1141 O  O   . HOH C 3 .   ? -11.429 3.323   6.997   1.00 26.12 ? 1706 HOH A O   1 
HETATM 1142 O  O   . HOH C 3 .   ? -6.789  -9.506  -1.399  1.00 34.67 ? 1707 HOH A O   1 
HETATM 1143 O  O   . HOH C 3 .   ? 4.192   14.906  -5.878  1.00 55.84 ? 1708 HOH A O   1 
HETATM 1144 O  O   . HOH C 3 .   ? -1.151  -23.776 -9.683  1.00 16.19 ? 1709 HOH A O   1 
HETATM 1145 O  O   . HOH C 3 .   ? -13.375 13.707  -5.194  1.00 31.89 ? 1710 HOH A O   1 
HETATM 1146 O  O   . HOH C 3 .   ? -4.423  -20.649 -2.980  1.00 27.36 ? 1711 HOH A O   1 
HETATM 1147 O  O   . HOH C 3 .   ? 6.554   -17.490 -12.949 1.00 28.23 ? 1712 HOH A O   1 
HETATM 1148 O  O   . HOH C 3 .   ? 14.154  -8.146  -4.482  1.00 34.55 ? 1713 HOH A O   1 
HETATM 1149 O  O   . HOH C 3 .   ? 10.026  -1.232  7.881   1.00 31.30 ? 1714 HOH A O   1 
HETATM 1150 O  O   . HOH C 3 .   ? 5.202   13.332  -7.556  1.00 34.64 ? 1715 HOH A O   1 
HETATM 1151 O  O   . HOH C 3 .   ? -0.617  17.346  -6.420  1.00 36.80 ? 1716 HOH A O   1 
HETATM 1152 O  O   . HOH C 3 .   ? 1.327   11.523  -11.559 1.00 28.19 ? 1717 HOH A O   1 
HETATM 1153 O  O   . HOH C 3 .   ? -7.389  17.054  2.184   1.00 16.60 ? 1718 HOH A O   1 
HETATM 1154 O  O   . HOH C 3 .   ? 2.059   9.141   11.422  1.00 23.35 ? 1719 HOH A O   1 
HETATM 1155 O  O   . HOH C 3 .   ? 1.995   -25.758 -16.268 1.00 47.89 ? 1720 HOH A O   1 
HETATM 1156 O  O   . HOH C 3 .   ? 2.193   -10.578 -11.720 1.00 31.63 ? 1721 HOH A O   1 
HETATM 1157 O  O   . HOH C 3 .   ? 9.245   5.064   6.937   1.00 39.69 ? 1722 HOH A O   1 
HETATM 1158 O  O   . HOH C 3 .   ? 8.339   0.833   -11.936 1.00 29.89 ? 1723 HOH A O   1 
HETATM 1159 O  O   . HOH C 3 .   ? -2.069  -27.766 -4.923  1.00 35.11 ? 1724 HOH A O   1 
HETATM 1160 O  O   . HOH C 3 .   ? 9.141   -15.141 1.255   1.00 23.92 ? 1725 HOH A O   1 
HETATM 1161 O  O   . HOH C 3 .   ? 5.371   -14.676 -6.854  1.00 14.44 ? 1726 HOH A O   1 
HETATM 1162 O  O   . HOH C 3 .   ? 9.459   -14.968 -1.580  1.00 22.84 ? 1727 HOH A O   1 
HETATM 1163 O  O   . HOH C 3 .   ? 6.776   9.364   -14.067 1.00 39.41 ? 1728 HOH A O   1 
HETATM 1164 O  O   . HOH C 3 .   ? 10.791  -13.094 -2.972  1.00 16.57 ? 1729 HOH A O   1 
HETATM 1165 O  O   . HOH C 3 .   ? 4.151   12.000  2.515   1.00 19.07 ? 1730 HOH A O   1 
HETATM 1166 O  O   . HOH C 3 .   ? -5.674  -7.138  2.740   1.00 16.54 ? 1731 HOH A O   1 
HETATM 1167 O  O   . HOH C 3 .   ? 11.026  5.372   0.053   1.00 28.26 ? 1732 HOH A O   1 
HETATM 1168 O  O   . HOH C 3 .   ? 11.719  -14.140 -8.385  1.00 19.80 ? 1733 HOH A O   1 
HETATM 1169 O  O   . HOH C 3 .   ? -7.406  -9.057  -3.388  1.00 26.33 ? 1734 HOH A O   1 
HETATM 1170 O  O   . HOH C 3 .   ? 9.523   9.669   -0.454  1.00 36.84 ? 1735 HOH A O   1 
HETATM 1171 O  O   . HOH C 3 .   ? 12.563  -1.148  -4.145  1.00 35.73 ? 1736 HOH A O   1 
HETATM 1172 O  O   . HOH C 3 .   ? -5.310  -9.094  -12.942 1.00 31.31 ? 1737 HOH A O   1 
HETATM 1173 O  O   . HOH C 3 .   ? -7.346  3.251   13.333  1.00 25.18 ? 1738 HOH A O   1 
HETATM 1174 O  O   . HOH C 3 .   ? 11.553  3.363   1.798   1.00 32.11 ? 1739 HOH A O   1 
HETATM 1175 O  O   . HOH C 3 .   ? -5.420  -13.206 0.201   1.00 37.41 ? 1740 HOH A O   1 
HETATM 1176 O  O   . HOH C 3 .   ? -0.011  -3.303  9.957   1.00 32.92 ? 1741 HOH A O   1 
HETATM 1177 O  O   . HOH C 3 .   ? -1.714  16.482  -8.134  1.00 42.25 ? 1742 HOH A O   1 
HETATM 1178 O  O   . HOH C 3 .   ? -9.612  9.889   20.671  1.00 37.99 ? 1743 HOH A O   1 
HETATM 1179 O  O   . HOH C 3 .   ? 1.386   7.695   8.941   1.00 18.33 ? 1744 HOH A O   1 
HETATM 1180 O  O   . HOH C 3 .   ? -14.750 8.612   4.897   1.00 28.42 ? 1745 HOH A O   1 
HETATM 1181 O  O   . HOH C 3 .   ? -9.760  18.121  4.112   1.00 34.53 ? 1746 HOH A O   1 
HETATM 1182 O  O   . HOH C 3 .   ? 2.546   -18.040 -11.634 1.00 45.67 ? 1747 HOH A O   1 
HETATM 1183 O  O   . HOH C 3 .   ? -6.819  18.321  10.638  1.00 39.87 ? 1748 HOH A O   1 
HETATM 1184 O  O   . HOH C 3 .   ? 4.956   20.371  -2.323  1.00 41.18 ? 1749 HOH A O   1 
HETATM 1185 O  O   . HOH C 3 .   ? -2.328  12.567  -10.329 1.00 30.78 ? 1750 HOH A O   1 
HETATM 1186 O  O   . HOH C 3 .   ? -1.645  -11.267 4.731   1.00 34.38 ? 1751 HOH A O   1 
HETATM 1187 O  O   . HOH C 3 .   ? 11.544  -3.068  8.093   1.00 49.97 ? 1752 HOH A O   1 
HETATM 1188 O  O   . HOH C 3 .   ? -0.123  -20.952 -15.065 1.00 55.88 ? 1753 HOH A O   1 
HETATM 1189 O  O   . HOH C 3 .   ? -9.361  1.513   13.960  1.00 53.13 ? 1754 HOH A O   1 
HETATM 1190 O  O   . HOH C 3 .   ? -0.582  -22.556 -1.709  1.00 32.55 ? 1755 HOH A O   1 
HETATM 1191 O  O   . HOH C 3 .   ? 8.093   13.277  -2.203  1.00 25.51 ? 1756 HOH A O   1 
HETATM 1192 O  O   . HOH C 3 .   ? -0.938  -26.600 -9.232  1.00 17.84 ? 1757 HOH A O   1 
HETATM 1193 O  O   . HOH C 3 .   ? -10.308 1.850   2.830   1.00 15.89 ? 1758 HOH A O   1 
HETATM 1194 O  O   . HOH C 3 .   ? -6.925  -8.809  -6.106  1.00 19.07 ? 1759 HOH A O   1 
HETATM 1195 O  O   . HOH C 3 .   ? -8.444  -1.819  8.624   1.00 31.03 ? 1760 HOH A O   1 
HETATM 1196 O  O   . HOH C 3 .   ? -13.454 10.990  -4.960  1.00 22.46 ? 1761 HOH A O   1 
HETATM 1197 O  O   . HOH C 3 .   ? -10.889 5.989   -8.591  1.00 25.25 ? 1762 HOH A O   1 
HETATM 1198 O  O   . HOH C 3 .   ? 8.530   11.822  0.129   1.00 28.02 ? 1763 HOH A O   1 
HETATM 1199 O  O   . HOH C 3 .   ? -2.604  -27.926 -7.385  1.00 34.44 ? 1764 HOH A O   1 
HETATM 1200 O  O   . HOH C 3 .   ? -4.528  -10.078 -0.315  1.00 30.11 ? 1765 HOH A O   1 
HETATM 1201 O  O   . HOH C 3 .   ? -13.744 4.796   7.787   1.00 32.22 ? 1766 HOH A O   1 
HETATM 1202 O  O   . HOH C 3 .   ? 12.606  3.532   -11.205 1.00 28.87 ? 1767 HOH A O   1 
HETATM 1203 O  O   . HOH C 3 .   ? -6.261  -5.757  10.129  1.00 27.81 ? 1768 HOH A O   1 
HETATM 1204 O  O   . HOH C 3 .   ? 6.372   13.120  1.629   1.00 27.91 ? 1769 HOH A O   1 
HETATM 1205 O  O   . HOH C 3 .   ? -8.755  -0.893  0.059   1.00 21.41 ? 1770 HOH A O   1 
HETATM 1206 O  O   . HOH C 3 .   ? 11.874  -11.606 -9.665  1.00 29.09 ? 1771 HOH A O   1 
HETATM 1207 O  O   . HOH C 3 .   ? -16.237 8.808   -2.187  1.00 36.31 ? 1772 HOH A O   1 
HETATM 1208 O  O   . HOH C 3 .   ? 13.481  -10.429 -5.413  1.00 24.50 ? 1773 HOH A O   1 
HETATM 1209 O  O   . HOH C 3 .   ? -9.022  11.552  22.540  1.00 36.83 ? 1774 HOH A O   1 
HETATM 1210 O  O   . HOH C 3 .   ? -12.032 7.707   -7.105  1.00 25.69 ? 1775 HOH A O   1 
HETATM 1211 O  O   . HOH C 3 .   ? -7.587  -0.580  10.459  1.00 36.54 ? 1776 HOH A O   1 
HETATM 1212 O  O   . HOH C 3 .   ? -4.476  -4.023  8.698   1.00 25.93 ? 1777 HOH A O   1 
HETATM 1213 O  O   . HOH C 3 .   ? -10.691 3.521   0.576   1.00 15.98 ? 1778 HOH A O   1 
HETATM 1214 O  O   . HOH C 3 .   ? 4.764   5.479   11.072  1.00 29.59 ? 1779 HOH A O   1 
HETATM 1215 O  O   . HOH C 3 .   ? -14.671 3.990   -1.991  1.00 33.62 ? 1780 HOH A O   1 
HETATM 1216 O  O   . HOH C 3 .   ? 3.685   7.851   12.745  1.00 37.29 ? 1781 HOH A O   1 
HETATM 1217 O  O   . HOH C 3 .   ? -1.932  -25.112 -1.887  1.00 40.56 ? 1782 HOH A O   1 
HETATM 1218 O  O   . HOH C 3 .   ? -5.157  -22.933 -2.298  1.00 46.20 ? 1783 HOH A O   1 
HETATM 1219 O  O   . HOH C 3 .   ? 5.563   -1.230  10.147  1.00 37.60 ? 1784 HOH A O   1 
HETATM 1220 O  O   . HOH C 3 .   ? -6.330  -25.905 -5.689  1.00 32.08 ? 1785 HOH A O   1 
HETATM 1221 O  O   . HOH C 3 .   ? 0.004   -18.600 1.425   1.00 28.53 ? 1786 HOH A O   1 
HETATM 1222 O  O   . HOH C 3 .   ? 13.785  -13.091 -3.550  0.50 12.69 ? 1787 HOH A O   1 
HETATM 1223 O  O   . HOH C 3 .   ? -10.600 -0.932  -6.641  1.00 32.63 ? 1788 HOH A O   1 
HETATM 1224 O  O   . HOH C 3 .   ? -1.264  -18.172 -0.989  1.00 27.04 ? 1789 HOH A O   1 
HETATM 1225 O  O   . HOH C 3 .   ? -13.466 3.993   -4.412  1.00 33.61 ? 1790 HOH A O   1 
# 
